data_8BGI
#
_entry.id   8BGI
#
_cell.length_a   200.769
_cell.length_b   131.641
_cell.length_c   119.168
_cell.angle_alpha   90.000
_cell.angle_beta   100.190
_cell.angle_gamma   90.000
#
_symmetry.space_group_name_H-M   'C 1 2 1'
#
loop_
_entity.id
_entity.type
_entity.pdbx_description
1 polymer 'Gamma-aminobutyric acid receptor subunit alpha-5'
2 non-polymer 'SULFATE ION'
3 non-polymer 'ethyl 8-fluoro-5-methyl-6-oxo-5,6-dihydro-4H-imidazo[1,5-a][1,4]benzodiazepine-3-carboxylate'
4 non-polymer Pregnanolone
5 non-polymer 2-acetamido-2-deoxy-beta-D-glucopyranose
6 water water
#
_entity_poly.entity_id   1
_entity_poly.type   'polypeptide(L)'
_entity_poly.pdbx_seq_one_letter_code
;QMPTSSVKDETNDNITIFTRILDGLLDGYDNRLRPGLGERITQVRTDMYVNSFGPVSDTEMEYTIDIFFAQTWKDERLRF
KGPMQRLPLDNRVADQIWTPDTFFHNDKKSFAHGMTTPNKMLRIWNDGRVLYTMRLTISAECPMDLEDFPMDEQNCPLKF
GSYAYPNSEVVYVWTNGSTKSVVVAEDGSRLNQYHLMGQTVGTENISTSTGEYTIMTAHFHLKRKIGYFVIQTYLPCIMT
VILSQVSFWLNRESVPARTVFGVTTVLTMTTLSISARNSLPKVAYATAMDWFIAVCYAFVFSALIEFATVNYFTKSQPAR
AAKIDKMSRIVFPILFGTFNLVYWATYLNRGTTETSQVAPA
;
_entity_poly.pdbx_strand_id   A,B,C,D,E
#
# COMPACT_ATOMS: atom_id res chain seq x y z
N ILE A 15 -35.94 -0.27 37.00
CA ILE A 15 -34.56 0.06 36.53
C ILE A 15 -33.69 0.41 37.73
N THR A 16 -34.29 1.02 38.75
CA THR A 16 -33.55 1.35 39.96
C THR A 16 -33.13 0.11 40.74
N ILE A 17 -33.86 -0.99 40.56
CA ILE A 17 -33.47 -2.24 41.21
C ILE A 17 -32.13 -2.72 40.67
N PHE A 18 -31.97 -2.69 39.33
CA PHE A 18 -30.74 -3.19 38.73
C PHE A 18 -29.58 -2.24 38.96
N THR A 19 -29.86 -0.95 39.15
CA THR A 19 -28.80 -0.01 39.47
C THR A 19 -28.22 -0.31 40.85
N ARG A 20 -29.05 -0.76 41.78
CA ARG A 20 -28.57 -1.12 43.11
C ARG A 20 -27.88 -2.47 43.10
N ILE A 21 -28.38 -3.42 42.30
CA ILE A 21 -27.70 -4.71 42.18
C ILE A 21 -26.31 -4.53 41.59
N LEU A 22 -26.23 -3.84 40.44
CA LEU A 22 -24.93 -3.59 39.83
C LEU A 22 -24.02 -2.84 40.81
N ASP A 23 -24.51 -1.75 41.39
CA ASP A 23 -23.72 -1.04 42.38
C ASP A 23 -23.32 -1.96 43.52
N GLY A 24 -24.25 -2.81 43.96
CA GLY A 24 -23.92 -3.75 45.03
C GLY A 24 -22.84 -4.73 44.63
N LEU A 25 -22.94 -5.28 43.42
CA LEU A 25 -21.92 -6.22 42.95
C LEU A 25 -20.58 -5.52 42.79
N LEU A 26 -20.57 -4.36 42.14
CA LEU A 26 -19.33 -3.63 41.89
C LEU A 26 -18.84 -2.89 43.13
N ASP A 27 -19.69 -2.72 44.13
CA ASP A 27 -19.24 -2.14 45.40
C ASP A 27 -18.16 -3.02 46.01
N GLY A 28 -16.96 -2.46 46.14
CA GLY A 28 -15.85 -3.21 46.70
C GLY A 28 -15.28 -4.28 45.79
N TYR A 29 -15.61 -4.26 44.50
CA TYR A 29 -15.09 -5.26 43.58
C TYR A 29 -13.71 -4.87 43.09
N ASP A 30 -12.76 -5.78 43.21
CA ASP A 30 -11.37 -5.58 42.83
C ASP A 30 -11.12 -6.34 41.53
N ASN A 31 -11.16 -5.63 40.40
CA ASN A 31 -10.96 -6.27 39.10
C ASN A 31 -9.51 -6.68 38.87
N ARG A 32 -8.58 -6.22 39.70
CA ARG A 32 -7.18 -6.61 39.56
C ARG A 32 -6.95 -8.08 39.90
N LEU A 33 -7.83 -8.67 40.72
CA LEU A 33 -7.69 -10.05 41.15
C LEU A 33 -8.65 -10.94 40.37
N ARG A 34 -8.17 -12.12 40.00
CA ARG A 34 -8.98 -13.09 39.30
C ARG A 34 -9.97 -13.77 40.25
N PRO A 35 -11.07 -14.29 39.73
CA PRO A 35 -12.03 -14.99 40.60
C PRO A 35 -11.48 -16.31 41.10
N GLY A 36 -11.68 -16.56 42.40
CA GLY A 36 -11.19 -17.77 43.02
C GLY A 36 -9.69 -17.77 43.24
N LEU A 37 -9.09 -16.59 43.41
CA LEU A 37 -7.66 -16.49 43.65
C LEU A 37 -7.32 -17.12 44.99
N GLY A 38 -6.28 -17.96 45.00
CA GLY A 38 -5.91 -18.64 46.22
C GLY A 38 -6.91 -19.66 46.69
N GLU A 39 -7.78 -20.14 45.80
CA GLU A 39 -8.80 -21.11 46.16
C GLU A 39 -9.00 -22.14 45.06
N ARG A 40 -9.35 -21.66 43.87
CA ARG A 40 -9.67 -22.53 42.76
C ARG A 40 -9.06 -22.00 41.47
N ILE A 41 -9.00 -22.88 40.46
CA ILE A 41 -8.54 -22.50 39.12
C ILE A 41 -9.73 -22.03 38.31
N THR A 42 -9.59 -20.85 37.73
CA THR A 42 -10.65 -20.27 36.92
C THR A 42 -10.72 -20.99 35.57
N GLN A 43 -11.77 -21.78 35.36
CA GLN A 43 -11.94 -22.48 34.09
C GLN A 43 -12.79 -21.63 33.16
N VAL A 44 -12.31 -21.48 31.92
CA VAL A 44 -12.95 -20.65 30.91
C VAL A 44 -13.33 -21.53 29.74
N ARG A 45 -14.62 -21.61 29.44
CA ARG A 45 -15.10 -22.31 28.25
C ARG A 45 -15.17 -21.31 27.10
N THR A 46 -14.35 -21.52 26.08
CA THR A 46 -14.22 -20.57 24.98
C THR A 46 -14.98 -21.10 23.78
N ASP A 47 -15.84 -20.25 23.21
CA ASP A 47 -16.59 -20.53 22.00
C ASP A 47 -16.11 -19.58 20.92
N MET A 48 -16.47 -19.88 19.67
CA MET A 48 -16.00 -19.08 18.55
C MET A 48 -16.97 -19.23 17.39
N TYR A 49 -17.17 -18.13 16.67
CA TYR A 49 -18.01 -18.11 15.47
C TYR A 49 -17.26 -17.31 14.41
N VAL A 50 -16.87 -17.97 13.32
CA VAL A 50 -16.10 -17.33 12.26
C VAL A 50 -17.09 -16.58 11.38
N ASN A 51 -17.18 -15.26 11.56
CA ASN A 51 -18.09 -14.46 10.75
C ASN A 51 -17.59 -14.38 9.30
N SER A 52 -16.27 -14.26 9.11
CA SER A 52 -15.70 -14.20 7.77
C SER A 52 -14.25 -14.67 7.84
N PHE A 53 -13.83 -15.41 6.81
CA PHE A 53 -12.44 -15.86 6.68
C PHE A 53 -11.73 -14.91 5.73
N GLY A 54 -10.98 -13.96 6.32
CA GLY A 54 -10.33 -12.92 5.57
C GLY A 54 -9.36 -13.46 4.54
N PRO A 55 -8.73 -12.56 3.80
CA PRO A 55 -7.83 -12.99 2.71
C PRO A 55 -6.69 -13.84 3.25
N VAL A 56 -6.41 -14.94 2.54
CA VAL A 56 -5.27 -15.79 2.83
C VAL A 56 -4.13 -15.40 1.90
N SER A 57 -2.92 -15.40 2.42
CA SER A 57 -1.74 -14.99 1.66
C SER A 57 -0.69 -16.09 1.71
N ASP A 58 -0.42 -16.70 0.55
CA ASP A 58 0.66 -17.67 0.45
C ASP A 58 2.02 -17.01 0.27
N THR A 59 2.06 -15.69 0.05
CA THR A 59 3.31 -14.96 -0.01
C THR A 59 3.76 -14.53 1.39
N GLU A 60 2.88 -13.82 2.11
CA GLU A 60 3.19 -13.39 3.47
C GLU A 60 2.98 -14.48 4.51
N MET A 61 2.44 -15.63 4.12
CA MET A 61 2.20 -16.76 5.02
C MET A 61 1.37 -16.33 6.22
N GLU A 62 0.20 -15.78 5.94
CA GLU A 62 -0.71 -15.33 6.99
C GLU A 62 -2.13 -15.36 6.44
N TYR A 63 -3.08 -15.17 7.34
CA TYR A 63 -4.50 -15.12 6.97
C TYR A 63 -5.23 -14.23 7.95
N THR A 64 -6.26 -13.54 7.46
CA THR A 64 -7.13 -12.72 8.30
C THR A 64 -8.42 -13.48 8.56
N ILE A 65 -8.99 -13.26 9.75
CA ILE A 65 -10.21 -13.94 10.16
C ILE A 65 -11.00 -13.03 11.06
N ASP A 66 -12.33 -13.05 10.90
CA ASP A 66 -13.26 -12.23 11.66
C ASP A 66 -14.13 -13.18 12.49
N ILE A 67 -14.02 -13.10 13.81
CA ILE A 67 -14.67 -14.05 14.70
C ILE A 67 -15.41 -13.32 15.80
N PHE A 68 -16.43 -13.99 16.34
CA PHE A 68 -17.07 -13.61 17.60
C PHE A 68 -16.48 -14.52 18.68
N PHE A 69 -15.59 -13.97 19.49
CA PHE A 69 -14.82 -14.75 20.46
C PHE A 69 -15.51 -14.68 21.82
N ALA A 70 -16.12 -15.78 22.24
CA ALA A 70 -16.88 -15.86 23.48
C ALA A 70 -16.08 -16.57 24.56
N GLN A 71 -16.24 -16.11 25.80
CA GLN A 71 -15.58 -16.70 26.95
C GLN A 71 -16.55 -16.67 28.11
N THR A 72 -16.61 -17.77 28.87
CA THR A 72 -17.50 -17.85 30.02
C THR A 72 -16.77 -18.50 31.18
N TRP A 73 -16.89 -17.89 32.36
CA TRP A 73 -16.29 -18.38 33.59
C TRP A 73 -17.23 -18.08 34.73
N LYS A 74 -16.79 -18.39 35.96
CA LYS A 74 -17.56 -18.10 37.15
C LYS A 74 -16.76 -17.16 38.05
N ASP A 75 -17.40 -16.07 38.45
CA ASP A 75 -16.84 -15.12 39.42
C ASP A 75 -17.84 -15.04 40.57
N GLU A 76 -17.44 -15.56 41.73
CA GLU A 76 -18.36 -15.61 42.87
C GLU A 76 -18.76 -14.22 43.34
N ARG A 77 -17.86 -13.24 43.19
CA ARG A 77 -18.17 -11.89 43.62
C ARG A 77 -19.39 -11.33 42.88
N LEU A 78 -19.62 -11.78 41.64
CA LEU A 78 -20.75 -11.32 40.84
C LEU A 78 -22.02 -12.12 41.09
N ARG A 79 -22.01 -13.06 42.04
CA ARG A 79 -23.21 -13.82 42.34
C ARG A 79 -24.23 -12.92 43.03
N PHE A 80 -25.44 -12.86 42.48
CA PHE A 80 -26.47 -11.97 42.99
C PHE A 80 -27.80 -12.71 43.04
N LYS A 81 -28.75 -12.12 43.77
CA LYS A 81 -30.11 -12.64 43.88
C LYS A 81 -31.09 -11.53 43.54
N GLY A 82 -31.97 -11.78 42.57
CA GLY A 82 -32.93 -10.80 42.14
C GLY A 82 -34.05 -11.40 41.31
N PRO A 83 -34.96 -10.55 40.83
CA PRO A 83 -36.04 -11.08 39.98
C PRO A 83 -35.56 -11.60 38.64
N MET A 84 -34.66 -10.88 37.97
CA MET A 84 -34.13 -11.33 36.70
C MET A 84 -33.13 -12.47 36.92
N GLN A 85 -33.09 -13.41 35.98
CA GLN A 85 -32.15 -14.50 36.04
C GLN A 85 -30.79 -14.17 35.43
N ARG A 86 -30.75 -13.21 34.50
CA ARG A 86 -29.51 -12.77 33.89
C ARG A 86 -29.54 -11.26 33.77
N LEU A 87 -28.35 -10.67 33.66
CA LEU A 87 -28.19 -9.22 33.58
C LEU A 87 -27.66 -8.83 32.20
N PRO A 88 -28.52 -8.41 31.28
CA PRO A 88 -28.03 -7.98 29.96
C PRO A 88 -27.28 -6.65 30.08
N LEU A 89 -26.01 -6.67 29.71
CA LEU A 89 -25.16 -5.50 29.86
C LEU A 89 -24.30 -5.32 28.63
N ASP A 90 -23.74 -4.12 28.51
CA ASP A 90 -22.91 -3.73 27.39
C ASP A 90 -21.44 -3.73 27.82
N ASN A 91 -20.58 -3.06 27.06
CA ASN A 91 -19.17 -2.97 27.40
C ASN A 91 -18.93 -2.08 28.61
N ARG A 92 -19.88 -1.20 28.94
CA ARG A 92 -19.70 -0.31 30.08
C ARG A 92 -19.44 -1.05 31.38
N VAL A 93 -19.85 -2.32 31.47
CA VAL A 93 -19.65 -3.11 32.67
C VAL A 93 -18.52 -4.10 32.47
N ALA A 94 -18.35 -4.57 31.22
CA ALA A 94 -17.29 -5.53 30.94
C ALA A 94 -15.92 -4.98 31.32
N ASP A 95 -15.75 -3.66 31.26
CA ASP A 95 -14.50 -3.04 31.65
C ASP A 95 -14.36 -2.97 33.17
N GLN A 96 -15.48 -2.87 33.88
CA GLN A 96 -15.45 -2.68 35.33
C GLN A 96 -15.19 -3.98 36.10
N ILE A 97 -15.37 -5.14 35.47
CA ILE A 97 -15.17 -6.41 36.15
C ILE A 97 -13.87 -7.04 35.68
N TRP A 98 -13.52 -8.18 36.26
CA TRP A 98 -12.35 -8.94 35.83
C TRP A 98 -12.72 -9.79 34.62
N THR A 99 -11.78 -9.89 33.68
CA THR A 99 -11.94 -10.72 32.48
C THR A 99 -10.61 -11.39 32.21
N PRO A 100 -10.62 -12.57 31.60
CA PRO A 100 -9.35 -13.23 31.27
C PRO A 100 -8.63 -12.47 30.17
N ASP A 101 -7.34 -12.20 30.37
CA ASP A 101 -6.52 -11.48 29.40
C ASP A 101 -6.07 -12.42 28.28
N THR A 102 -7.06 -12.98 27.58
CA THR A 102 -6.77 -13.95 26.53
C THR A 102 -6.12 -13.27 25.35
N PHE A 103 -4.98 -13.80 24.92
CA PHE A 103 -4.26 -13.29 23.76
C PHE A 103 -4.02 -14.46 22.80
N PHE A 104 -3.85 -14.11 21.53
CA PHE A 104 -3.66 -15.09 20.47
C PHE A 104 -2.18 -15.19 20.14
N HIS A 105 -1.61 -16.39 20.31
CA HIS A 105 -0.16 -16.54 20.26
C HIS A 105 0.38 -16.27 18.85
N ASN A 106 -0.23 -16.89 17.84
CA ASN A 106 0.25 -16.77 16.47
C ASN A 106 -0.21 -15.50 15.78
N ASP A 107 -0.82 -14.58 16.52
CA ASP A 107 -1.33 -13.35 15.95
C ASP A 107 -0.19 -12.43 15.50
N LYS A 108 -0.41 -11.71 14.40
CA LYS A 108 0.48 -10.64 13.98
C LYS A 108 -0.07 -9.27 14.34
N LYS A 109 -1.35 -9.04 14.06
CA LYS A 109 -2.02 -7.83 14.50
C LYS A 109 -3.52 -8.08 14.52
N SER A 110 -4.18 -7.57 15.55
CA SER A 110 -5.59 -7.81 15.80
C SER A 110 -6.25 -6.52 16.25
N PHE A 111 -7.56 -6.45 16.08
CA PHE A 111 -8.33 -5.29 16.54
C PHE A 111 -9.77 -5.73 16.78
N ALA A 112 -10.38 -5.12 17.79
CA ALA A 112 -11.77 -5.38 18.14
C ALA A 112 -12.66 -4.27 17.58
N HIS A 113 -13.72 -4.67 16.89
CA HIS A 113 -14.58 -3.72 16.22
C HIS A 113 -15.22 -2.75 17.22
N GLY A 114 -15.31 -1.49 16.82
CA GLY A 114 -15.69 -0.44 17.75
C GLY A 114 -16.95 0.33 17.43
N MET A 115 -17.47 0.17 16.21
CA MET A 115 -18.66 0.89 15.78
C MET A 115 -19.90 0.02 15.98
N THR A 116 -20.93 0.58 16.61
CA THR A 116 -21.04 1.93 17.16
C THR A 116 -20.18 2.07 18.40
N THR A 117 -20.33 1.12 19.32
CA THR A 117 -19.55 1.04 20.54
C THR A 117 -18.73 -0.25 20.54
N PRO A 118 -17.62 -0.31 21.30
CA PRO A 118 -16.80 -1.54 21.32
C PRO A 118 -17.64 -2.79 21.53
N ASN A 119 -17.70 -3.62 20.49
CA ASN A 119 -18.57 -4.80 20.49
C ASN A 119 -18.10 -5.79 21.55
N LYS A 120 -18.52 -5.52 22.79
CA LYS A 120 -18.30 -6.43 23.91
C LYS A 120 -19.62 -6.64 24.62
N MET A 121 -20.05 -7.89 24.71
CA MET A 121 -21.31 -8.27 25.34
C MET A 121 -21.02 -8.92 26.68
N LEU A 122 -21.67 -8.43 27.74
CA LEU A 122 -21.51 -8.97 29.08
C LEU A 122 -22.86 -9.40 29.61
N ARG A 123 -22.92 -10.59 30.20
CA ARG A 123 -24.12 -11.12 30.81
C ARG A 123 -23.75 -11.86 32.08
N ILE A 124 -24.46 -11.56 33.17
CA ILE A 124 -24.16 -12.11 34.49
C ILE A 124 -25.39 -12.85 34.98
N TRP A 125 -25.23 -14.14 35.26
CA TRP A 125 -26.32 -14.96 35.79
C TRP A 125 -26.30 -14.92 37.31
N ASN A 126 -27.35 -15.47 37.92
CA ASN A 126 -27.48 -15.45 39.37
C ASN A 126 -26.28 -16.10 40.03
N ASP A 127 -25.92 -17.31 39.61
CA ASP A 127 -24.86 -18.07 40.25
C ASP A 127 -23.48 -17.44 40.07
N GLY A 128 -23.36 -16.39 39.27
CA GLY A 128 -22.09 -15.74 39.03
C GLY A 128 -21.39 -16.13 37.75
N ARG A 129 -21.92 -17.09 36.99
CA ARG A 129 -21.30 -17.41 35.71
C ARG A 129 -21.44 -16.22 34.78
N VAL A 130 -20.33 -15.85 34.13
CA VAL A 130 -20.26 -14.68 33.26
C VAL A 130 -20.12 -15.14 31.82
N LEU A 131 -20.64 -14.30 30.91
CA LEU A 131 -20.44 -14.48 29.48
C LEU A 131 -19.87 -13.18 28.92
N TYR A 132 -18.67 -13.25 28.36
CA TYR A 132 -17.94 -12.09 27.88
C TYR A 132 -17.44 -12.41 26.47
N THR A 133 -18.17 -11.93 25.47
CA THR A 133 -17.83 -12.19 24.07
C THR A 133 -17.55 -10.87 23.36
N MET A 134 -16.75 -10.96 22.30
CA MET A 134 -16.35 -9.78 21.53
C MET A 134 -16.17 -10.20 20.08
N ARG A 135 -16.08 -9.19 19.21
CA ARG A 135 -15.83 -9.38 17.79
C ARG A 135 -14.39 -9.01 17.48
N LEU A 136 -13.68 -9.90 16.80
CA LEU A 136 -12.26 -9.71 16.54
C LEU A 136 -11.94 -10.00 15.09
N THR A 137 -11.23 -9.08 14.45
CA THR A 137 -10.56 -9.30 13.18
C THR A 137 -9.07 -9.41 13.47
N ILE A 138 -8.48 -10.57 13.16
CA ILE A 138 -7.12 -10.88 13.57
C ILE A 138 -6.36 -11.48 12.40
N SER A 139 -5.13 -11.01 12.19
CA SER A 139 -4.25 -11.53 11.14
C SER A 139 -3.26 -12.47 11.82
N ALA A 140 -3.43 -13.77 11.59
CA ALA A 140 -2.62 -14.78 12.24
C ALA A 140 -1.63 -15.41 11.26
N GLU A 141 -0.63 -16.08 11.81
CA GLU A 141 0.39 -16.73 11.01
C GLU A 141 -0.09 -18.07 10.48
N CYS A 142 0.43 -18.45 9.32
CA CYS A 142 0.08 -19.71 8.70
C CYS A 142 1.17 -20.16 7.72
N PRO A 143 2.21 -20.84 8.19
CA PRO A 143 3.23 -21.35 7.26
C PRO A 143 2.64 -22.35 6.27
N MET A 144 3.30 -22.45 5.11
CA MET A 144 2.82 -23.29 4.01
C MET A 144 3.98 -23.98 3.34
N ASP A 145 3.75 -25.23 2.92
CA ASP A 145 4.71 -26.01 2.12
C ASP A 145 4.14 -26.08 0.71
N LEU A 146 4.55 -25.14 -0.13
CA LEU A 146 4.01 -24.96 -1.48
C LEU A 146 4.74 -25.83 -2.50
N GLU A 147 5.13 -27.05 -2.14
CA GLU A 147 5.81 -27.92 -3.09
C GLU A 147 4.87 -28.39 -4.19
N ASP A 148 3.61 -28.66 -3.84
CA ASP A 148 2.61 -29.08 -4.81
C ASP A 148 1.79 -27.92 -5.35
N PHE A 149 2.10 -26.69 -4.96
CA PHE A 149 1.39 -25.51 -5.45
C PHE A 149 1.35 -25.53 -6.97
N PRO A 150 0.20 -25.23 -7.60
CA PRO A 150 -1.08 -24.76 -7.05
C PRO A 150 -2.06 -25.90 -6.72
N MET A 151 -1.67 -27.15 -6.92
CA MET A 151 -2.47 -28.29 -6.48
C MET A 151 -2.14 -28.55 -5.01
N ASP A 152 -2.60 -27.62 -4.18
CA ASP A 152 -2.07 -27.41 -2.84
C ASP A 152 -3.15 -27.66 -1.79
N GLU A 153 -2.69 -27.91 -0.56
CA GLU A 153 -3.56 -27.99 0.61
C GLU A 153 -2.79 -27.44 1.79
N GLN A 154 -3.39 -26.50 2.52
CA GLN A 154 -2.76 -25.86 3.66
C GLN A 154 -3.68 -25.94 4.87
N ASN A 155 -3.08 -25.81 6.06
CA ASN A 155 -3.81 -25.86 7.33
C ASN A 155 -3.34 -24.70 8.20
N CYS A 156 -4.23 -23.73 8.43
CA CYS A 156 -3.88 -22.54 9.19
C CYS A 156 -4.39 -22.64 10.61
N PRO A 157 -3.53 -22.53 11.63
CA PRO A 157 -3.99 -22.64 13.01
C PRO A 157 -4.36 -21.29 13.62
N LEU A 158 -4.99 -21.36 14.79
CA LEU A 158 -5.36 -20.18 15.59
C LEU A 158 -5.18 -20.54 17.05
N LYS A 159 -4.09 -20.04 17.66
CA LYS A 159 -3.72 -20.37 19.02
C LYS A 159 -4.00 -19.21 19.95
N PHE A 160 -4.60 -19.49 21.11
CA PHE A 160 -4.92 -18.45 22.07
C PHE A 160 -4.90 -19.00 23.49
N GLY A 161 -4.38 -18.18 24.41
CA GLY A 161 -4.35 -18.54 25.81
C GLY A 161 -4.23 -17.28 26.65
N SER A 162 -4.05 -17.48 27.95
CA SER A 162 -3.90 -16.36 28.86
C SER A 162 -2.46 -15.87 28.86
N TYR A 163 -2.28 -14.55 28.92
CA TYR A 163 -0.95 -13.97 28.86
C TYR A 163 -0.27 -13.92 30.21
N ALA A 164 -1.04 -13.73 31.29
CA ALA A 164 -0.47 -13.54 32.61
C ALA A 164 -0.76 -14.68 33.58
N TYR A 165 -1.68 -15.59 33.25
CA TYR A 165 -2.13 -16.63 34.17
C TYR A 165 -1.77 -18.01 33.67
N PRO A 166 -0.83 -18.72 34.32
CA PRO A 166 -0.50 -20.09 33.88
C PRO A 166 -1.60 -21.10 34.16
N ASN A 167 -1.29 -22.38 34.01
CA ASN A 167 -2.27 -23.43 34.28
C ASN A 167 -2.77 -23.36 35.72
N SER A 168 -1.87 -23.07 36.67
CA SER A 168 -2.26 -23.07 38.07
C SER A 168 -3.35 -22.05 38.35
N GLU A 169 -3.36 -20.93 37.64
CA GLU A 169 -4.30 -19.84 37.89
C GLU A 169 -5.50 -19.84 36.94
N VAL A 170 -5.31 -20.22 35.68
CA VAL A 170 -6.41 -20.20 34.71
C VAL A 170 -6.23 -21.37 33.75
N VAL A 171 -7.35 -21.96 33.33
CA VAL A 171 -7.36 -23.06 32.38
C VAL A 171 -8.46 -22.81 31.35
N TYR A 172 -8.18 -23.16 30.10
CA TYR A 172 -9.12 -23.01 29.00
C TYR A 172 -9.59 -24.37 28.51
N VAL A 173 -10.86 -24.44 28.10
CA VAL A 173 -11.43 -25.66 27.54
C VAL A 173 -12.47 -25.26 26.51
N TRP A 174 -12.63 -26.10 25.49
CA TRP A 174 -13.61 -25.82 24.44
C TRP A 174 -15.01 -26.22 24.88
N THR A 175 -16.00 -25.52 24.34
CA THR A 175 -17.39 -25.84 24.62
C THR A 175 -17.75 -27.17 23.97
N ASN A 176 -18.52 -27.98 24.68
CA ASN A 176 -18.91 -29.31 24.21
C ASN A 176 -20.40 -29.51 24.39
N GLY A 177 -20.97 -30.33 23.50
CA GLY A 177 -22.36 -30.72 23.64
C GLY A 177 -23.34 -29.89 22.86
N SER A 178 -24.10 -29.04 23.57
CA SER A 178 -25.11 -28.22 22.93
C SER A 178 -24.50 -27.27 21.90
N THR A 179 -23.52 -26.47 22.33
CA THR A 179 -22.90 -25.49 21.45
C THR A 179 -21.59 -26.05 20.90
N LYS A 180 -21.43 -25.95 19.57
CA LYS A 180 -20.23 -26.41 18.90
C LYS A 180 -19.05 -25.48 19.17
N SER A 181 -17.87 -26.07 19.26
CA SER A 181 -16.66 -25.31 19.58
C SER A 181 -16.43 -24.17 18.60
N VAL A 182 -16.37 -24.49 17.31
CA VAL A 182 -16.11 -23.52 16.26
C VAL A 182 -17.20 -23.64 15.19
N VAL A 183 -17.82 -22.52 14.84
CA VAL A 183 -18.82 -22.46 13.78
C VAL A 183 -18.34 -21.48 12.72
N VAL A 184 -18.66 -21.77 11.46
CA VAL A 184 -18.22 -20.96 10.33
C VAL A 184 -19.41 -20.71 9.42
N ALA A 185 -19.61 -19.44 9.05
CA ALA A 185 -20.66 -19.07 8.12
C ALA A 185 -20.23 -19.35 6.68
N GLU A 186 -21.16 -19.88 5.88
CA GLU A 186 -20.85 -20.19 4.50
C GLU A 186 -20.59 -18.93 3.67
N ASP A 187 -21.12 -17.78 4.09
CA ASP A 187 -20.89 -16.55 3.33
C ASP A 187 -19.43 -16.13 3.42
N GLY A 188 -18.84 -16.19 4.61
CA GLY A 188 -17.48 -15.71 4.78
C GLY A 188 -16.43 -16.70 4.33
N SER A 189 -16.75 -18.00 4.37
CA SER A 189 -15.78 -19.02 3.98
C SER A 189 -15.42 -18.96 2.51
N ARG A 190 -16.15 -18.18 1.70
CA ARG A 190 -15.87 -18.12 0.28
C ARG A 190 -14.53 -17.43 0.05
N LEU A 191 -13.65 -18.08 -0.72
CA LEU A 191 -12.35 -17.54 -1.04
C LEU A 191 -12.11 -17.67 -2.54
N ASN A 192 -11.40 -16.69 -3.10
CA ASN A 192 -11.19 -16.69 -4.55
C ASN A 192 -10.32 -17.87 -4.96
N GLN A 193 -9.26 -18.16 -4.22
CA GLN A 193 -8.26 -19.13 -4.62
C GLN A 193 -8.20 -20.35 -3.70
N TYR A 194 -8.96 -20.38 -2.61
CA TYR A 194 -8.93 -21.49 -1.68
C TYR A 194 -10.32 -22.04 -1.44
N HIS A 195 -10.37 -23.27 -0.93
CA HIS A 195 -11.61 -23.92 -0.53
C HIS A 195 -11.43 -24.41 0.90
N LEU A 196 -12.36 -24.02 1.77
CA LEU A 196 -12.30 -24.40 3.19
C LEU A 196 -12.81 -25.83 3.35
N MET A 197 -11.89 -26.76 3.66
CA MET A 197 -12.29 -28.15 3.81
C MET A 197 -13.07 -28.35 5.10
N GLY A 198 -12.50 -27.94 6.23
CA GLY A 198 -13.18 -28.10 7.50
C GLY A 198 -12.44 -27.37 8.61
N GLN A 199 -12.77 -27.74 9.84
CA GLN A 199 -12.16 -27.12 11.01
C GLN A 199 -11.84 -28.18 12.05
N THR A 200 -10.76 -27.95 12.79
CA THR A 200 -10.33 -28.84 13.87
C THR A 200 -9.92 -28.00 15.07
N VAL A 201 -10.27 -28.47 16.26
CA VAL A 201 -9.95 -27.79 17.51
C VAL A 201 -9.16 -28.73 18.40
N GLY A 202 -8.35 -28.15 19.28
CA GLY A 202 -7.55 -28.95 20.20
C GLY A 202 -7.02 -28.12 21.33
N THR A 203 -6.54 -28.82 22.37
CA THR A 203 -5.97 -28.19 23.56
C THR A 203 -4.63 -28.81 23.87
N GLU A 204 -3.72 -27.98 24.39
CA GLU A 204 -2.37 -28.43 24.72
C GLU A 204 -1.79 -27.52 25.79
N ASN A 205 -0.83 -28.07 26.53
CA ASN A 205 -0.06 -27.33 27.51
C ASN A 205 1.34 -27.07 26.95
N ILE A 206 1.89 -25.91 27.27
CA ILE A 206 3.23 -25.52 26.83
C ILE A 206 4.01 -25.01 28.03
N SER A 207 5.27 -25.45 28.15
CA SER A 207 6.14 -25.04 29.24
C SER A 207 7.00 -23.87 28.76
N THR A 208 6.77 -22.70 29.34
CA THR A 208 7.47 -21.48 28.98
C THR A 208 8.26 -20.97 30.18
N SER A 209 9.07 -19.93 29.93
CA SER A 209 9.91 -19.37 30.98
C SER A 209 9.12 -18.64 32.06
N THR A 210 7.83 -18.39 31.84
CA THR A 210 6.97 -17.76 32.83
C THR A 210 5.86 -18.69 33.26
N GLY A 211 6.19 -19.97 33.44
CA GLY A 211 5.23 -20.98 33.83
C GLY A 211 4.68 -21.72 32.63
N GLU A 212 3.86 -22.72 32.93
CA GLU A 212 3.23 -23.55 31.92
C GLU A 212 1.81 -23.03 31.68
N TYR A 213 1.51 -22.70 30.43
CA TYR A 213 0.20 -22.20 30.04
C TYR A 213 -0.54 -23.24 29.22
N THR A 214 -1.86 -23.10 29.17
CA THR A 214 -2.71 -23.92 28.33
C THR A 214 -3.12 -23.09 27.12
N ILE A 215 -2.81 -23.57 25.93
CA ILE A 215 -3.07 -22.86 24.68
C ILE A 215 -4.07 -23.67 23.87
N MET A 216 -5.04 -22.97 23.28
CA MET A 216 -6.15 -23.57 22.56
C MET A 216 -5.94 -23.34 21.08
N THR A 217 -5.88 -24.41 20.31
CA THR A 217 -5.62 -24.34 18.87
C THR A 217 -6.91 -24.58 18.10
N ALA A 218 -7.01 -23.91 16.95
CA ALA A 218 -8.14 -24.07 16.03
C ALA A 218 -7.57 -24.08 14.61
N HIS A 219 -7.59 -25.23 13.96
CA HIS A 219 -7.00 -25.40 12.64
C HIS A 219 -8.08 -25.33 11.56
N PHE A 220 -7.77 -24.60 10.49
CA PHE A 220 -8.67 -24.45 9.36
C PHE A 220 -8.01 -25.06 8.13
N HIS A 221 -8.55 -26.18 7.65
CA HIS A 221 -7.98 -26.89 6.53
C HIS A 221 -8.39 -26.23 5.21
N LEU A 222 -7.44 -26.05 4.32
CA LEU A 222 -7.65 -25.34 3.06
C LEU A 222 -7.16 -26.17 1.89
N LYS A 223 -7.96 -26.21 0.82
CA LYS A 223 -7.60 -26.81 -0.45
C LYS A 223 -7.58 -25.72 -1.50
N ARG A 224 -6.47 -25.61 -2.23
CA ARG A 224 -6.30 -24.51 -3.18
C ARG A 224 -7.12 -24.75 -4.44
N LYS A 225 -7.62 -23.66 -5.02
CA LYS A 225 -8.37 -23.69 -6.26
C LYS A 225 -7.43 -23.43 -7.42
N ILE A 226 -7.30 -24.40 -8.33
CA ILE A 226 -6.36 -24.27 -9.44
C ILE A 226 -6.93 -23.49 -10.60
N GLY A 227 -8.19 -23.07 -10.52
CA GLY A 227 -8.83 -22.42 -11.66
C GLY A 227 -8.08 -21.20 -12.15
N TYR A 228 -7.71 -20.31 -11.23
CA TYR A 228 -7.06 -19.06 -11.63
C TYR A 228 -5.75 -19.31 -12.37
N PHE A 229 -5.03 -20.37 -12.02
CA PHE A 229 -3.72 -20.60 -12.62
C PHE A 229 -3.82 -21.30 -13.96
N VAL A 230 -4.84 -22.13 -14.17
CA VAL A 230 -5.06 -22.70 -15.49
C VAL A 230 -5.32 -21.60 -16.51
N ILE A 231 -6.06 -20.57 -16.11
CA ILE A 231 -6.37 -19.47 -17.03
C ILE A 231 -5.14 -18.61 -17.27
N GLN A 232 -4.33 -18.40 -16.23
CA GLN A 232 -3.24 -17.45 -16.31
C GLN A 232 -1.98 -18.07 -16.93
N THR A 233 -1.63 -19.29 -16.50
CA THR A 233 -0.31 -19.83 -16.81
C THR A 233 -0.38 -21.14 -17.58
N TYR A 234 -1.03 -22.18 -17.05
CA TYR A 234 -0.99 -23.48 -17.69
C TYR A 234 -1.45 -23.40 -19.14
N LEU A 235 -2.63 -22.82 -19.36
CA LEU A 235 -3.20 -22.81 -20.71
C LEU A 235 -2.31 -22.09 -21.71
N PRO A 236 -1.88 -20.85 -21.49
CA PRO A 236 -1.00 -20.21 -22.47
C PRO A 236 0.32 -20.96 -22.69
N CYS A 237 0.87 -21.59 -21.65
CA CYS A 237 2.08 -22.39 -21.84
C CYS A 237 1.83 -23.56 -22.79
N ILE A 238 0.72 -24.27 -22.58
CA ILE A 238 0.40 -25.39 -23.46
C ILE A 238 0.30 -24.92 -24.90
N MET A 239 -0.38 -23.80 -25.13
CA MET A 239 -0.53 -23.28 -26.48
C MET A 239 0.81 -22.86 -27.07
N THR A 240 1.74 -22.43 -26.22
CA THR A 240 3.01 -21.94 -26.72
C THR A 240 4.00 -23.06 -27.03
N VAL A 241 3.84 -24.24 -26.42
CA VAL A 241 4.66 -25.37 -26.85
C VAL A 241 4.08 -25.98 -28.12
N ILE A 242 2.76 -26.04 -28.22
CA ILE A 242 2.12 -26.43 -29.48
C ILE A 242 2.51 -25.46 -30.58
N LEU A 243 2.64 -24.18 -30.23
CA LEU A 243 3.15 -23.21 -31.18
C LEU A 243 4.53 -23.62 -31.69
N SER A 244 5.40 -24.05 -30.79
CA SER A 244 6.74 -24.44 -31.20
C SER A 244 6.72 -25.64 -32.12
N GLN A 245 5.77 -26.56 -31.91
CA GLN A 245 5.69 -27.78 -32.70
C GLN A 245 5.07 -27.54 -34.07
N VAL A 246 4.62 -26.33 -34.37
CA VAL A 246 4.20 -26.03 -35.74
C VAL A 246 5.40 -26.04 -36.67
N SER A 247 6.59 -25.75 -36.15
CA SER A 247 7.77 -25.60 -37.01
C SER A 247 8.05 -26.85 -37.81
N PHE A 248 7.77 -28.02 -37.26
CA PHE A 248 8.12 -29.27 -37.94
C PHE A 248 7.37 -29.44 -39.26
N TRP A 249 6.22 -28.78 -39.41
CA TRP A 249 5.40 -28.93 -40.61
C TRP A 249 5.73 -27.90 -41.68
N LEU A 250 6.63 -26.97 -41.40
CA LEU A 250 7.02 -25.94 -42.35
C LEU A 250 8.24 -26.37 -43.16
N ASN A 251 8.51 -25.62 -44.22
CA ASN A 251 9.59 -25.97 -45.14
C ASN A 251 10.92 -26.04 -44.40
N ARG A 252 11.61 -27.17 -44.55
CA ARG A 252 12.88 -27.37 -43.86
C ARG A 252 14.00 -26.55 -44.49
N GLU A 253 13.93 -26.33 -45.80
CA GLU A 253 14.98 -25.61 -46.52
C GLU A 253 14.86 -24.10 -46.40
N SER A 254 13.73 -23.59 -45.92
CA SER A 254 13.57 -22.14 -45.74
C SER A 254 14.20 -21.78 -44.40
N VAL A 255 15.50 -21.49 -44.43
CA VAL A 255 16.22 -21.23 -43.18
C VAL A 255 15.66 -20.03 -42.44
N PRO A 256 15.38 -18.89 -43.08
CA PRO A 256 14.82 -17.75 -42.32
C PRO A 256 13.47 -18.07 -41.69
N ALA A 257 12.56 -18.70 -42.44
CA ALA A 257 11.24 -18.99 -41.90
C ALA A 257 11.35 -19.86 -40.65
N ARG A 258 12.03 -21.01 -40.77
CA ARG A 258 12.16 -21.91 -39.62
C ARG A 258 12.97 -21.26 -38.50
N THR A 259 13.94 -20.43 -38.85
CA THR A 259 14.77 -19.79 -37.82
C THR A 259 13.98 -18.75 -37.04
N VAL A 260 13.33 -17.81 -37.74
CA VAL A 260 12.58 -16.77 -37.05
C VAL A 260 11.43 -17.37 -36.27
N PHE A 261 10.85 -18.45 -36.76
CA PHE A 261 9.79 -19.11 -36.00
C PHE A 261 10.33 -19.73 -34.72
N GLY A 262 11.50 -20.38 -34.80
CA GLY A 262 12.05 -21.02 -33.62
C GLY A 262 12.44 -20.02 -32.54
N VAL A 263 13.00 -18.88 -32.93
CA VAL A 263 13.45 -17.93 -31.93
C VAL A 263 12.28 -17.13 -31.37
N THR A 264 11.31 -16.79 -32.22
CA THR A 264 10.18 -15.99 -31.73
C THR A 264 9.37 -16.77 -30.70
N THR A 265 9.21 -18.08 -30.89
CA THR A 265 8.48 -18.87 -29.90
C THR A 265 9.23 -18.95 -28.59
N VAL A 266 10.56 -19.01 -28.64
CA VAL A 266 11.36 -18.95 -27.41
C VAL A 266 11.16 -17.60 -26.72
N LEU A 267 11.20 -16.52 -27.50
CA LEU A 267 10.89 -15.20 -26.95
C LEU A 267 9.46 -15.18 -26.40
N THR A 268 8.53 -15.84 -27.08
CA THR A 268 7.16 -15.92 -26.59
C THR A 268 7.09 -16.69 -25.29
N MET A 269 7.72 -17.87 -25.24
CA MET A 269 7.75 -18.65 -24.02
C MET A 269 8.54 -17.94 -22.93
N THR A 270 9.66 -17.30 -23.30
CA THR A 270 10.41 -16.53 -22.32
C THR A 270 9.59 -15.37 -21.77
N THR A 271 8.81 -14.72 -22.65
CA THR A 271 7.92 -13.67 -22.19
C THR A 271 6.85 -14.24 -21.26
N LEU A 272 6.28 -15.38 -21.64
CA LEU A 272 5.20 -15.96 -20.85
C LEU A 272 5.68 -16.37 -19.46
N SER A 273 6.88 -16.94 -19.38
CA SER A 273 7.39 -17.40 -18.09
C SER A 273 7.74 -16.24 -17.18
N ILE A 274 8.12 -15.09 -17.75
CA ILE A 274 8.43 -13.92 -16.94
C ILE A 274 7.18 -13.41 -16.23
N SER A 275 6.05 -13.33 -16.94
CA SER A 275 4.82 -12.82 -16.33
C SER A 275 4.27 -13.79 -15.30
N ALA A 276 4.24 -15.09 -15.63
CA ALA A 276 3.74 -16.08 -14.66
C ALA A 276 4.54 -16.05 -13.38
N ARG A 277 5.83 -15.69 -13.46
CA ARG A 277 6.69 -15.67 -12.29
C ARG A 277 6.28 -14.59 -11.29
N ASN A 278 5.78 -13.46 -11.78
CA ASN A 278 5.50 -12.33 -10.92
C ASN A 278 4.35 -12.64 -9.95
N SER A 279 3.35 -13.38 -10.41
CA SER A 279 2.17 -13.68 -9.60
C SER A 279 2.39 -14.85 -8.65
N LEU A 280 3.51 -15.57 -8.75
CA LEU A 280 3.73 -16.78 -7.95
C LEU A 280 4.43 -16.48 -6.64
N PRO A 281 4.26 -17.34 -5.64
CA PRO A 281 4.92 -17.12 -4.34
C PRO A 281 6.43 -17.07 -4.50
N LYS A 282 7.06 -16.18 -3.74
CA LYS A 282 8.51 -15.99 -3.81
C LYS A 282 9.24 -16.87 -2.79
N VAL A 283 9.02 -18.17 -2.93
CA VAL A 283 9.68 -19.17 -2.09
C VAL A 283 11.04 -19.51 -2.71
N ALA A 284 11.85 -20.27 -1.99
CA ALA A 284 13.19 -20.61 -2.44
C ALA A 284 13.34 -22.09 -2.77
N TYR A 285 12.25 -22.73 -3.17
CA TYR A 285 12.29 -24.12 -3.63
C TYR A 285 11.41 -24.26 -4.87
N ALA A 286 11.52 -25.41 -5.52
CA ALA A 286 10.81 -25.65 -6.77
C ALA A 286 9.36 -25.98 -6.51
N THR A 287 8.47 -25.30 -7.22
CA THR A 287 7.04 -25.48 -7.10
C THR A 287 6.52 -26.36 -8.24
N ALA A 288 5.40 -27.03 -8.00
CA ALA A 288 4.84 -27.90 -9.02
C ALA A 288 4.64 -27.17 -10.33
N MET A 289 4.23 -25.90 -10.25
CA MET A 289 4.10 -25.12 -11.48
C MET A 289 5.47 -24.79 -12.08
N ASP A 290 6.43 -24.42 -11.24
CA ASP A 290 7.77 -24.11 -11.73
C ASP A 290 8.30 -25.21 -12.62
N TRP A 291 7.94 -26.46 -12.32
CA TRP A 291 8.37 -27.56 -13.18
C TRP A 291 7.59 -27.55 -14.49
N PHE A 292 6.28 -27.28 -14.44
CA PHE A 292 5.49 -27.24 -15.66
C PHE A 292 5.98 -26.15 -16.60
N ILE A 293 6.32 -24.98 -16.06
CA ILE A 293 6.88 -23.93 -16.89
C ILE A 293 8.24 -24.35 -17.42
N ALA A 294 9.05 -24.98 -16.57
CA ALA A 294 10.38 -25.42 -17.00
C ALA A 294 10.28 -26.40 -18.15
N VAL A 295 9.50 -27.47 -17.99
CA VAL A 295 9.38 -28.46 -19.05
C VAL A 295 8.89 -27.80 -20.33
N CYS A 296 7.89 -26.93 -20.22
CA CYS A 296 7.38 -26.25 -21.41
C CYS A 296 8.48 -25.44 -22.09
N TYR A 297 9.26 -24.68 -21.32
CA TYR A 297 10.39 -23.99 -21.90
C TYR A 297 11.32 -24.98 -22.59
N ALA A 298 11.51 -26.15 -21.98
CA ALA A 298 12.35 -27.17 -22.61
C ALA A 298 11.75 -27.67 -23.91
N PHE A 299 10.42 -27.82 -23.95
CA PHE A 299 9.78 -28.27 -25.19
C PHE A 299 9.88 -27.22 -26.28
N VAL A 300 9.85 -25.93 -25.91
CA VAL A 300 10.05 -24.88 -26.90
C VAL A 300 11.53 -24.79 -27.29
N PHE A 301 12.42 -24.85 -26.30
CA PHE A 301 13.85 -24.81 -26.60
C PHE A 301 14.27 -26.01 -27.44
N SER A 302 13.74 -27.19 -27.13
CA SER A 302 14.12 -28.39 -27.87
C SER A 302 13.69 -28.30 -29.33
N ALA A 303 12.45 -27.86 -29.57
CA ALA A 303 11.99 -27.72 -30.95
C ALA A 303 12.92 -26.83 -31.74
N LEU A 304 13.57 -25.85 -31.09
CA LEU A 304 14.52 -25.01 -31.79
C LEU A 304 15.80 -25.79 -32.11
N ILE A 305 16.38 -26.43 -31.10
CA ILE A 305 17.55 -27.28 -31.33
C ILE A 305 17.24 -28.35 -32.37
N GLU A 306 16.00 -28.83 -32.40
CA GLU A 306 15.62 -29.82 -33.41
C GLU A 306 15.90 -29.29 -34.81
N PHE A 307 15.53 -28.04 -35.07
CA PHE A 307 15.78 -27.47 -36.38
C PHE A 307 17.26 -27.21 -36.61
N ALA A 308 17.94 -26.65 -35.60
CA ALA A 308 19.37 -26.41 -35.73
C ALA A 308 20.10 -27.67 -36.19
N THR A 309 19.65 -28.83 -35.71
CA THR A 309 20.20 -30.10 -36.17
C THR A 309 19.77 -30.38 -37.60
N VAL A 310 18.50 -30.21 -37.91
CA VAL A 310 18.02 -30.40 -39.27
C VAL A 310 18.84 -29.56 -40.24
N ASN A 311 19.04 -28.29 -39.90
CA ASN A 311 19.80 -27.41 -40.78
C ASN A 311 21.27 -27.82 -40.82
N TYR A 312 21.81 -28.27 -39.70
CA TYR A 312 23.23 -28.67 -39.67
C TYR A 312 23.48 -29.88 -40.56
N PHE A 313 22.51 -30.78 -40.68
CA PHE A 313 22.67 -31.96 -41.53
C PHE A 313 22.15 -31.76 -42.93
N THR A 314 21.54 -30.61 -43.24
CA THR A 314 20.85 -30.45 -44.51
C THR A 314 21.82 -30.51 -45.69
N LYS A 315 23.05 -30.01 -45.50
CA LYS A 315 23.98 -29.91 -46.62
C LYS A 315 24.49 -31.28 -47.03
N SER A 316 25.08 -32.02 -46.10
CA SER A 316 25.73 -33.28 -46.44
C SER A 316 24.87 -34.51 -46.19
N GLN A 317 23.88 -34.44 -45.30
CA GLN A 317 23.06 -35.60 -44.93
C GLN A 317 21.60 -35.20 -44.94
N PRO A 318 21.08 -34.72 -46.08
CA PRO A 318 19.69 -34.24 -46.10
C PRO A 318 18.66 -35.33 -45.84
N ALA A 319 18.93 -36.57 -46.26
CA ALA A 319 17.97 -37.64 -46.02
C ALA A 319 17.76 -37.88 -44.53
N ARG A 320 18.83 -37.79 -43.73
CA ARG A 320 18.68 -37.93 -42.29
C ARG A 320 17.95 -36.74 -41.70
N ALA A 321 18.23 -35.54 -42.19
CA ALA A 321 17.52 -34.35 -41.72
C ALA A 321 16.04 -34.42 -42.01
N ALA A 322 15.63 -35.29 -42.95
CA ALA A 322 14.20 -35.44 -43.24
C ALA A 322 13.51 -36.32 -42.20
N LYS A 323 14.15 -37.43 -41.80
CA LYS A 323 13.56 -38.28 -40.77
C LYS A 323 13.46 -37.54 -39.45
N ILE A 324 14.46 -36.74 -39.10
CA ILE A 324 14.41 -35.98 -37.86
C ILE A 324 13.20 -35.08 -37.86
N ASP A 325 13.00 -34.32 -38.94
CA ASP A 325 11.87 -33.40 -39.01
C ASP A 325 10.54 -34.16 -39.01
N LYS A 326 10.44 -35.21 -39.82
CA LYS A 326 9.19 -35.97 -39.89
C LYS A 326 8.93 -36.70 -38.58
N MET A 327 9.96 -37.32 -37.99
CA MET A 327 9.78 -37.97 -36.70
C MET A 327 9.38 -36.98 -35.63
N SER A 328 10.03 -35.81 -35.62
CA SER A 328 9.69 -34.79 -34.62
C SER A 328 8.24 -34.35 -34.71
N ARG A 329 7.61 -34.51 -35.87
CA ARG A 329 6.20 -34.13 -36.00
C ARG A 329 5.31 -35.00 -35.13
N ILE A 330 5.73 -36.25 -34.87
CA ILE A 330 4.96 -37.19 -34.08
C ILE A 330 5.56 -37.37 -32.69
N VAL A 331 6.89 -37.40 -32.59
CA VAL A 331 7.53 -37.64 -31.31
C VAL A 331 7.26 -36.49 -30.35
N PHE A 332 7.45 -35.26 -30.81
CA PHE A 332 7.28 -34.10 -29.92
C PHE A 332 5.90 -34.05 -29.27
N PRO A 333 4.79 -33.99 -30.03
CA PRO A 333 3.48 -33.92 -29.36
C PRO A 333 3.20 -35.12 -28.48
N ILE A 334 3.62 -36.32 -28.88
CA ILE A 334 3.41 -37.50 -28.03
C ILE A 334 4.14 -37.34 -26.71
N LEU A 335 5.34 -36.75 -26.74
CA LEU A 335 6.09 -36.53 -25.51
C LEU A 335 5.39 -35.53 -24.61
N PHE A 336 5.11 -34.34 -25.14
CA PHE A 336 4.39 -33.35 -24.35
C PHE A 336 3.04 -33.88 -23.89
N GLY A 337 2.40 -34.74 -24.71
CA GLY A 337 1.16 -35.35 -24.30
C GLY A 337 1.33 -36.26 -23.09
N THR A 338 2.29 -37.18 -23.16
CA THR A 338 2.52 -38.08 -22.04
C THR A 338 3.05 -37.34 -20.83
N PHE A 339 3.83 -36.27 -21.04
CA PHE A 339 4.28 -35.47 -19.91
C PHE A 339 3.09 -34.93 -19.12
N ASN A 340 2.13 -34.32 -19.81
CA ASN A 340 0.94 -33.82 -19.12
C ASN A 340 0.17 -34.97 -18.48
N LEU A 341 0.10 -36.11 -19.15
CA LEU A 341 -0.57 -37.27 -18.57
C LEU A 341 0.05 -37.64 -17.23
N VAL A 342 1.37 -37.54 -17.12
CA VAL A 342 2.07 -37.89 -15.88
C VAL A 342 2.01 -36.72 -14.90
N TYR A 343 2.21 -35.50 -15.37
CA TYR A 343 2.23 -34.35 -14.47
C TYR A 343 0.95 -34.26 -13.67
N TRP A 344 -0.19 -34.18 -14.36
CA TRP A 344 -1.46 -34.02 -13.64
C TRP A 344 -1.77 -35.24 -12.80
N ALA A 345 -1.49 -36.44 -13.31
CA ALA A 345 -1.79 -37.65 -12.54
C ALA A 345 -1.01 -37.68 -11.25
N THR A 346 0.19 -37.09 -11.22
CA THR A 346 1.00 -37.12 -10.02
C THR A 346 0.51 -36.13 -8.97
N TYR A 347 0.34 -34.87 -9.35
CA TYR A 347 0.05 -33.85 -8.35
C TYR A 347 -1.42 -33.80 -7.97
N LEU A 348 -2.33 -34.10 -8.91
CA LEU A 348 -3.75 -34.10 -8.57
C LEU A 348 -4.14 -35.27 -7.68
N ASN A 349 -3.20 -36.11 -7.27
CA ASN A 349 -3.49 -37.22 -6.39
C ASN A 349 -3.00 -36.91 -4.98
N ILE B 15 -30.02 30.05 29.63
CA ILE B 15 -29.05 28.93 29.47
C ILE B 15 -28.96 28.14 30.78
N THR B 16 -29.12 28.85 31.91
CA THR B 16 -29.10 28.20 33.21
C THR B 16 -30.30 27.28 33.40
N ILE B 17 -31.39 27.52 32.68
CA ILE B 17 -32.55 26.65 32.77
C ILE B 17 -32.19 25.26 32.27
N PHE B 18 -31.49 25.19 31.13
CA PHE B 18 -31.17 23.90 30.53
C PHE B 18 -30.08 23.17 31.30
N THR B 19 -29.23 23.91 32.01
CA THR B 19 -28.17 23.26 32.79
C THR B 19 -28.77 22.44 33.93
N ARG B 20 -29.84 22.94 34.55
CA ARG B 20 -30.50 22.15 35.59
C ARG B 20 -31.35 21.02 35.01
N ILE B 21 -31.96 21.26 33.85
CA ILE B 21 -32.73 20.20 33.19
C ILE B 21 -31.81 19.02 32.86
N LEU B 22 -30.70 19.31 32.17
CA LEU B 22 -29.74 18.25 31.86
C LEU B 22 -29.24 17.60 33.14
N ASP B 23 -28.80 18.39 34.11
CA ASP B 23 -28.35 17.84 35.38
C ASP B 23 -29.46 17.00 36.02
N GLY B 24 -30.71 17.48 35.94
CA GLY B 24 -31.81 16.72 36.49
C GLY B 24 -32.01 15.38 35.80
N LEU B 25 -31.95 15.39 34.47
CA LEU B 25 -32.11 14.15 33.71
C LEU B 25 -30.97 13.18 34.00
N LEU B 26 -29.73 13.68 33.94
CA LEU B 26 -28.56 12.83 34.14
C LEU B 26 -28.31 12.52 35.61
N ASP B 27 -28.91 13.26 36.53
CA ASP B 27 -28.78 12.95 37.95
C ASP B 27 -29.33 11.55 38.21
N GLY B 28 -28.46 10.64 38.63
CA GLY B 28 -28.87 9.27 38.89
C GLY B 28 -29.16 8.43 37.67
N TYR B 29 -28.76 8.88 36.48
CA TYR B 29 -29.02 8.12 35.27
C TYR B 29 -27.98 7.03 35.10
N ASP B 30 -28.44 5.80 34.91
CA ASP B 30 -27.58 4.63 34.77
C ASP B 30 -27.54 4.23 33.29
N ASN B 31 -26.47 4.64 32.60
CA ASN B 31 -26.36 4.32 31.18
C ASN B 31 -26.06 2.85 30.93
N ARG B 32 -25.71 2.08 31.96
CA ARG B 32 -25.44 0.66 31.77
C ARG B 32 -26.71 -0.12 31.47
N LEU B 33 -27.87 0.40 31.86
CA LEU B 33 -29.14 -0.27 31.66
C LEU B 33 -29.88 0.33 30.47
N ARG B 34 -30.52 -0.53 29.68
CA ARG B 34 -31.29 -0.06 28.54
C ARG B 34 -32.61 0.55 29.01
N PRO B 35 -33.20 1.44 28.22
CA PRO B 35 -34.48 2.04 28.61
C PRO B 35 -35.61 1.01 28.56
N GLY B 36 -36.43 1.02 29.60
CA GLY B 36 -37.53 0.08 29.68
C GLY B 36 -37.12 -1.34 30.00
N LEU B 37 -36.03 -1.51 30.75
CA LEU B 37 -35.57 -2.85 31.11
C LEU B 37 -36.59 -3.54 31.99
N GLY B 38 -36.89 -4.79 31.66
CA GLY B 38 -37.86 -5.58 32.40
C GLY B 38 -39.29 -5.11 32.28
N GLU B 39 -39.63 -4.34 31.24
CA GLU B 39 -40.99 -3.86 31.06
C GLU B 39 -41.37 -3.84 29.58
N ARG B 40 -40.57 -3.16 28.75
CA ARG B 40 -40.88 -2.96 27.35
C ARG B 40 -39.64 -3.25 26.52
N ILE B 41 -39.85 -3.46 25.23
CA ILE B 41 -38.76 -3.66 24.29
C ILE B 41 -38.37 -2.32 23.70
N THR B 42 -37.09 -1.99 23.77
CA THR B 42 -36.59 -0.73 23.21
C THR B 42 -36.59 -0.83 21.70
N GLN B 43 -37.52 -0.14 21.04
CA GLN B 43 -37.62 -0.14 19.59
C GLN B 43 -36.82 1.02 19.04
N VAL B 44 -35.97 0.75 18.06
CA VAL B 44 -35.08 1.74 17.46
C VAL B 44 -35.44 1.85 15.99
N ARG B 45 -35.85 3.03 15.56
CA ARG B 45 -36.11 3.32 14.16
C ARG B 45 -34.84 3.85 13.52
N THR B 46 -34.30 3.10 12.57
CA THR B 46 -33.01 3.39 11.97
C THR B 46 -33.18 4.03 10.60
N ASP B 47 -32.52 5.17 10.40
CA ASP B 47 -32.47 5.87 9.14
C ASP B 47 -31.05 5.87 8.62
N MET B 48 -30.88 6.21 7.34
CA MET B 48 -29.57 6.15 6.71
C MET B 48 -29.54 7.10 5.52
N TYR B 49 -28.40 7.76 5.32
CA TYR B 49 -28.18 8.65 4.18
C TYR B 49 -26.79 8.39 3.64
N VAL B 50 -26.70 7.87 2.42
CA VAL B 50 -25.42 7.50 1.81
C VAL B 50 -24.82 8.79 1.24
N ASN B 51 -23.89 9.39 1.98
CA ASN B 51 -23.22 10.59 1.50
C ASN B 51 -22.30 10.28 0.33
N SER B 52 -21.64 9.12 0.36
CA SER B 52 -20.75 8.71 -0.72
C SER B 52 -20.68 7.19 -0.76
N PHE B 53 -20.65 6.63 -1.97
CA PHE B 53 -20.49 5.19 -2.15
C PHE B 53 -19.03 4.94 -2.50
N GLY B 54 -18.26 4.54 -1.49
CA GLY B 54 -16.82 4.39 -1.64
C GLY B 54 -16.46 3.38 -2.71
N PRO B 55 -15.15 3.21 -2.93
CA PRO B 55 -14.70 2.32 -4.00
C PRO B 55 -15.18 0.89 -3.79
N VAL B 56 -15.64 0.27 -4.88
CA VAL B 56 -16.00 -1.14 -4.88
C VAL B 56 -14.84 -1.96 -5.43
N SER B 57 -14.62 -3.13 -4.84
CA SER B 57 -13.51 -4.00 -5.23
C SER B 57 -14.07 -5.37 -5.59
N ASP B 58 -13.93 -5.76 -6.85
CA ASP B 58 -14.32 -7.10 -7.29
C ASP B 58 -13.25 -8.15 -7.00
N THR B 59 -12.05 -7.73 -6.61
CA THR B 59 -11.00 -8.66 -6.19
C THR B 59 -11.13 -8.99 -4.70
N GLU B 60 -11.16 -7.96 -3.85
CA GLU B 60 -11.29 -8.16 -2.41
C GLU B 60 -12.72 -8.44 -2.00
N MET B 61 -13.67 -8.35 -2.93
CA MET B 61 -15.08 -8.62 -2.67
C MET B 61 -15.58 -7.77 -1.50
N GLU B 62 -15.42 -6.46 -1.65
CA GLU B 62 -15.85 -5.52 -0.62
C GLU B 62 -16.14 -4.18 -1.26
N TYR B 63 -16.76 -3.30 -0.47
CA TYR B 63 -17.08 -1.96 -0.90
C TYR B 63 -17.08 -1.03 0.31
N THR B 64 -16.67 0.22 0.08
CA THR B 64 -16.68 1.24 1.12
C THR B 64 -17.87 2.16 0.90
N ILE B 65 -18.43 2.65 2.01
CA ILE B 65 -19.61 3.51 1.97
C ILE B 65 -19.54 4.48 3.13
N ASP B 66 -19.96 5.72 2.87
CA ASP B 66 -19.99 6.78 3.86
C ASP B 66 -21.43 7.20 4.07
N ILE B 67 -21.95 6.97 5.29
CA ILE B 67 -23.36 7.17 5.57
C ILE B 67 -23.53 8.02 6.81
N PHE B 68 -24.69 8.66 6.90
CA PHE B 68 -25.18 9.27 8.14
C PHE B 68 -26.18 8.27 8.73
N PHE B 69 -25.77 7.56 9.77
CA PHE B 69 -26.55 6.48 10.36
C PHE B 69 -27.32 7.02 11.56
N ALA B 70 -28.63 7.18 11.40
CA ALA B 70 -29.48 7.75 12.43
C ALA B 70 -30.30 6.67 13.13
N GLN B 71 -30.49 6.84 14.43
CA GLN B 71 -31.27 5.93 15.24
C GLN B 71 -32.08 6.75 16.24
N THR B 72 -33.35 6.40 16.41
CA THR B 72 -34.21 7.11 17.34
C THR B 72 -35.06 6.12 18.12
N TRP B 73 -35.12 6.32 19.43
CA TRP B 73 -35.89 5.48 20.34
C TRP B 73 -36.44 6.37 21.44
N LYS B 74 -37.20 5.78 22.36
CA LYS B 74 -37.76 6.50 23.49
C LYS B 74 -37.15 5.96 24.78
N ASP B 75 -36.65 6.88 25.61
CA ASP B 75 -36.14 6.58 26.94
C ASP B 75 -36.93 7.42 27.92
N GLU B 76 -37.76 6.77 28.74
CA GLU B 76 -38.62 7.51 29.66
C GLU B 76 -37.80 8.29 30.67
N ARG B 77 -36.61 7.79 31.03
CA ARG B 77 -35.78 8.50 31.99
C ARG B 77 -35.43 9.90 31.53
N LEU B 78 -35.34 10.10 30.21
CA LEU B 78 -35.00 11.40 29.63
C LEU B 78 -36.22 12.28 29.37
N ARG B 79 -37.42 11.84 29.74
CA ARG B 79 -38.62 12.65 29.50
C ARG B 79 -38.62 13.83 30.48
N PHE B 80 -38.73 15.04 29.92
CA PHE B 80 -38.61 16.26 30.70
C PHE B 80 -39.70 17.25 30.30
N LYS B 81 -39.86 18.28 31.15
CA LYS B 81 -40.80 19.37 30.90
C LYS B 81 -40.05 20.69 30.98
N GLY B 82 -40.15 21.49 29.93
CA GLY B 82 -39.47 22.76 29.88
C GLY B 82 -40.00 23.64 28.75
N PRO B 83 -39.42 24.83 28.59
CA PRO B 83 -39.89 25.71 27.51
C PRO B 83 -39.58 25.17 26.12
N MET B 84 -38.38 24.62 25.91
CA MET B 84 -38.05 24.05 24.62
C MET B 84 -38.72 22.69 24.42
N GLN B 85 -39.07 22.40 23.17
CA GLN B 85 -39.65 21.11 22.81
C GLN B 85 -38.59 20.06 22.51
N ARG B 86 -37.39 20.46 22.12
CA ARG B 86 -36.31 19.52 21.88
C ARG B 86 -35.04 20.11 22.48
N LEU B 87 -34.06 19.25 22.75
CA LEU B 87 -32.80 19.68 23.33
C LEU B 87 -31.65 19.46 22.35
N PRO B 88 -31.22 20.49 21.62
CA PRO B 88 -30.06 20.31 20.71
C PRO B 88 -28.78 20.14 21.52
N LEU B 89 -28.14 18.98 21.37
CA LEU B 89 -26.97 18.64 22.14
C LEU B 89 -25.94 17.96 21.24
N ASP B 90 -24.71 17.89 21.74
CA ASP B 90 -23.60 17.33 21.00
C ASP B 90 -23.30 15.92 21.51
N ASN B 91 -22.10 15.41 21.18
CA ASN B 91 -21.69 14.10 21.66
C ASN B 91 -21.37 14.09 23.15
N ARG B 92 -21.09 15.25 23.74
CA ARG B 92 -20.79 15.31 25.16
C ARG B 92 -21.89 14.71 26.01
N VAL B 93 -23.11 14.64 25.50
CA VAL B 93 -24.23 14.06 26.24
C VAL B 93 -24.51 12.67 25.69
N ALA B 94 -24.26 12.47 24.39
CA ALA B 94 -24.50 11.16 23.79
C ALA B 94 -23.68 10.06 24.47
N ASP B 95 -22.51 10.41 25.00
CA ASP B 95 -21.70 9.45 25.73
C ASP B 95 -22.27 9.20 27.13
N GLN B 96 -22.92 10.20 27.72
CA GLN B 96 -23.41 10.08 29.09
C GLN B 96 -24.71 9.31 29.20
N ILE B 97 -25.43 9.11 28.10
CA ILE B 97 -26.70 8.40 28.13
C ILE B 97 -26.54 7.00 27.57
N TRP B 98 -27.60 6.21 27.61
CA TRP B 98 -27.59 4.88 26.99
C TRP B 98 -27.90 5.01 25.51
N THR B 99 -27.22 4.20 24.70
CA THR B 99 -27.46 4.15 23.27
C THR B 99 -27.39 2.70 22.82
N PRO B 100 -28.10 2.33 21.76
CA PRO B 100 -28.02 0.95 21.26
C PRO B 100 -26.63 0.69 20.66
N ASP B 101 -26.04 -0.43 21.06
CA ASP B 101 -24.72 -0.82 20.58
C ASP B 101 -24.83 -1.44 19.19
N THR B 102 -25.34 -0.63 18.25
CA THR B 102 -25.56 -1.11 16.89
C THR B 102 -24.22 -1.34 16.20
N PHE B 103 -24.05 -2.55 15.67
CA PHE B 103 -22.86 -2.92 14.91
C PHE B 103 -23.28 -3.48 13.56
N PHE B 104 -22.37 -3.40 12.60
CA PHE B 104 -22.64 -3.85 11.23
C PHE B 104 -22.03 -5.24 11.05
N HIS B 105 -22.90 -6.22 10.75
CA HIS B 105 -22.47 -7.61 10.81
C HIS B 105 -21.42 -7.93 9.75
N ASN B 106 -21.68 -7.56 8.50
CA ASN B 106 -20.79 -7.88 7.40
C ASN B 106 -19.62 -6.89 7.28
N ASP B 107 -19.41 -6.05 8.28
CA ASP B 107 -18.33 -5.07 8.23
C ASP B 107 -16.96 -5.75 8.28
N LYS B 108 -16.01 -5.18 7.55
CA LYS B 108 -14.60 -5.56 7.66
C LYS B 108 -13.82 -4.56 8.49
N LYS B 109 -13.98 -3.26 8.22
CA LYS B 109 -13.30 -2.22 8.99
C LYS B 109 -14.13 -0.94 8.89
N SER B 110 -14.50 -0.38 10.04
CA SER B 110 -15.32 0.81 10.10
C SER B 110 -14.72 1.82 11.07
N PHE B 111 -15.06 3.09 10.86
CA PHE B 111 -14.62 4.16 11.73
C PHE B 111 -15.60 5.32 11.63
N ALA B 112 -15.80 6.01 12.75
CA ALA B 112 -16.68 7.17 12.83
C ALA B 112 -15.85 8.45 12.76
N HIS B 113 -16.25 9.36 11.89
CA HIS B 113 -15.48 10.57 11.66
C HIS B 113 -15.38 11.40 12.95
N GLY B 114 -14.20 11.97 13.17
CA GLY B 114 -13.90 12.61 14.43
C GLY B 114 -13.57 14.09 14.34
N MET B 115 -13.34 14.60 13.14
CA MET B 115 -13.00 16.00 12.92
C MET B 115 -14.26 16.79 12.58
N THR B 116 -14.46 17.93 13.24
CA THR B 116 -13.65 18.52 14.31
C THR B 116 -13.80 17.71 15.58
N THR B 117 -15.05 17.45 15.96
CA THR B 117 -15.41 16.65 17.11
C THR B 117 -16.16 15.41 16.66
N PRO B 118 -16.16 14.34 17.47
CA PRO B 118 -16.86 13.10 17.06
C PRO B 118 -18.26 13.35 16.53
N ASN B 119 -18.47 13.10 15.24
CA ASN B 119 -19.73 13.39 14.58
C ASN B 119 -20.84 12.51 15.15
N LYS B 120 -21.35 12.93 16.31
CA LYS B 120 -22.52 12.31 16.93
C LYS B 120 -23.49 13.42 17.31
N MET B 121 -24.71 13.36 16.78
CA MET B 121 -25.75 14.34 17.06
C MET B 121 -26.77 13.72 17.99
N LEU B 122 -27.07 14.42 19.09
CA LEU B 122 -28.06 13.97 20.06
C LEU B 122 -29.15 15.03 20.20
N ARG B 123 -30.40 14.58 20.20
CA ARG B 123 -31.55 15.46 20.40
C ARG B 123 -32.55 14.73 21.26
N ILE B 124 -33.04 15.40 22.30
CA ILE B 124 -33.97 14.82 23.27
C ILE B 124 -35.24 15.66 23.25
N TRP B 125 -36.36 15.02 22.91
CA TRP B 125 -37.65 15.69 22.91
C TRP B 125 -38.31 15.55 24.29
N ASN B 126 -39.39 16.30 24.48
CA ASN B 126 -40.07 16.27 25.77
C ASN B 126 -40.49 14.86 26.15
N ASP B 127 -41.16 14.16 25.24
CA ASP B 127 -41.72 12.84 25.52
C ASP B 127 -40.66 11.78 25.79
N GLY B 128 -39.38 12.10 25.65
CA GLY B 128 -38.32 11.14 25.82
C GLY B 128 -37.77 10.58 24.52
N ARG B 129 -38.33 10.99 23.39
CA ARG B 129 -37.83 10.53 22.10
C ARG B 129 -36.41 11.03 21.92
N VAL B 130 -35.52 10.12 21.53
CA VAL B 130 -34.11 10.44 21.32
C VAL B 130 -33.82 10.31 19.84
N LEU B 131 -32.88 11.12 19.36
CA LEU B 131 -32.34 10.99 18.01
C LEU B 131 -30.83 10.92 18.15
N TYR B 132 -30.24 9.81 17.72
CA TYR B 132 -28.81 9.55 17.88
C TYR B 132 -28.28 9.11 16.53
N THR B 133 -27.69 10.04 15.79
CA THR B 133 -27.15 9.77 14.47
C THR B 133 -25.66 10.07 14.44
N MET B 134 -24.95 9.38 13.56
CA MET B 134 -23.51 9.55 13.42
C MET B 134 -23.12 9.34 11.97
N ARG B 135 -21.90 9.69 11.64
CA ARG B 135 -21.34 9.52 10.31
C ARG B 135 -20.33 8.38 10.34
N LEU B 136 -20.49 7.43 9.42
CA LEU B 136 -19.68 6.22 9.41
C LEU B 136 -19.15 5.93 8.02
N THR B 137 -17.84 5.69 7.92
CA THR B 137 -17.22 5.12 6.72
C THR B 137 -16.90 3.67 7.03
N ILE B 138 -17.50 2.75 6.29
CA ILE B 138 -17.43 1.33 6.62
C ILE B 138 -17.18 0.52 5.36
N SER B 139 -16.25 -0.43 5.45
CA SER B 139 -15.93 -1.35 4.37
C SER B 139 -16.59 -2.68 4.68
N ALA B 140 -17.64 -3.01 3.94
CA ALA B 140 -18.43 -4.21 4.19
C ALA B 140 -18.17 -5.24 3.10
N GLU B 141 -18.58 -6.48 3.38
CA GLU B 141 -18.38 -7.58 2.45
C GLU B 141 -19.41 -7.54 1.33
N CYS B 142 -19.02 -8.08 0.17
CA CYS B 142 -19.90 -8.15 -0.98
C CYS B 142 -19.44 -9.25 -1.93
N PRO B 143 -19.86 -10.49 -1.72
CA PRO B 143 -19.49 -11.56 -2.67
C PRO B 143 -20.04 -11.28 -4.06
N MET B 144 -19.35 -11.82 -5.06
CA MET B 144 -19.71 -11.57 -6.46
C MET B 144 -19.54 -12.84 -7.28
N ASP B 145 -20.44 -13.03 -8.25
CA ASP B 145 -20.37 -14.12 -9.22
C ASP B 145 -20.00 -13.46 -10.55
N LEU B 146 -18.70 -13.38 -10.83
CA LEU B 146 -18.18 -12.67 -11.99
C LEU B 146 -18.15 -13.53 -13.26
N GLU B 147 -19.15 -14.40 -13.45
CA GLU B 147 -19.17 -15.24 -14.64
C GLU B 147 -19.45 -14.40 -15.89
N ASP B 148 -20.34 -13.41 -15.78
CA ASP B 148 -20.67 -12.54 -16.90
C ASP B 148 -19.82 -11.28 -16.93
N PHE B 149 -18.85 -11.15 -16.04
CA PHE B 149 -17.94 -10.02 -16.03
C PHE B 149 -17.34 -9.85 -17.44
N PRO B 150 -17.28 -8.62 -17.98
CA PRO B 150 -17.61 -7.32 -17.37
C PRO B 150 -19.05 -6.88 -17.63
N MET B 151 -19.85 -7.67 -18.34
CA MET B 151 -21.29 -7.41 -18.47
C MET B 151 -21.99 -8.05 -17.27
N ASP B 152 -21.75 -7.44 -16.11
CA ASP B 152 -21.99 -8.06 -14.81
C ASP B 152 -23.02 -7.27 -14.03
N GLU B 153 -23.60 -7.92 -13.01
CA GLU B 153 -24.49 -7.27 -12.06
C GLU B 153 -24.25 -7.87 -10.68
N GLN B 154 -23.99 -7.01 -9.71
CA GLN B 154 -23.72 -7.44 -8.34
C GLN B 154 -24.61 -6.68 -7.37
N ASN B 155 -24.80 -7.25 -6.19
CA ASN B 155 -25.66 -6.69 -5.15
C ASN B 155 -24.92 -6.75 -3.82
N CYS B 156 -24.53 -5.59 -3.29
CA CYS B 156 -23.75 -5.55 -2.06
C CYS B 156 -24.66 -5.22 -0.89
N PRO B 157 -24.73 -6.07 0.13
CA PRO B 157 -25.61 -5.79 1.27
C PRO B 157 -24.90 -5.03 2.38
N LEU B 158 -25.71 -4.54 3.31
CA LEU B 158 -25.21 -3.86 4.52
C LEU B 158 -26.15 -4.23 5.66
N LYS B 159 -25.70 -5.13 6.54
CA LYS B 159 -26.50 -5.64 7.64
C LYS B 159 -26.01 -5.06 8.97
N PHE B 160 -26.96 -4.66 9.82
CA PHE B 160 -26.62 -4.07 11.09
C PHE B 160 -27.68 -4.39 12.12
N GLY B 161 -27.24 -4.66 13.35
CA GLY B 161 -28.14 -4.93 14.44
C GLY B 161 -27.44 -4.68 15.77
N SER B 162 -28.13 -5.06 16.84
CA SER B 162 -27.55 -4.91 18.17
C SER B 162 -26.64 -6.07 18.49
N TYR B 163 -25.51 -5.78 19.14
CA TYR B 163 -24.52 -6.80 19.43
C TYR B 163 -24.81 -7.56 20.72
N ALA B 164 -25.38 -6.89 21.71
CA ALA B 164 -25.56 -7.48 23.03
C ALA B 164 -27.01 -7.73 23.40
N TYR B 165 -27.97 -7.18 22.65
CA TYR B 165 -29.38 -7.26 23.03
C TYR B 165 -30.17 -8.05 22.00
N PRO B 166 -30.69 -9.24 22.33
CA PRO B 166 -31.48 -10.00 21.36
C PRO B 166 -32.83 -9.36 21.05
N ASN B 167 -33.70 -10.10 20.35
CA ASN B 167 -35.02 -9.58 20.03
C ASN B 167 -35.80 -9.22 21.29
N SER B 168 -35.69 -10.04 22.33
CA SER B 168 -36.50 -9.83 23.53
C SER B 168 -36.24 -8.48 24.18
N GLU B 169 -35.00 -8.01 24.13
CA GLU B 169 -34.62 -6.78 24.81
C GLU B 169 -34.57 -5.56 23.90
N VAL B 170 -34.18 -5.72 22.64
CA VAL B 170 -34.08 -4.60 21.71
C VAL B 170 -34.52 -5.07 20.33
N VAL B 171 -35.20 -4.17 19.60
CA VAL B 171 -35.69 -4.46 18.26
C VAL B 171 -35.40 -3.27 17.37
N TYR B 172 -35.06 -3.55 16.10
CA TYR B 172 -34.79 -2.54 15.10
C TYR B 172 -35.90 -2.55 14.06
N VAL B 173 -36.21 -1.36 13.55
CA VAL B 173 -37.23 -1.20 12.52
C VAL B 173 -36.84 -0.03 11.63
N TRP B 174 -37.28 -0.09 10.38
CA TRP B 174 -37.02 0.97 9.41
C TRP B 174 -37.97 2.14 9.67
N THR B 175 -37.57 3.31 9.20
CA THR B 175 -38.38 4.51 9.41
C THR B 175 -39.75 4.36 8.78
N ASN B 176 -40.73 5.06 9.37
CA ASN B 176 -42.14 4.83 9.08
C ASN B 176 -42.66 5.62 7.89
N GLY B 177 -41.93 6.63 7.43
CA GLY B 177 -42.41 7.45 6.33
C GLY B 177 -41.91 8.88 6.41
N SER B 178 -41.60 9.33 7.63
CA SER B 178 -41.10 10.69 7.77
C SER B 178 -39.80 10.86 7.00
N THR B 179 -38.78 10.10 7.38
CA THR B 179 -37.49 10.07 6.69
C THR B 179 -37.41 8.79 5.88
N LYS B 180 -36.95 8.89 4.64
CA LYS B 180 -36.82 7.70 3.81
C LYS B 180 -35.76 6.78 4.39
N SER B 181 -36.01 5.47 4.28
CA SER B 181 -35.14 4.47 4.91
C SER B 181 -33.69 4.66 4.48
N VAL B 182 -33.43 4.63 3.18
CA VAL B 182 -32.08 4.78 2.64
C VAL B 182 -32.12 5.86 1.57
N VAL B 183 -31.26 6.86 1.72
CA VAL B 183 -31.12 7.96 0.78
C VAL B 183 -29.68 7.97 0.29
N VAL B 184 -29.50 8.40 -0.97
CA VAL B 184 -28.20 8.41 -1.61
C VAL B 184 -27.96 9.78 -2.21
N ALA B 185 -26.77 10.33 -1.97
CA ALA B 185 -26.41 11.64 -2.51
C ALA B 185 -26.06 11.53 -3.98
N GLU B 186 -26.52 12.51 -4.75
CA GLU B 186 -26.30 12.48 -6.20
C GLU B 186 -24.81 12.61 -6.54
N ASP B 187 -24.05 13.33 -5.71
CA ASP B 187 -22.63 13.54 -5.98
C ASP B 187 -21.80 12.30 -5.68
N GLY B 188 -22.02 11.66 -4.53
CA GLY B 188 -21.13 10.62 -4.07
C GLY B 188 -21.32 9.25 -4.68
N SER B 189 -22.53 8.93 -5.11
CA SER B 189 -22.81 7.60 -5.64
C SER B 189 -22.07 7.30 -6.94
N ARG B 190 -21.46 8.29 -7.57
CA ARG B 190 -20.79 8.08 -8.84
C ARG B 190 -19.56 7.19 -8.69
N LEU B 191 -19.47 6.16 -9.53
CA LEU B 191 -18.37 5.20 -9.51
C LEU B 191 -17.79 5.07 -10.91
N ASN B 192 -16.48 4.80 -10.97
CA ASN B 192 -15.80 4.72 -12.26
C ASN B 192 -16.26 3.52 -13.07
N GLN B 193 -16.41 2.35 -12.44
CA GLN B 193 -16.67 1.11 -13.17
C GLN B 193 -18.04 0.52 -12.89
N TYR B 194 -18.81 1.11 -11.97
CA TYR B 194 -20.13 0.59 -11.63
C TYR B 194 -21.15 1.71 -11.73
N HIS B 195 -22.43 1.32 -11.82
CA HIS B 195 -23.53 2.25 -11.75
C HIS B 195 -24.50 1.76 -10.69
N LEU B 196 -24.88 2.65 -9.77
CA LEU B 196 -25.80 2.31 -8.68
C LEU B 196 -27.22 2.30 -9.24
N MET B 197 -27.81 1.12 -9.37
CA MET B 197 -29.16 1.00 -9.91
C MET B 197 -30.19 1.50 -8.91
N GLY B 198 -30.15 0.96 -7.69
CA GLY B 198 -31.10 1.36 -6.66
C GLY B 198 -30.73 0.76 -5.33
N GLN B 199 -31.70 0.79 -4.41
CA GLN B 199 -31.50 0.27 -3.06
C GLN B 199 -32.74 -0.48 -2.61
N THR B 200 -32.53 -1.50 -1.77
CA THR B 200 -33.62 -2.27 -1.19
C THR B 200 -33.31 -2.50 0.28
N VAL B 201 -34.36 -2.40 1.12
CA VAL B 201 -34.21 -2.57 2.55
C VAL B 201 -35.13 -3.69 3.02
N GLY B 202 -34.75 -4.33 4.12
CA GLY B 202 -35.53 -5.42 4.69
C GLY B 202 -35.09 -5.73 6.09
N THR B 203 -35.92 -6.51 6.78
CA THR B 203 -35.66 -6.94 8.15
C THR B 203 -35.85 -8.44 8.24
N GLU B 204 -35.07 -9.08 9.13
CA GLU B 204 -35.13 -10.52 9.31
C GLU B 204 -34.63 -10.85 10.71
N ASN B 205 -35.06 -12.00 11.21
CA ASN B 205 -34.60 -12.52 12.49
C ASN B 205 -33.61 -13.65 12.27
N ILE B 206 -32.59 -13.73 13.13
CA ILE B 206 -31.55 -14.74 13.05
C ILE B 206 -31.38 -15.36 14.43
N SER B 207 -31.31 -16.69 14.47
CA SER B 207 -31.16 -17.43 15.72
C SER B 207 -29.68 -17.76 15.90
N THR B 208 -29.06 -17.18 16.92
CA THR B 208 -27.66 -17.40 17.22
C THR B 208 -27.52 -18.05 18.59
N SER B 209 -26.30 -18.46 18.92
CA SER B 209 -26.03 -19.13 20.19
C SER B 209 -26.18 -18.21 21.39
N THR B 210 -26.33 -16.91 21.18
CA THR B 210 -26.54 -15.95 22.25
C THR B 210 -27.91 -15.27 22.11
N GLY B 211 -28.91 -16.05 21.73
CA GLY B 211 -30.25 -15.54 21.53
C GLY B 211 -30.54 -15.23 20.08
N GLU B 212 -31.79 -14.86 19.83
CA GLU B 212 -32.26 -14.51 18.49
C GLU B 212 -32.27 -12.99 18.35
N TYR B 213 -31.57 -12.49 17.34
CA TYR B 213 -31.45 -11.06 17.09
C TYR B 213 -32.22 -10.67 15.84
N THR B 214 -32.56 -9.38 15.76
CA THR B 214 -33.17 -8.80 14.58
C THR B 214 -32.10 -8.01 13.83
N ILE B 215 -31.86 -8.37 12.57
CA ILE B 215 -30.80 -7.79 11.76
C ILE B 215 -31.43 -7.07 10.58
N MET B 216 -30.92 -5.88 10.29
CA MET B 216 -31.50 -4.99 9.30
C MET B 216 -30.62 -4.97 8.06
N THR B 217 -31.18 -5.32 6.91
CA THR B 217 -30.42 -5.42 5.68
C THR B 217 -30.68 -4.22 4.79
N ALA B 218 -29.65 -3.82 4.05
CA ALA B 218 -29.75 -2.72 3.08
C ALA B 218 -28.89 -3.11 1.87
N HIS B 219 -29.55 -3.40 0.75
CA HIS B 219 -28.88 -3.88 -0.45
C HIS B 219 -28.68 -2.75 -1.44
N PHE B 220 -27.49 -2.68 -2.03
CA PHE B 220 -27.14 -1.68 -3.04
C PHE B 220 -26.85 -2.40 -4.35
N HIS B 221 -27.74 -2.25 -5.32
CA HIS B 221 -27.61 -2.95 -6.60
C HIS B 221 -26.65 -2.20 -7.53
N LEU B 222 -25.76 -2.96 -8.17
CA LEU B 222 -24.71 -2.40 -9.02
C LEU B 222 -24.70 -3.10 -10.37
N LYS B 223 -24.60 -2.30 -11.43
CA LYS B 223 -24.42 -2.80 -12.79
C LYS B 223 -23.07 -2.30 -13.30
N ARG B 224 -22.26 -3.22 -13.82
CA ARG B 224 -20.89 -2.87 -14.21
C ARG B 224 -20.89 -2.10 -15.52
N LYS B 225 -19.92 -1.19 -15.64
CA LYS B 225 -19.74 -0.37 -16.84
C LYS B 225 -18.71 -1.04 -17.75
N ILE B 226 -19.14 -1.37 -18.97
CA ILE B 226 -18.28 -2.06 -19.92
C ILE B 226 -17.35 -1.12 -20.68
N GLY B 227 -17.49 0.19 -20.47
CA GLY B 227 -16.70 1.15 -21.23
C GLY B 227 -15.21 0.94 -21.11
N TYR B 228 -14.72 0.81 -19.86
CA TYR B 228 -13.28 0.69 -19.66
C TYR B 228 -12.71 -0.55 -20.33
N PHE B 229 -13.50 -1.62 -20.43
CA PHE B 229 -12.98 -2.86 -20.96
C PHE B 229 -13.01 -2.88 -22.48
N VAL B 230 -13.98 -2.20 -23.10
CA VAL B 230 -13.96 -2.04 -24.55
C VAL B 230 -12.68 -1.33 -24.97
N ILE B 231 -12.27 -0.32 -24.21
CA ILE B 231 -11.07 0.44 -24.55
C ILE B 231 -9.82 -0.38 -24.25
N GLN B 232 -9.84 -1.15 -23.16
CA GLN B 232 -8.62 -1.80 -22.69
C GLN B 232 -8.35 -3.11 -23.41
N THR B 233 -9.38 -3.95 -23.56
CA THR B 233 -9.18 -5.33 -23.98
C THR B 233 -9.92 -5.66 -25.27
N TYR B 234 -11.24 -5.48 -25.31
CA TYR B 234 -12.01 -5.91 -26.48
C TYR B 234 -11.45 -5.32 -27.76
N LEU B 235 -11.28 -3.99 -27.78
CA LEU B 235 -10.84 -3.35 -29.02
C LEU B 235 -9.46 -3.82 -29.46
N PRO B 236 -8.41 -3.78 -28.64
CA PRO B 236 -7.11 -4.28 -29.12
C PRO B 236 -7.15 -5.74 -29.54
N CYS B 237 -7.93 -6.57 -28.85
CA CYS B 237 -8.09 -7.95 -29.31
C CYS B 237 -8.71 -7.99 -30.69
N ILE B 238 -9.76 -7.18 -30.91
CA ILE B 238 -10.41 -7.15 -32.21
C ILE B 238 -9.40 -6.78 -33.29
N MET B 239 -8.58 -5.75 -33.02
CA MET B 239 -7.59 -5.34 -34.00
C MET B 239 -6.50 -6.39 -34.18
N THR B 240 -6.19 -7.17 -33.16
CA THR B 240 -5.10 -8.12 -33.28
C THR B 240 -5.53 -9.41 -33.97
N VAL B 241 -6.82 -9.76 -33.95
CA VAL B 241 -7.25 -10.90 -34.76
C VAL B 241 -7.41 -10.48 -36.21
N ILE B 242 -7.91 -9.26 -36.44
CA ILE B 242 -7.90 -8.71 -37.80
C ILE B 242 -6.48 -8.63 -38.32
N LEU B 243 -5.52 -8.33 -37.43
CA LEU B 243 -4.12 -8.36 -37.83
C LEU B 243 -3.74 -9.73 -38.35
N SER B 244 -4.15 -10.79 -37.65
CA SER B 244 -3.79 -12.14 -38.06
C SER B 244 -4.38 -12.49 -39.42
N GLN B 245 -5.58 -11.99 -39.72
CA GLN B 245 -6.25 -12.31 -40.97
C GLN B 245 -5.70 -11.55 -42.16
N VAL B 246 -4.74 -10.65 -41.95
CA VAL B 246 -4.07 -10.05 -43.10
C VAL B 246 -3.24 -11.10 -43.82
N SER B 247 -2.77 -12.12 -43.10
CA SER B 247 -1.81 -13.07 -43.68
C SER B 247 -2.33 -13.74 -44.94
N PHE B 248 -3.65 -13.95 -45.02
CA PHE B 248 -4.21 -14.67 -46.17
C PHE B 248 -4.03 -13.91 -47.49
N TRP B 249 -3.84 -12.59 -47.44
CA TRP B 249 -3.71 -11.80 -48.65
C TRP B 249 -2.28 -11.62 -49.12
N LEU B 250 -1.29 -12.08 -48.35
CA LEU B 250 0.10 -11.93 -48.73
C LEU B 250 0.58 -13.18 -49.47
N ASN B 251 1.76 -13.06 -50.06
CA ASN B 251 2.29 -14.10 -50.94
C ASN B 251 2.37 -15.45 -50.21
N ARG B 252 1.73 -16.48 -50.79
CA ARG B 252 1.72 -17.78 -50.15
C ARG B 252 3.06 -18.49 -50.27
N GLU B 253 3.79 -18.24 -51.37
CA GLU B 253 5.07 -18.88 -51.61
C GLU B 253 6.22 -18.22 -50.87
N SER B 254 6.02 -17.04 -50.30
CA SER B 254 7.06 -16.38 -49.51
C SER B 254 7.00 -16.95 -48.10
N VAL B 255 7.73 -18.04 -47.89
CA VAL B 255 7.65 -18.75 -46.60
C VAL B 255 8.06 -17.85 -45.45
N PRO B 256 9.17 -17.12 -45.52
CA PRO B 256 9.52 -16.24 -44.37
C PRO B 256 8.48 -15.17 -44.09
N ALA B 257 7.97 -14.52 -45.13
CA ALA B 257 6.99 -13.45 -44.92
C ALA B 257 5.78 -13.96 -44.16
N ARG B 258 5.14 -15.02 -44.67
CA ARG B 258 3.96 -15.56 -44.01
C ARG B 258 4.30 -16.16 -42.65
N THR B 259 5.49 -16.75 -42.51
CA THR B 259 5.85 -17.38 -41.24
C THR B 259 6.08 -16.35 -40.15
N VAL B 260 6.92 -15.35 -40.41
CA VAL B 260 7.19 -14.35 -39.39
C VAL B 260 5.93 -13.57 -39.04
N PHE B 261 5.05 -13.35 -40.02
CA PHE B 261 3.80 -12.65 -39.74
C PHE B 261 2.90 -13.49 -38.84
N GLY B 262 2.80 -14.80 -39.12
CA GLY B 262 1.93 -15.64 -38.33
C GLY B 262 2.38 -15.75 -36.89
N VAL B 263 3.69 -15.86 -36.66
CA VAL B 263 4.21 -16.06 -35.31
C VAL B 263 4.21 -14.75 -34.53
N THR B 264 4.54 -13.64 -35.18
CA THR B 264 4.57 -12.37 -34.47
C THR B 264 3.17 -11.96 -34.02
N THR B 265 2.15 -12.23 -34.83
CA THR B 265 0.78 -11.91 -34.41
C THR B 265 0.36 -12.77 -33.23
N VAL B 266 0.80 -14.03 -33.20
CA VAL B 266 0.57 -14.86 -32.03
C VAL B 266 1.31 -14.28 -30.83
N LEU B 267 2.57 -13.89 -31.04
CA LEU B 267 3.32 -13.21 -29.98
C LEU B 267 2.62 -11.93 -29.57
N THR B 268 2.06 -11.19 -30.54
CA THR B 268 1.33 -9.98 -30.21
C THR B 268 0.09 -10.30 -29.40
N MET B 269 -0.71 -11.27 -29.86
CA MET B 269 -1.89 -11.68 -29.12
C MET B 269 -1.50 -12.29 -27.78
N THR B 270 -0.41 -13.06 -27.75
CA THR B 270 0.06 -13.59 -26.47
C THR B 270 0.49 -12.48 -25.52
N THR B 271 1.12 -11.43 -26.06
CA THR B 271 1.47 -10.28 -25.24
C THR B 271 0.20 -9.58 -24.73
N LEU B 272 -0.81 -9.47 -25.58
CA LEU B 272 -2.02 -8.76 -25.20
C LEU B 272 -2.76 -9.50 -24.08
N SER B 273 -2.73 -10.83 -24.09
CA SER B 273 -3.51 -11.59 -23.12
C SER B 273 -2.95 -11.49 -21.71
N ILE B 274 -1.63 -11.40 -21.57
CA ILE B 274 -1.02 -11.36 -20.24
C ILE B 274 -1.37 -10.05 -19.55
N SER B 275 -1.28 -8.95 -20.29
CA SER B 275 -1.60 -7.64 -19.71
C SER B 275 -3.08 -7.57 -19.36
N ALA B 276 -3.95 -8.08 -20.24
CA ALA B 276 -5.37 -8.11 -19.93
C ALA B 276 -5.63 -8.91 -18.66
N ARG B 277 -4.83 -9.95 -18.42
CA ARG B 277 -5.02 -10.79 -17.23
C ARG B 277 -4.70 -10.01 -15.97
N ASN B 278 -3.76 -9.04 -16.05
CA ASN B 278 -3.32 -8.34 -14.86
C ASN B 278 -4.44 -7.49 -14.25
N SER B 279 -5.24 -6.83 -15.08
CA SER B 279 -6.26 -5.92 -14.59
C SER B 279 -7.57 -6.61 -14.20
N LEU B 280 -7.72 -7.89 -14.49
CA LEU B 280 -8.98 -8.61 -14.31
C LEU B 280 -9.04 -9.24 -12.93
N PRO B 281 -10.25 -9.49 -12.41
CA PRO B 281 -10.36 -10.11 -11.09
C PRO B 281 -9.67 -11.47 -11.05
N LYS B 282 -9.02 -11.75 -9.92
CA LYS B 282 -8.27 -12.99 -9.76
C LYS B 282 -9.16 -14.09 -9.15
N VAL B 283 -10.24 -14.37 -9.86
CA VAL B 283 -11.17 -15.43 -9.47
C VAL B 283 -10.66 -16.74 -10.05
N ALA B 284 -11.30 -17.86 -9.69
CA ALA B 284 -10.90 -19.19 -10.13
C ALA B 284 -11.94 -19.82 -11.06
N TYR B 285 -12.69 -18.99 -11.78
CA TYR B 285 -13.66 -19.47 -12.76
C TYR B 285 -13.55 -18.63 -14.02
N ALA B 286 -14.20 -19.12 -15.08
CA ALA B 286 -14.11 -18.49 -16.39
C ALA B 286 -15.01 -17.26 -16.48
N THR B 287 -14.44 -16.16 -16.94
CA THR B 287 -15.14 -14.88 -17.06
C THR B 287 -15.55 -14.65 -18.51
N ALA B 288 -16.62 -13.87 -18.70
CA ALA B 288 -17.09 -13.60 -20.05
C ALA B 288 -15.98 -13.03 -20.92
N MET B 289 -15.12 -12.19 -20.34
CA MET B 289 -13.97 -11.69 -21.08
C MET B 289 -12.94 -12.79 -21.32
N ASP B 290 -12.69 -13.62 -20.30
CA ASP B 290 -11.72 -14.70 -20.48
C ASP B 290 -12.02 -15.49 -21.75
N TRP B 291 -13.30 -15.64 -22.08
CA TRP B 291 -13.66 -16.34 -23.31
C TRP B 291 -13.37 -15.52 -24.54
N PHE B 292 -13.67 -14.22 -24.50
CA PHE B 292 -13.40 -13.37 -25.65
C PHE B 292 -11.91 -13.31 -25.95
N ILE B 293 -11.08 -13.20 -24.90
CA ILE B 293 -9.63 -13.23 -25.11
C ILE B 293 -9.20 -14.59 -25.64
N ALA B 294 -9.79 -15.66 -25.10
CA ALA B 294 -9.43 -17.00 -25.56
C ALA B 294 -9.75 -17.17 -27.03
N VAL B 295 -10.98 -16.87 -27.43
CA VAL B 295 -11.38 -17.05 -28.83
C VAL B 295 -10.47 -16.25 -29.74
N CYS B 296 -10.18 -15.01 -29.38
CA CYS B 296 -9.30 -14.20 -30.20
C CYS B 296 -7.94 -14.86 -30.37
N TYR B 297 -7.37 -15.38 -29.29
CA TYR B 297 -6.13 -16.14 -29.40
C TYR B 297 -6.30 -17.31 -30.36
N ALA B 298 -7.46 -17.97 -30.32
CA ALA B 298 -7.72 -19.07 -31.24
C ALA B 298 -7.75 -18.59 -32.68
N PHE B 299 -8.31 -17.39 -32.92
CA PHE B 299 -8.35 -16.87 -34.28
C PHE B 299 -6.97 -16.49 -34.78
N VAL B 300 -6.08 -16.03 -33.89
CA VAL B 300 -4.72 -15.74 -34.31
C VAL B 300 -3.95 -17.03 -34.51
N PHE B 301 -4.08 -17.96 -33.57
CA PHE B 301 -3.41 -19.26 -33.70
C PHE B 301 -3.92 -20.03 -34.92
N SER B 302 -5.23 -19.95 -35.18
CA SER B 302 -5.78 -20.68 -36.32
C SER B 302 -5.21 -20.15 -37.63
N ALA B 303 -5.18 -18.83 -37.79
CA ALA B 303 -4.59 -18.25 -39.00
C ALA B 303 -3.16 -18.72 -39.21
N LEU B 304 -2.44 -19.00 -38.12
CA LEU B 304 -1.09 -19.53 -38.26
C LEU B 304 -1.11 -20.98 -38.73
N ILE B 305 -1.88 -21.83 -38.05
CA ILE B 305 -2.01 -23.21 -38.50
C ILE B 305 -2.54 -23.24 -39.92
N GLU B 306 -3.40 -22.29 -40.29
CA GLU B 306 -3.90 -22.24 -41.65
C GLU B 306 -2.76 -22.18 -42.65
N PHE B 307 -1.76 -21.35 -42.38
CA PHE B 307 -0.63 -21.25 -43.31
C PHE B 307 0.24 -22.51 -43.25
N ALA B 308 0.48 -23.05 -42.05
CA ALA B 308 1.25 -24.28 -41.96
C ALA B 308 0.64 -25.36 -42.85
N THR B 309 -0.69 -25.41 -42.92
CA THR B 309 -1.35 -26.36 -43.82
C THR B 309 -1.13 -25.96 -45.28
N VAL B 310 -1.33 -24.69 -45.60
CA VAL B 310 -1.08 -24.20 -46.95
C VAL B 310 0.33 -24.55 -47.37
N ASN B 311 1.31 -24.27 -46.50
CA ASN B 311 2.70 -24.53 -46.84
C ASN B 311 2.97 -26.03 -46.95
N TYR B 312 2.33 -26.83 -46.11
CA TYR B 312 2.54 -28.28 -46.16
C TYR B 312 2.04 -28.85 -47.48
N PHE B 313 0.99 -28.26 -48.05
CA PHE B 313 0.42 -28.73 -49.31
C PHE B 313 1.02 -28.02 -50.52
N THR B 314 1.90 -27.05 -50.31
CA THR B 314 2.36 -26.21 -51.42
C THR B 314 3.15 -27.00 -52.45
N LYS B 315 3.92 -27.99 -52.01
CA LYS B 315 4.80 -28.69 -52.94
C LYS B 315 4.00 -29.59 -53.87
N SER B 316 3.23 -30.53 -53.31
CA SER B 316 2.55 -31.53 -54.11
C SER B 316 1.10 -31.19 -54.43
N GLN B 317 0.45 -30.33 -53.66
CA GLN B 317 -0.97 -30.03 -53.82
C GLN B 317 -1.16 -28.51 -53.81
N PRO B 318 -0.51 -27.80 -54.74
CA PRO B 318 -0.61 -26.33 -54.73
C PRO B 318 -2.01 -25.82 -55.03
N ALA B 319 -2.76 -26.51 -55.87
CA ALA B 319 -4.13 -26.07 -56.14
C ALA B 319 -4.96 -26.15 -54.86
N ARG B 320 -4.73 -27.17 -54.04
CA ARG B 320 -5.42 -27.25 -52.76
C ARG B 320 -4.94 -26.15 -51.81
N ALA B 321 -3.63 -25.90 -51.78
CA ALA B 321 -3.10 -24.82 -50.96
C ALA B 321 -3.58 -23.45 -51.42
N ALA B 322 -4.01 -23.33 -52.67
CA ALA B 322 -4.54 -22.05 -53.14
C ALA B 322 -5.98 -21.84 -52.69
N LYS B 323 -6.82 -22.88 -52.79
CA LYS B 323 -8.20 -22.77 -52.35
C LYS B 323 -8.27 -22.52 -50.85
N ILE B 324 -7.40 -23.17 -50.08
CA ILE B 324 -7.39 -22.98 -48.63
C ILE B 324 -7.15 -21.51 -48.29
N ASP B 325 -6.12 -20.92 -48.90
CA ASP B 325 -5.77 -19.54 -48.60
C ASP B 325 -6.86 -18.57 -49.06
N LYS B 326 -7.34 -18.75 -50.29
CA LYS B 326 -8.34 -17.83 -50.82
C LYS B 326 -9.66 -17.94 -50.06
N MET B 327 -10.09 -19.15 -49.74
CA MET B 327 -11.31 -19.31 -48.94
C MET B 327 -11.16 -18.67 -47.57
N SER B 328 -9.98 -18.83 -46.96
CA SER B 328 -9.74 -18.25 -45.64
C SER B 328 -9.91 -16.74 -45.62
N ARG B 329 -9.79 -16.07 -46.77
CA ARG B 329 -9.94 -14.62 -46.79
C ARG B 329 -11.33 -14.20 -46.38
N ILE B 330 -12.34 -15.03 -46.63
CA ILE B 330 -13.72 -14.71 -46.28
C ILE B 330 -14.20 -15.50 -45.07
N VAL B 331 -13.79 -16.77 -44.95
CA VAL B 331 -14.30 -17.60 -43.86
C VAL B 331 -13.86 -17.02 -42.52
N PHE B 332 -12.59 -16.67 -42.39
CA PHE B 332 -12.10 -16.13 -41.13
C PHE B 332 -12.87 -14.89 -40.70
N PRO B 333 -12.88 -13.80 -41.48
CA PRO B 333 -13.61 -12.60 -41.01
C PRO B 333 -15.10 -12.83 -40.81
N ILE B 334 -15.73 -13.62 -41.66
CA ILE B 334 -17.15 -13.92 -41.48
C ILE B 334 -17.38 -14.66 -40.16
N LEU B 335 -16.46 -15.56 -39.81
CA LEU B 335 -16.58 -16.29 -38.56
C LEU B 335 -16.37 -15.37 -37.36
N PHE B 336 -15.24 -14.66 -37.32
CA PHE B 336 -15.02 -13.74 -36.22
C PHE B 336 -16.10 -12.68 -36.17
N GLY B 337 -16.65 -12.29 -37.32
CA GLY B 337 -17.76 -11.35 -37.31
C GLY B 337 -18.97 -11.90 -36.60
N THR B 338 -19.38 -13.12 -36.96
CA THR B 338 -20.54 -13.73 -36.30
C THR B 338 -20.24 -14.05 -34.84
N PHE B 339 -18.99 -14.37 -34.52
CA PHE B 339 -18.64 -14.63 -33.12
C PHE B 339 -19.01 -13.43 -32.25
N ASN B 340 -18.62 -12.23 -32.67
CA ASN B 340 -18.99 -11.04 -31.91
C ASN B 340 -20.51 -10.90 -31.83
N LEU B 341 -21.20 -11.22 -32.93
CA LEU B 341 -22.66 -11.13 -32.93
C LEU B 341 -23.27 -12.01 -31.84
N VAL B 342 -22.72 -13.20 -31.64
CA VAL B 342 -23.25 -14.10 -30.62
C VAL B 342 -22.75 -13.70 -29.24
N TYR B 343 -21.46 -13.38 -29.12
CA TYR B 343 -20.91 -13.01 -27.81
C TYR B 343 -21.65 -11.82 -27.23
N TRP B 344 -21.71 -10.72 -27.97
CA TRP B 344 -22.35 -9.51 -27.45
C TRP B 344 -23.85 -9.73 -27.25
N ALA B 345 -24.50 -10.42 -28.18
CA ALA B 345 -25.94 -10.64 -28.06
C ALA B 345 -26.29 -11.49 -26.84
N THR B 346 -25.41 -12.41 -26.45
CA THR B 346 -25.72 -13.29 -25.32
C THR B 346 -25.54 -12.56 -23.99
N TYR B 347 -24.37 -11.94 -23.79
CA TYR B 347 -24.03 -11.38 -22.49
C TYR B 347 -24.68 -10.03 -22.25
N LEU B 348 -24.92 -9.25 -23.31
CA LEU B 348 -25.57 -7.96 -23.15
C LEU B 348 -27.04 -8.10 -22.73
N ASN B 349 -27.53 -9.31 -22.54
CA ASN B 349 -28.91 -9.53 -22.12
C ASN B 349 -28.96 -9.94 -20.65
N ILE C 15 0.84 36.03 37.20
CA ILE C 15 0.34 34.75 36.64
C ILE C 15 -0.84 34.25 37.50
N THR C 16 -0.79 34.54 38.80
CA THR C 16 -1.88 34.14 39.69
C THR C 16 -3.17 34.87 39.38
N ILE C 17 -3.08 36.06 38.76
CA ILE C 17 -4.28 36.79 38.38
C ILE C 17 -5.08 36.00 37.35
N PHE C 18 -4.39 35.46 36.35
CA PHE C 18 -5.06 34.76 35.26
C PHE C 18 -5.59 33.39 35.67
N THR C 19 -5.00 32.77 36.69
CA THR C 19 -5.49 31.46 37.13
C THR C 19 -6.89 31.56 37.73
N ARG C 20 -7.18 32.66 38.43
CA ARG C 20 -8.53 32.85 38.97
C ARG C 20 -9.52 33.28 37.89
N ILE C 21 -9.06 34.06 36.92
CA ILE C 21 -9.94 34.44 35.81
C ILE C 21 -10.42 33.20 35.07
N LEU C 22 -9.50 32.33 34.67
CA LEU C 22 -9.88 31.09 34.03
C LEU C 22 -10.79 30.26 34.93
N ASP C 23 -10.39 30.07 36.19
CA ASP C 23 -11.23 29.32 37.12
C ASP C 23 -12.61 29.95 37.25
N GLY C 24 -12.67 31.29 37.31
CA GLY C 24 -13.95 31.95 37.42
C GLY C 24 -14.83 31.73 36.21
N LEU C 25 -14.25 31.83 35.01
CA LEU C 25 -15.03 31.63 33.79
C LEU C 25 -15.54 30.19 33.70
N LEU C 26 -14.67 29.21 33.94
CA LEU C 26 -15.05 27.82 33.81
C LEU C 26 -15.83 27.28 35.00
N ASP C 27 -15.77 27.93 36.16
CA ASP C 27 -16.56 27.49 37.30
C ASP C 27 -18.04 27.61 36.95
N GLY C 28 -18.74 26.48 36.91
CA GLY C 28 -20.14 26.49 36.54
C GLY C 28 -20.41 26.66 35.07
N TYR C 29 -19.39 26.50 34.22
CA TYR C 29 -19.56 26.60 32.78
C TYR C 29 -20.03 25.25 32.24
N ASP C 30 -21.12 25.27 31.48
CA ASP C 30 -21.72 24.06 30.91
C ASP C 30 -21.38 24.04 29.44
N ASN C 31 -20.34 23.27 29.08
CA ASN C 31 -19.91 23.17 27.69
C ASN C 31 -20.88 22.34 26.85
N ARG C 32 -21.81 21.63 27.46
CA ARG C 32 -22.80 20.86 26.70
C ARG C 32 -23.79 21.76 25.98
N LEU C 33 -23.99 22.98 26.46
CA LEU C 33 -24.94 23.92 25.89
C LEU C 33 -24.22 24.93 25.02
N ARG C 34 -24.83 25.26 23.88
CA ARG C 34 -24.24 26.25 22.99
C ARG C 34 -24.44 27.66 23.54
N PRO C 35 -23.57 28.60 23.16
CA PRO C 35 -23.74 29.97 23.65
C PRO C 35 -24.95 30.64 23.01
N GLY C 36 -25.71 31.34 23.84
CA GLY C 36 -26.91 32.00 23.37
C GLY C 36 -28.04 31.05 23.08
N LEU C 37 -28.11 29.93 23.79
CA LEU C 37 -29.17 28.96 23.59
C LEU C 37 -30.51 29.59 23.98
N GLY C 38 -31.50 29.46 23.10
CA GLY C 38 -32.78 30.07 23.37
C GLY C 38 -32.78 31.58 23.35
N GLU C 39 -31.79 32.18 22.69
CA GLU C 39 -31.65 33.64 22.66
C GLU C 39 -31.24 34.12 21.28
N ARG C 40 -30.08 33.64 20.79
CA ARG C 40 -29.53 34.08 19.51
C ARG C 40 -29.02 32.89 18.74
N ILE C 41 -28.79 33.10 17.45
CA ILE C 41 -28.13 32.11 16.60
C ILE C 41 -26.64 32.41 16.63
N THR C 42 -25.85 31.39 16.97
CA THR C 42 -24.40 31.56 17.09
C THR C 42 -23.79 31.69 15.70
N GLN C 43 -23.31 32.89 15.36
CA GLN C 43 -22.68 33.14 14.07
C GLN C 43 -21.18 32.92 14.18
N VAL C 44 -20.62 32.14 13.24
CA VAL C 44 -19.23 31.75 13.25
C VAL C 44 -18.56 32.30 11.99
N ARG C 45 -17.56 33.15 12.15
CA ARG C 45 -16.78 33.66 11.04
C ARG C 45 -15.58 32.73 10.81
N THR C 46 -15.55 32.07 9.66
CA THR C 46 -14.55 31.05 9.36
C THR C 46 -13.49 31.58 8.41
N ASP C 47 -12.23 31.42 8.81
CA ASP C 47 -11.07 31.74 7.99
C ASP C 47 -10.30 30.46 7.70
N MET C 48 -9.39 30.53 6.71
CA MET C 48 -8.67 29.33 6.28
C MET C 48 -7.36 29.74 5.63
N TYR C 49 -6.32 28.91 5.85
CA TYR C 49 -5.01 29.09 5.23
C TYR C 49 -4.50 27.73 4.78
N VAL C 50 -4.37 27.56 3.47
CA VAL C 50 -3.93 26.29 2.88
C VAL C 50 -2.40 26.23 2.96
N ASN C 51 -1.89 25.51 3.95
CA ASN C 51 -0.44 25.35 4.08
C ASN C 51 0.14 24.51 2.95
N SER C 52 -0.59 23.48 2.52
CA SER C 52 -0.15 22.63 1.42
C SER C 52 -1.36 22.00 0.74
N PHE C 53 -1.30 21.91 -0.59
CA PHE C 53 -2.33 21.25 -1.39
C PHE C 53 -1.81 19.86 -1.73
N GLY C 54 -2.25 18.86 -0.97
CA GLY C 54 -1.76 17.51 -1.11
C GLY C 54 -2.00 16.92 -2.48
N PRO C 55 -1.52 15.69 -2.69
CA PRO C 55 -1.65 15.06 -4.01
C PRO C 55 -3.11 14.90 -4.43
N VAL C 56 -3.38 15.23 -5.69
CA VAL C 56 -4.69 15.02 -6.29
C VAL C 56 -4.66 13.70 -7.05
N SER C 57 -5.78 12.97 -7.00
CA SER C 57 -5.88 11.66 -7.63
C SER C 57 -7.06 11.68 -8.60
N ASP C 58 -6.75 11.54 -9.90
CA ASP C 58 -7.78 11.42 -10.92
C ASP C 58 -8.35 10.02 -11.03
N THR C 59 -7.71 9.05 -10.37
CA THR C 59 -8.24 7.68 -10.30
C THR C 59 -9.25 7.53 -9.16
N GLU C 60 -8.83 7.88 -7.94
CA GLU C 60 -9.70 7.79 -6.77
C GLU C 60 -10.64 9.00 -6.65
N MET C 61 -10.49 10.00 -7.50
CA MET C 61 -11.35 11.17 -7.50
C MET C 61 -11.37 11.83 -6.11
N GLU C 62 -10.18 12.19 -5.65
CA GLU C 62 -10.04 12.83 -4.35
C GLU C 62 -8.77 13.68 -4.35
N TYR C 63 -8.63 14.48 -3.30
CA TYR C 63 -7.46 15.32 -3.13
C TYR C 63 -7.23 15.54 -1.64
N THR C 64 -5.95 15.66 -1.27
CA THR C 64 -5.56 15.96 0.10
C THR C 64 -5.17 17.42 0.20
N ILE C 65 -5.43 18.01 1.37
CA ILE C 65 -5.15 19.42 1.60
C ILE C 65 -4.81 19.62 3.07
N ASP C 66 -3.83 20.49 3.33
CA ASP C 66 -3.37 20.81 4.68
C ASP C 66 -3.68 22.27 4.94
N ILE C 67 -4.57 22.53 5.90
CA ILE C 67 -5.09 23.87 6.14
C ILE C 67 -4.98 24.22 7.61
N PHE C 68 -4.91 25.52 7.89
CA PHE C 68 -5.14 26.08 9.23
C PHE C 68 -6.56 26.61 9.24
N PHE C 69 -7.47 25.89 9.91
CA PHE C 69 -8.89 26.20 9.90
C PHE C 69 -9.23 27.02 11.14
N ALA C 70 -9.51 28.30 10.96
CA ALA C 70 -9.80 29.21 12.05
C ALA C 70 -11.29 29.53 12.14
N GLN C 71 -11.79 29.66 13.36
CA GLN C 71 -13.19 30.00 13.62
C GLN C 71 -13.29 30.95 14.81
N THR C 72 -14.17 31.95 14.68
CA THR C 72 -14.42 32.92 15.74
C THR C 72 -15.92 33.14 15.84
N TRP C 73 -16.42 33.16 17.07
CA TRP C 73 -17.85 33.35 17.32
C TRP C 73 -18.03 34.19 18.58
N LYS C 74 -19.28 34.30 19.03
CA LYS C 74 -19.66 35.11 20.18
C LYS C 74 -20.08 34.19 21.33
N ASP C 75 -19.49 34.39 22.51
CA ASP C 75 -19.86 33.60 23.68
C ASP C 75 -19.82 34.53 24.90
N GLU C 76 -20.99 34.86 25.43
CA GLU C 76 -21.07 35.80 26.55
C GLU C 76 -20.50 35.22 27.83
N ARG C 77 -20.61 33.91 28.03
CA ARG C 77 -20.15 33.31 29.28
C ARG C 77 -18.66 33.54 29.53
N LEU C 78 -17.86 33.67 28.47
CA LEU C 78 -16.43 33.89 28.58
C LEU C 78 -16.07 35.36 28.70
N ARG C 79 -17.04 36.25 28.78
CA ARG C 79 -16.77 37.67 28.91
C ARG C 79 -16.13 37.97 30.26
N PHE C 80 -14.96 38.60 30.24
CA PHE C 80 -14.22 38.90 31.46
C PHE C 80 -13.65 40.31 31.37
N LYS C 81 -13.24 40.83 32.53
CA LYS C 81 -12.59 42.13 32.62
C LYS C 81 -11.28 41.98 33.39
N GLY C 82 -10.18 42.44 32.79
CA GLY C 82 -8.88 42.35 33.42
C GLY C 82 -7.85 43.24 32.76
N PRO C 83 -6.61 43.20 33.26
CA PRO C 83 -5.58 44.05 32.66
C PRO C 83 -5.20 43.65 31.25
N MET C 84 -5.06 42.36 30.99
CA MET C 84 -4.73 41.90 29.64
C MET C 84 -5.97 41.99 28.76
N GLN C 85 -5.76 42.33 27.49
CA GLN C 85 -6.84 42.40 26.52
C GLN C 85 -7.14 41.05 25.88
N ARG C 86 -6.19 40.12 25.91
CA ARG C 86 -6.37 38.78 25.35
C ARG C 86 -5.83 37.76 26.33
N LEU C 87 -6.35 36.53 26.21
CA LEU C 87 -5.93 35.41 27.04
C LEU C 87 -5.29 34.37 26.13
N PRO C 88 -3.96 34.35 25.99
CA PRO C 88 -3.33 33.30 25.17
C PRO C 88 -3.40 31.95 25.87
N LEU C 89 -4.06 30.99 25.23
CA LEU C 89 -4.30 29.69 25.83
C LEU C 89 -4.05 28.61 24.79
N ASP C 90 -3.90 27.38 25.28
CA ASP C 90 -3.61 26.22 24.45
C ASP C 90 -4.87 25.36 24.30
N ASN C 91 -4.70 24.10 23.90
CA ASN C 91 -5.83 23.20 23.79
C ASN C 91 -6.36 22.78 25.15
N ARG C 92 -5.56 22.92 26.21
CA ARG C 92 -6.01 22.53 27.54
C ARG C 92 -7.29 23.26 27.94
N VAL C 93 -7.57 24.42 27.32
CA VAL C 93 -8.77 25.18 27.63
C VAL C 93 -9.78 24.97 26.51
N ALA C 94 -9.30 24.79 25.28
CA ALA C 94 -10.19 24.57 24.15
C ALA C 94 -11.07 23.35 24.37
N ASP C 95 -10.57 22.35 25.10
CA ASP C 95 -11.37 21.18 25.41
C ASP C 95 -12.39 21.45 26.50
N GLN C 96 -12.08 22.36 27.43
CA GLN C 96 -12.96 22.62 28.56
C GLN C 96 -14.14 23.52 28.22
N ILE C 97 -14.07 24.25 27.11
CA ILE C 97 -15.14 25.16 26.72
C ILE C 97 -15.93 24.56 25.56
N TRP C 98 -17.00 25.25 25.16
CA TRP C 98 -17.79 24.83 24.02
C TRP C 98 -17.16 25.30 22.72
N THR C 99 -17.22 24.45 21.69
CA THR C 99 -16.73 24.77 20.36
C THR C 99 -17.69 24.21 19.33
N PRO C 100 -17.79 24.83 18.16
CA PRO C 100 -18.69 24.31 17.12
C PRO C 100 -18.15 23.00 16.54
N ASP C 101 -19.03 22.01 16.45
CA ASP C 101 -18.67 20.70 15.90
C ASP C 101 -18.69 20.73 14.37
N THR C 102 -17.84 21.59 13.81
CA THR C 102 -17.79 21.76 12.36
C THR C 102 -17.25 20.50 11.71
N PHE C 103 -17.99 19.95 10.75
CA PHE C 103 -17.56 18.76 10.03
C PHE C 103 -17.59 19.06 8.54
N PHE C 104 -16.79 18.30 7.80
CA PHE C 104 -16.62 18.46 6.36
C PHE C 104 -17.49 17.42 5.64
N HIS C 105 -18.44 17.89 4.84
CA HIS C 105 -19.47 17.01 4.30
C HIS C 105 -18.89 16.00 3.31
N ASN C 106 -18.10 16.47 2.35
CA ASN C 106 -17.54 15.60 1.30
C ASN C 106 -16.26 14.90 1.74
N ASP C 107 -15.91 14.95 3.02
CA ASP C 107 -14.68 14.37 3.51
C ASP C 107 -14.71 12.84 3.39
N LYS C 108 -13.54 12.27 3.13
CA LYS C 108 -13.33 10.83 3.18
C LYS C 108 -12.67 10.37 4.48
N LYS C 109 -11.60 11.05 4.89
CA LYS C 109 -11.00 10.85 6.20
C LYS C 109 -10.14 12.06 6.53
N SER C 110 -10.09 12.40 7.81
CA SER C 110 -9.40 13.60 8.27
C SER C 110 -8.74 13.35 9.61
N PHE C 111 -7.71 14.16 9.90
CA PHE C 111 -7.03 14.07 11.19
C PHE C 111 -6.38 15.41 11.49
N ALA C 112 -6.34 15.76 12.77
CA ALA C 112 -5.74 17.00 13.25
C ALA C 112 -4.34 16.71 13.81
N HIS C 113 -3.37 17.50 13.38
CA HIS C 113 -1.99 17.27 13.79
C HIS C 113 -1.84 17.36 15.30
N GLY C 114 -1.02 16.48 15.87
CA GLY C 114 -0.96 16.32 17.31
C GLY C 114 0.37 16.58 17.98
N MET C 115 1.45 16.71 17.20
CA MET C 115 2.78 16.93 17.74
C MET C 115 3.08 18.43 17.75
N THR C 116 3.57 18.95 18.87
CA THR C 116 3.83 18.28 20.15
C THR C 116 2.52 17.93 20.85
N THR C 117 1.65 18.92 20.96
CA THR C 117 0.32 18.78 21.52
C THR C 117 -0.72 19.08 20.44
N PRO C 118 -1.95 18.56 20.59
CA PRO C 118 -2.97 18.81 19.56
C PRO C 118 -3.05 20.27 19.17
N ASN C 119 -2.69 20.57 17.92
CA ASN C 119 -2.57 21.94 17.44
C ASN C 119 -3.95 22.59 17.44
N LYS C 120 -4.35 23.06 18.62
CA LYS C 120 -5.57 23.85 18.79
C LYS C 120 -5.20 25.11 19.57
N MET C 121 -5.43 26.27 18.96
CA MET C 121 -5.12 27.56 19.58
C MET C 121 -6.41 28.22 20.01
N LEU C 122 -6.45 28.66 21.27
CA LEU C 122 -7.61 29.33 21.83
C LEU C 122 -7.19 30.71 22.34
N ARG C 123 -8.00 31.72 22.03
CA ARG C 123 -7.78 33.07 22.51
C ARG C 123 -9.13 33.68 22.84
N ILE C 124 -9.23 34.26 24.04
CA ILE C 124 -10.48 34.81 24.56
C ILE C 124 -10.27 36.28 24.86
N TRP C 125 -11.05 37.14 24.22
CA TRP C 125 -10.99 38.56 24.47
C TRP C 125 -11.98 38.95 25.57
N ASN C 126 -11.86 40.19 26.04
CA ASN C 126 -12.73 40.67 27.11
C ASN C 126 -14.20 40.56 26.71
N ASP C 127 -14.53 41.05 25.51
CA ASP C 127 -15.92 41.09 25.05
C ASP C 127 -16.54 39.71 24.85
N GLY C 128 -15.77 38.63 25.01
CA GLY C 128 -16.27 37.29 24.78
C GLY C 128 -15.90 36.71 23.44
N ARG C 129 -15.18 37.46 22.61
CA ARG C 129 -14.75 36.96 21.31
C ARG C 129 -13.82 35.76 21.50
N VAL C 130 -14.12 34.67 20.80
CA VAL C 130 -13.32 33.46 20.87
C VAL C 130 -12.65 33.25 19.52
N LEU C 131 -11.45 32.69 19.56
CA LEU C 131 -10.74 32.26 18.36
C LEU C 131 -10.29 30.82 18.56
N TYR C 132 -10.76 29.91 17.72
CA TYR C 132 -10.49 28.49 17.85
C TYR C 132 -10.05 27.96 16.48
N THR C 133 -8.75 27.83 16.28
CA THR C 133 -8.18 27.36 15.02
C THR C 133 -7.37 26.10 15.25
N MET C 134 -7.27 25.29 14.19
CA MET C 134 -6.54 24.03 14.25
C MET C 134 -5.94 23.75 12.89
N ARG C 135 -5.03 22.78 12.85
CA ARG C 135 -4.38 22.35 11.62
C ARG C 135 -4.95 21.00 11.21
N LEU C 136 -5.37 20.89 9.95
CA LEU C 136 -6.07 19.71 9.46
C LEU C 136 -5.51 19.26 8.12
N THR C 137 -5.20 17.97 8.03
CA THR C 137 -4.94 17.31 6.76
C THR C 137 -6.15 16.43 6.45
N ILE C 138 -6.83 16.71 5.34
CA ILE C 138 -8.11 16.08 5.04
C ILE C 138 -8.12 15.64 3.57
N SER C 139 -8.59 14.42 3.32
CA SER C 139 -8.76 13.88 1.97
C SER C 139 -10.23 13.97 1.61
N ALA C 140 -10.57 14.90 0.71
CA ALA C 140 -11.94 15.16 0.32
C ALA C 140 -12.21 14.66 -1.09
N GLU C 141 -13.50 14.55 -1.41
CA GLU C 141 -13.92 14.08 -2.72
C GLU C 141 -13.78 15.17 -3.76
N CYS C 142 -13.57 14.75 -5.00
CA CYS C 142 -13.45 15.67 -6.13
C CYS C 142 -13.80 14.95 -7.43
N PRO C 143 -15.07 14.92 -7.82
CA PRO C 143 -15.41 14.28 -9.11
C PRO C 143 -14.73 15.00 -10.26
N MET C 144 -14.48 14.25 -11.33
CA MET C 144 -13.77 14.79 -12.48
C MET C 144 -14.38 14.24 -13.76
N ASP C 145 -14.46 15.10 -14.77
CA ASP C 145 -14.91 14.73 -16.12
C ASP C 145 -13.67 14.74 -17.01
N LEU C 146 -13.02 13.59 -17.12
CA LEU C 146 -11.74 13.47 -17.83
C LEU C 146 -11.89 13.28 -19.33
N GLU C 147 -12.86 13.94 -19.95
CA GLU C 147 -13.03 13.82 -21.38
C GLU C 147 -11.87 14.47 -22.13
N ASP C 148 -11.39 15.61 -21.63
CA ASP C 148 -10.26 16.30 -22.25
C ASP C 148 -8.91 15.92 -21.66
N PHE C 149 -8.88 14.96 -20.73
CA PHE C 149 -7.62 14.52 -20.16
C PHE C 149 -6.64 14.13 -21.28
N PRO C 150 -5.37 14.53 -21.20
CA PRO C 150 -4.68 15.24 -20.12
C PRO C 150 -4.70 16.76 -20.26
N MET C 151 -5.31 17.31 -21.31
CA MET C 151 -5.51 18.75 -21.41
C MET C 151 -6.80 19.11 -20.69
N ASP C 152 -6.75 18.98 -19.36
CA ASP C 152 -7.94 18.88 -18.54
C ASP C 152 -8.02 20.05 -17.57
N GLU C 153 -9.24 20.28 -17.06
CA GLU C 153 -9.48 21.25 -16.00
C GLU C 153 -10.55 20.68 -15.08
N GLN C 154 -10.25 20.63 -13.79
CA GLN C 154 -11.15 20.08 -12.78
C GLN C 154 -11.31 21.09 -11.65
N ASN C 155 -12.40 20.93 -10.89
CA ASN C 155 -12.72 21.83 -9.79
C ASN C 155 -13.06 20.99 -8.56
N CYS C 156 -12.18 21.04 -7.55
CA CYS C 156 -12.34 20.23 -6.36
C CYS C 156 -12.94 21.09 -5.26
N PRO C 157 -14.09 20.73 -4.70
CA PRO C 157 -14.70 21.53 -3.63
C PRO C 157 -14.26 21.07 -2.24
N LEU C 158 -14.56 21.91 -1.26
CA LEU C 158 -14.30 21.62 0.15
C LEU C 158 -15.48 22.20 0.95
N LYS C 159 -16.39 21.34 1.37
CA LYS C 159 -17.61 21.75 2.05
C LYS C 159 -17.52 21.43 3.53
N PHE C 160 -17.96 22.36 4.36
CA PHE C 160 -17.92 22.17 5.80
C PHE C 160 -19.08 22.92 6.46
N GLY C 161 -19.67 22.28 7.47
CA GLY C 161 -20.74 22.89 8.22
C GLY C 161 -20.88 22.21 9.57
N SER C 162 -21.93 22.60 10.29
CA SER C 162 -22.19 22.03 11.60
C SER C 162 -22.97 20.73 11.47
N TYR C 163 -22.60 19.75 12.30
CA TYR C 163 -23.21 18.43 12.22
C TYR C 163 -24.48 18.31 13.04
N ALA C 164 -24.58 19.03 14.16
CA ALA C 164 -25.69 18.87 15.09
C ALA C 164 -26.59 20.10 15.18
N TYR C 165 -26.20 21.23 14.59
CA TYR C 165 -26.92 22.48 14.76
C TYR C 165 -27.51 22.95 13.45
N PRO C 166 -28.85 22.94 13.28
CA PRO C 166 -29.42 23.44 12.02
C PRO C 166 -29.24 24.93 11.84
N ASN C 167 -29.88 25.50 10.82
CA ASN C 167 -29.80 26.95 10.61
C ASN C 167 -30.37 27.72 11.80
N SER C 168 -31.46 27.21 12.38
CA SER C 168 -32.08 27.91 13.50
C SER C 168 -31.12 28.03 14.68
N GLU C 169 -30.21 27.07 14.84
CA GLU C 169 -29.33 27.03 15.99
C GLU C 169 -27.97 27.65 15.73
N VAL C 170 -27.40 27.46 14.53
CA VAL C 170 -26.08 28.00 14.19
C VAL C 170 -26.02 28.34 12.71
N VAL C 171 -25.27 29.40 12.40
CA VAL C 171 -25.07 29.85 11.03
C VAL C 171 -23.59 30.16 10.82
N TYR C 172 -23.08 29.87 9.63
CA TYR C 172 -21.69 30.12 9.27
C TYR C 172 -21.59 31.23 8.23
N VAL C 173 -20.52 32.01 8.30
CA VAL C 173 -20.25 33.07 7.35
C VAL C 173 -18.73 33.22 7.19
N TRP C 174 -18.31 33.62 5.99
CA TRP C 174 -16.90 33.82 5.71
C TRP C 174 -16.43 35.18 6.23
N THR C 175 -15.14 35.26 6.55
CA THR C 175 -14.55 36.53 6.97
C THR C 175 -14.51 37.49 5.78
N ASN C 176 -14.97 38.72 5.98
CA ASN C 176 -15.12 39.69 4.90
C ASN C 176 -14.30 40.93 5.21
N GLY C 177 -13.21 41.12 4.47
CA GLY C 177 -12.47 42.37 4.49
C GLY C 177 -11.13 42.33 5.19
N SER C 178 -11.14 42.22 6.51
CA SER C 178 -9.89 42.22 7.27
C SER C 178 -9.02 41.03 6.90
N THR C 179 -9.53 39.82 7.12
CA THR C 179 -8.81 38.60 6.82
C THR C 179 -9.34 37.98 5.54
N LYS C 180 -8.42 37.53 4.68
CA LYS C 180 -8.82 36.90 3.44
C LYS C 180 -9.52 35.57 3.73
N SER C 181 -10.57 35.28 2.97
CA SER C 181 -11.37 34.08 3.21
C SER C 181 -10.49 32.83 3.14
N VAL C 182 -9.80 32.64 2.02
CA VAL C 182 -8.94 31.48 1.79
C VAL C 182 -7.58 31.98 1.33
N VAL C 183 -6.52 31.52 1.99
CA VAL C 183 -5.15 31.84 1.61
C VAL C 183 -4.42 30.54 1.32
N VAL C 184 -3.50 30.60 0.35
CA VAL C 184 -2.75 29.44 -0.09
C VAL C 184 -1.28 29.81 -0.18
N ALA C 185 -0.42 28.97 0.41
CA ALA C 185 1.01 29.20 0.33
C ALA C 185 1.56 28.73 -1.01
N GLU C 186 2.45 29.54 -1.60
CA GLU C 186 3.03 29.17 -2.88
C GLU C 186 3.93 27.95 -2.77
N ASP C 187 4.49 27.69 -1.59
CA ASP C 187 5.39 26.54 -1.43
C ASP C 187 4.61 25.24 -1.53
N GLY C 188 3.46 25.15 -0.85
CA GLY C 188 2.73 23.90 -0.80
C GLY C 188 1.89 23.63 -2.04
N SER C 189 1.48 24.70 -2.74
CA SER C 189 0.62 24.54 -3.90
C SER C 189 1.29 23.79 -5.06
N ARG C 190 2.59 23.55 -5.00
CA ARG C 190 3.28 22.90 -6.10
C ARG C 190 2.80 21.46 -6.26
N LEU C 191 2.39 21.11 -7.48
CA LEU C 191 1.91 19.78 -7.80
C LEU C 191 2.61 19.27 -9.04
N ASN C 192 2.83 17.95 -9.09
CA ASN C 192 3.57 17.38 -10.21
C ASN C 192 2.75 17.46 -11.50
N GLN C 193 1.45 17.15 -11.43
CA GLN C 193 0.63 17.03 -12.63
C GLN C 193 -0.48 18.07 -12.72
N TYR C 194 -0.67 18.91 -11.71
CA TYR C 194 -1.72 19.92 -11.73
C TYR C 194 -1.13 21.30 -11.42
N HIS C 195 -1.89 22.32 -11.79
CA HIS C 195 -1.59 23.71 -11.45
C HIS C 195 -2.82 24.33 -10.80
N LEU C 196 -2.63 24.92 -9.63
CA LEU C 196 -3.74 25.55 -8.90
C LEU C 196 -4.01 26.92 -9.52
N MET C 197 -5.15 27.04 -10.20
CA MET C 197 -5.52 28.29 -10.85
C MET C 197 -5.90 29.35 -9.83
N GLY C 198 -6.82 29.03 -8.94
CA GLY C 198 -7.27 29.98 -7.94
C GLY C 198 -8.16 29.31 -6.92
N GLN C 199 -8.90 30.15 -6.19
CA GLN C 199 -9.80 29.66 -5.16
C GLN C 199 -11.10 30.45 -5.22
N THR C 200 -12.20 29.78 -4.86
CA THR C 200 -13.51 30.39 -4.80
C THR C 200 -14.22 29.94 -3.53
N VAL C 201 -14.92 30.87 -2.89
CA VAL C 201 -15.63 30.61 -1.66
C VAL C 201 -17.11 30.94 -1.85
N GLY C 202 -17.96 30.26 -1.09
CA GLY C 202 -19.39 30.49 -1.19
C GLY C 202 -20.11 29.88 -0.01
N THR C 203 -21.37 30.28 0.14
CA THR C 203 -22.24 29.78 1.19
C THR C 203 -23.57 29.35 0.60
N GLU C 204 -24.17 28.34 1.22
CA GLU C 204 -25.45 27.81 0.74
C GLU C 204 -26.17 27.14 1.91
N ASN C 205 -27.48 27.05 1.78
CA ASN C 205 -28.33 26.35 2.74
C ASN C 205 -28.75 25.02 2.14
N ILE C 206 -28.82 23.98 2.97
CA ILE C 206 -29.22 22.65 2.54
C ILE C 206 -30.29 22.13 3.49
N SER C 207 -31.36 21.60 2.92
CA SER C 207 -32.49 21.06 3.69
C SER C 207 -32.32 19.55 3.80
N THR C 208 -32.09 19.08 5.03
CA THR C 208 -31.89 17.66 5.30
C THR C 208 -33.00 17.17 6.24
N SER C 209 -33.03 15.86 6.43
CA SER C 209 -34.07 15.26 7.27
C SER C 209 -33.92 15.62 8.74
N THR C 210 -32.81 16.23 9.13
CA THR C 210 -32.58 16.67 10.51
C THR C 210 -32.47 18.18 10.57
N GLY C 211 -33.30 18.87 9.80
CA GLY C 211 -33.29 20.32 9.74
C GLY C 211 -32.47 20.82 8.56
N GLU C 212 -32.50 22.13 8.40
CA GLU C 212 -31.76 22.81 7.33
C GLU C 212 -30.47 23.36 7.91
N TYR C 213 -29.35 22.97 7.29
CA TYR C 213 -28.03 23.41 7.72
C TYR C 213 -27.45 24.36 6.69
N THR C 214 -26.50 25.19 7.15
CA THR C 214 -25.73 26.06 6.27
C THR C 214 -24.35 25.44 6.07
N ILE C 215 -24.00 25.17 4.82
CA ILE C 215 -22.75 24.50 4.46
C ILE C 215 -21.92 25.47 3.64
N MET C 216 -20.62 25.55 3.95
CA MET C 216 -19.72 26.52 3.37
C MET C 216 -18.77 25.81 2.42
N THR C 217 -18.76 26.23 1.16
CA THR C 217 -17.96 25.59 0.13
C THR C 217 -16.73 26.41 -0.20
N ALA C 218 -15.65 25.72 -0.57
CA ALA C 218 -14.41 26.36 -1.01
C ALA C 218 -13.85 25.54 -2.16
N HIS C 219 -13.90 26.10 -3.37
CA HIS C 219 -13.50 25.38 -4.57
C HIS C 219 -12.08 25.76 -4.98
N PHE C 220 -11.29 24.74 -5.35
CA PHE C 220 -9.92 24.92 -5.81
C PHE C 220 -9.84 24.47 -7.26
N HIS C 221 -9.67 25.43 -8.17
CA HIS C 221 -9.66 25.14 -9.60
C HIS C 221 -8.28 24.62 -10.02
N LEU C 222 -8.27 23.56 -10.82
CA LEU C 222 -7.05 22.89 -11.22
C LEU C 222 -7.01 22.73 -12.73
N LYS C 223 -5.86 23.05 -13.33
CA LYS C 223 -5.60 22.83 -14.75
C LYS C 223 -4.43 21.85 -14.84
N ARG C 224 -4.63 20.76 -15.59
CA ARG C 224 -3.66 19.68 -15.64
C ARG C 224 -2.45 20.07 -16.47
N LYS C 225 -1.28 19.59 -16.03
CA LYS C 225 -0.02 19.82 -16.72
C LYS C 225 0.28 18.61 -17.59
N ILE C 226 0.37 18.83 -18.91
CA ILE C 226 0.57 17.74 -19.87
C ILE C 226 2.03 17.36 -20.05
N GLY C 227 2.96 18.02 -19.36
CA GLY C 227 4.37 17.74 -19.60
C GLY C 227 4.70 16.27 -19.44
N TYR C 228 4.25 15.66 -18.35
CA TYR C 228 4.58 14.26 -18.11
C TYR C 228 4.05 13.35 -19.20
N PHE C 229 2.92 13.69 -19.81
CA PHE C 229 2.28 12.81 -20.77
C PHE C 229 2.89 12.95 -22.17
N VAL C 230 3.40 14.13 -22.51
CA VAL C 230 4.13 14.27 -23.77
C VAL C 230 5.35 13.35 -23.76
N ILE C 231 6.01 13.24 -22.61
CA ILE C 231 7.21 12.41 -22.52
C ILE C 231 6.83 10.93 -22.51
N GLN C 232 5.72 10.59 -21.87
CA GLN C 232 5.38 9.19 -21.64
C GLN C 232 4.66 8.57 -22.83
N THR C 233 3.70 9.29 -23.43
CA THR C 233 2.80 8.68 -24.41
C THR C 233 2.83 9.38 -25.76
N TYR C 234 2.54 10.67 -25.83
CA TYR C 234 2.41 11.34 -27.13
C TYR C 234 3.67 11.18 -27.97
N LEU C 235 4.83 11.50 -27.40
CA LEU C 235 6.06 11.47 -28.17
C LEU C 235 6.38 10.08 -28.71
N PRO C 236 6.41 9.01 -27.90
CA PRO C 236 6.70 7.69 -28.47
C PRO C 236 5.67 7.22 -29.48
N CYS C 237 4.40 7.56 -29.30
CA CYS C 237 3.40 7.18 -30.31
C CYS C 237 3.70 7.84 -31.65
N ILE C 238 4.03 9.13 -31.64
CA ILE C 238 4.36 9.83 -32.88
C ILE C 238 5.54 9.14 -33.55
N MET C 239 6.57 8.81 -32.77
CA MET C 239 7.74 8.16 -33.37
C MET C 239 7.39 6.78 -33.92
N THR C 240 6.39 6.11 -33.34
CA THR C 240 6.06 4.76 -33.79
C THR C 240 5.17 4.73 -35.01
N VAL C 241 4.43 5.80 -35.29
CA VAL C 241 3.70 5.86 -36.56
C VAL C 241 4.65 6.27 -37.68
N ILE C 242 5.57 7.19 -37.40
CA ILE C 242 6.61 7.52 -38.36
C ILE C 242 7.44 6.29 -38.68
N LEU C 243 7.68 5.45 -37.68
CA LEU C 243 8.36 4.18 -37.91
C LEU C 243 7.61 3.34 -38.93
N SER C 244 6.29 3.24 -38.78
CA SER C 244 5.52 2.41 -39.70
C SER C 244 5.59 2.96 -41.12
N GLN C 245 5.65 4.28 -41.27
CA GLN C 245 5.66 4.92 -42.58
C GLN C 245 7.01 4.84 -43.27
N VAL C 246 8.03 4.30 -42.61
CA VAL C 246 9.29 4.05 -43.28
C VAL C 246 9.13 2.95 -44.33
N SER C 247 8.16 2.06 -44.15
CA SER C 247 8.04 0.90 -45.02
C SER C 247 7.88 1.30 -46.48
N PHE C 248 7.24 2.44 -46.74
CA PHE C 248 6.95 2.83 -48.12
C PHE C 248 8.23 3.09 -48.92
N TRP C 249 9.33 3.39 -48.25
CA TRP C 249 10.59 3.70 -48.93
C TRP C 249 11.47 2.48 -49.14
N LEU C 250 11.05 1.32 -48.62
CA LEU C 250 11.81 0.09 -48.77
C LEU C 250 11.33 -0.70 -49.99
N ASN C 251 12.11 -1.70 -50.36
CA ASN C 251 11.83 -2.50 -51.56
C ASN C 251 10.44 -3.12 -51.48
N ARG C 252 9.61 -2.86 -52.49
CA ARG C 252 8.27 -3.41 -52.51
C ARG C 252 8.27 -4.89 -52.82
N GLU C 253 9.25 -5.36 -53.60
CA GLU C 253 9.31 -6.75 -54.00
C GLU C 253 9.90 -7.65 -52.92
N SER C 254 10.53 -7.08 -51.89
CA SER C 254 11.07 -7.86 -50.79
C SER C 254 9.94 -8.13 -49.80
N VAL C 255 9.21 -9.22 -50.04
CA VAL C 255 8.03 -9.52 -49.22
C VAL C 255 8.42 -9.72 -47.75
N PRO C 256 9.45 -10.49 -47.41
CA PRO C 256 9.78 -10.64 -45.99
C PRO C 256 10.16 -9.33 -45.32
N ALA C 257 10.98 -8.50 -45.98
CA ALA C 257 11.37 -7.23 -45.39
C ALA C 257 10.16 -6.37 -45.09
N ARG C 258 9.33 -6.13 -46.10
CA ARG C 258 8.15 -5.30 -45.90
C ARG C 258 7.14 -5.95 -44.95
N THR C 259 7.03 -7.28 -44.97
CA THR C 259 6.07 -7.95 -44.11
C THR C 259 6.50 -7.89 -42.64
N VAL C 260 7.74 -8.30 -42.35
CA VAL C 260 8.20 -8.29 -40.97
C VAL C 260 8.24 -6.87 -40.44
N PHE C 261 8.53 -5.89 -41.29
CA PHE C 261 8.55 -4.50 -40.84
C PHE C 261 7.16 -4.04 -40.45
N GLY C 262 6.16 -4.36 -41.27
CA GLY C 262 4.81 -3.92 -40.98
C GLY C 262 4.25 -4.55 -39.72
N VAL C 263 4.54 -5.83 -39.49
CA VAL C 263 3.95 -6.51 -38.34
C VAL C 263 4.68 -6.14 -37.06
N THR C 264 6.01 -5.99 -37.11
CA THR C 264 6.75 -5.64 -35.91
C THR C 264 6.39 -4.25 -35.40
N THR C 265 6.14 -3.31 -36.32
CA THR C 265 5.74 -1.98 -35.89
C THR C 265 4.35 -2.01 -35.24
N VAL C 266 3.45 -2.84 -35.76
CA VAL C 266 2.16 -3.02 -35.10
C VAL C 266 2.38 -3.61 -33.71
N LEU C 267 3.27 -4.61 -33.60
CA LEU C 267 3.63 -5.12 -32.28
C LEU C 267 4.21 -4.01 -31.42
N THR C 268 5.00 -3.11 -32.03
CA THR C 268 5.56 -1.99 -31.27
C THR C 268 4.45 -1.08 -30.76
N MET C 269 3.55 -0.67 -31.66
CA MET C 269 2.44 0.17 -31.26
C MET C 269 1.50 -0.55 -30.30
N THR C 270 1.28 -1.85 -30.52
CA THR C 270 0.49 -2.63 -29.59
C THR C 270 1.16 -2.69 -28.22
N THR C 271 2.48 -2.81 -28.19
CA THR C 271 3.20 -2.77 -26.92
C THR C 271 3.08 -1.40 -26.28
N LEU C 272 3.22 -0.33 -27.07
CA LEU C 272 3.18 1.02 -26.52
C LEU C 272 1.81 1.35 -25.95
N SER C 273 0.74 0.93 -26.62
CA SER C 273 -0.60 1.22 -26.12
C SER C 273 -0.90 0.41 -24.85
N ILE C 274 -0.31 -0.78 -24.73
CA ILE C 274 -0.51 -1.58 -23.53
C ILE C 274 0.13 -0.89 -22.33
N SER C 275 1.35 -0.37 -22.50
CA SER C 275 2.02 0.30 -21.39
C SER C 275 1.33 1.60 -21.01
N ALA C 276 0.96 2.41 -21.99
CA ALA C 276 0.28 3.67 -21.69
C ALA C 276 -1.02 3.44 -20.92
N ARG C 277 -1.64 2.28 -21.09
CA ARG C 277 -2.93 2.02 -20.46
C ARG C 277 -2.83 1.97 -18.94
N ASN C 278 -1.71 1.48 -18.41
CA ASN C 278 -1.61 1.26 -16.96
C ASN C 278 -1.60 2.58 -16.19
N SER C 279 -0.93 3.60 -16.73
CA SER C 279 -0.78 4.87 -16.03
C SER C 279 -1.98 5.80 -16.17
N LEU C 280 -2.96 5.48 -17.02
CA LEU C 280 -4.07 6.38 -17.26
C LEU C 280 -5.24 6.09 -16.33
N PRO C 281 -6.10 7.08 -16.07
CA PRO C 281 -7.25 6.85 -15.20
C PRO C 281 -8.17 5.75 -15.74
N LYS C 282 -8.71 4.95 -14.83
CA LYS C 282 -9.53 3.80 -15.20
C LYS C 282 -11.01 4.19 -15.26
N VAL C 283 -11.31 5.16 -16.13
CA VAL C 283 -12.69 5.59 -16.35
C VAL C 283 -13.31 4.68 -17.41
N ALA C 284 -14.61 4.82 -17.64
CA ALA C 284 -15.33 3.98 -18.59
C ALA C 284 -15.81 4.77 -19.81
N TYR C 285 -15.11 5.83 -20.17
CA TYR C 285 -15.41 6.60 -21.37
C TYR C 285 -14.10 6.93 -22.08
N ALA C 286 -14.23 7.45 -23.30
CA ALA C 286 -13.08 7.74 -24.14
C ALA C 286 -12.41 9.04 -23.72
N THR C 287 -11.10 8.99 -23.54
CA THR C 287 -10.30 10.15 -23.12
C THR C 287 -9.62 10.76 -24.33
N ALA C 288 -9.30 12.05 -24.22
CA ALA C 288 -8.66 12.75 -25.33
C ALA C 288 -7.40 12.02 -25.78
N MET C 289 -6.67 11.44 -24.83
CA MET C 289 -5.51 10.66 -25.21
C MET C 289 -5.92 9.35 -25.87
N ASP C 290 -6.95 8.68 -25.32
CA ASP C 290 -7.43 7.43 -25.89
C ASP C 290 -7.66 7.54 -27.40
N TRP C 291 -8.10 8.71 -27.86
CA TRP C 291 -8.27 8.89 -29.30
C TRP C 291 -6.91 9.01 -29.99
N PHE C 292 -5.97 9.73 -29.38
CA PHE C 292 -4.66 9.87 -29.99
C PHE C 292 -3.98 8.53 -30.16
N ILE C 293 -4.05 7.67 -29.13
CA ILE C 293 -3.50 6.33 -29.26
C ILE C 293 -4.27 5.53 -30.31
N ALA C 294 -5.60 5.66 -30.32
CA ALA C 294 -6.41 4.93 -31.29
C ALA C 294 -6.02 5.28 -32.71
N VAL C 295 -6.01 6.58 -33.03
CA VAL C 295 -5.67 7.00 -34.39
C VAL C 295 -4.27 6.52 -34.75
N CYS C 296 -3.33 6.65 -33.83
CA CYS C 296 -1.97 6.21 -34.12
C CYS C 296 -1.93 4.72 -34.44
N TYR C 297 -2.63 3.90 -33.64
CA TYR C 297 -2.71 2.49 -33.98
C TYR C 297 -3.30 2.31 -35.38
N ALA C 298 -4.31 3.11 -35.72
CA ALA C 298 -4.87 3.02 -37.07
C ALA C 298 -3.84 3.41 -38.11
N PHE C 299 -3.00 4.40 -37.81
CA PHE C 299 -1.96 4.78 -38.76
C PHE C 299 -0.90 3.70 -38.90
N VAL C 300 -0.61 2.98 -37.81
CA VAL C 300 0.32 1.86 -37.90
C VAL C 300 -0.37 0.67 -38.57
N PHE C 301 -1.62 0.38 -38.19
CA PHE C 301 -2.34 -0.70 -38.84
C PHE C 301 -2.56 -0.40 -40.31
N SER C 302 -2.83 0.86 -40.65
CA SER C 302 -3.08 1.23 -42.04
C SER C 302 -1.84 1.02 -42.89
N ALA C 303 -0.68 1.45 -42.40
CA ALA C 303 0.56 1.26 -43.14
C ALA C 303 0.77 -0.21 -43.47
N LEU C 304 0.33 -1.11 -42.60
CA LEU C 304 0.44 -2.54 -42.88
C LEU C 304 -0.56 -2.96 -43.94
N ILE C 305 -1.82 -2.59 -43.77
CA ILE C 305 -2.81 -2.89 -44.80
C ILE C 305 -2.38 -2.30 -46.14
N GLU C 306 -1.71 -1.15 -46.11
CA GLU C 306 -1.23 -0.55 -47.36
C GLU C 306 -0.34 -1.53 -48.12
N PHE C 307 0.59 -2.19 -47.42
CA PHE C 307 1.47 -3.13 -48.10
C PHE C 307 0.71 -4.37 -48.54
N ALA C 308 -0.17 -4.89 -47.67
CA ALA C 308 -0.97 -6.05 -48.06
C ALA C 308 -1.68 -5.81 -49.38
N THR C 309 -2.14 -4.58 -49.61
CA THR C 309 -2.71 -4.24 -50.91
C THR C 309 -1.64 -4.17 -51.98
N VAL C 310 -0.52 -3.49 -51.68
CA VAL C 310 0.58 -3.42 -52.63
C VAL C 310 0.98 -4.81 -53.08
N ASN C 311 1.15 -5.72 -52.12
CA ASN C 311 1.55 -7.08 -52.46
C ASN C 311 0.47 -7.84 -53.20
N TYR C 312 -0.80 -7.60 -52.87
CA TYR C 312 -1.88 -8.31 -53.54
C TYR C 312 -1.94 -7.96 -55.03
N PHE C 313 -1.58 -6.73 -55.39
CA PHE C 313 -1.62 -6.30 -56.79
C PHE C 313 -0.31 -6.51 -57.53
N THR C 314 0.74 -6.98 -56.87
CA THR C 314 2.05 -7.01 -57.51
C THR C 314 2.09 -7.94 -58.72
N LYS C 315 1.33 -9.04 -58.68
CA LYS C 315 1.42 -10.02 -59.76
C LYS C 315 0.83 -9.51 -61.06
N SER C 316 -0.45 -9.12 -61.04
CA SER C 316 -1.14 -8.73 -62.26
C SER C 316 -1.17 -7.23 -62.49
N GLN C 317 -1.04 -6.42 -61.44
CA GLN C 317 -1.12 -4.97 -61.53
C GLN C 317 0.03 -4.30 -60.80
N PRO C 318 1.27 -4.58 -61.22
CA PRO C 318 2.42 -3.99 -60.52
C PRO C 318 2.50 -2.48 -60.66
N ALA C 319 2.06 -1.92 -61.80
CA ALA C 319 2.05 -0.47 -61.96
C ALA C 319 1.12 0.18 -60.95
N ARG C 320 -0.01 -0.46 -60.65
CA ARG C 320 -0.92 0.05 -59.62
C ARG C 320 -0.29 -0.06 -58.25
N ALA C 321 0.36 -1.19 -57.96
CA ALA C 321 1.01 -1.37 -56.67
C ALA C 321 2.18 -0.42 -56.46
N ALA C 322 2.75 0.11 -57.54
CA ALA C 322 3.83 1.09 -57.40
C ALA C 322 3.28 2.48 -57.10
N LYS C 323 2.20 2.87 -57.78
CA LYS C 323 1.59 4.17 -57.53
C LYS C 323 1.06 4.25 -56.11
N ILE C 324 0.48 3.17 -55.61
CA ILE C 324 -0.04 3.14 -54.24
C ILE C 324 1.08 3.44 -53.25
N ASP C 325 2.21 2.74 -53.41
CA ASP C 325 3.32 2.92 -52.47
C ASP C 325 3.89 4.32 -52.58
N LYS C 326 4.14 4.80 -53.81
CA LYS C 326 4.71 6.13 -53.98
C LYS C 326 3.74 7.20 -53.50
N MET C 327 2.45 7.07 -53.82
CA MET C 327 1.47 8.03 -53.31
C MET C 327 1.42 7.99 -51.80
N SER C 328 1.45 6.79 -51.22
CA SER C 328 1.41 6.66 -49.76
C SER C 328 2.57 7.36 -49.08
N ARG C 329 3.68 7.58 -49.79
CA ARG C 329 4.82 8.24 -49.17
C ARG C 329 4.50 9.67 -48.74
N ILE C 330 3.58 10.32 -49.44
CA ILE C 330 3.21 11.69 -49.13
C ILE C 330 1.84 11.77 -48.45
N VAL C 331 0.90 10.92 -48.87
CA VAL C 331 -0.45 10.98 -48.31
C VAL C 331 -0.42 10.65 -46.82
N PHE C 332 0.27 9.59 -46.45
CA PHE C 332 0.31 9.18 -45.04
C PHE C 332 0.82 10.30 -44.14
N PRO C 333 2.04 10.80 -44.31
CA PRO C 333 2.53 11.86 -43.40
C PRO C 333 1.67 13.11 -43.44
N ILE C 334 1.17 13.49 -44.61
CA ILE C 334 0.28 14.65 -44.70
C ILE C 334 -0.97 14.43 -43.88
N LEU C 335 -1.49 13.20 -43.86
CA LEU C 335 -2.67 12.89 -43.08
C LEU C 335 -2.37 12.94 -41.58
N PHE C 336 -1.39 12.16 -41.13
CA PHE C 336 -1.04 12.19 -39.71
C PHE C 336 -0.59 13.58 -39.27
N GLY C 337 0.04 14.33 -40.18
CA GLY C 337 0.40 15.70 -39.84
C GLY C 337 -0.81 16.56 -39.56
N THR C 338 -1.79 16.53 -40.47
CA THR C 338 -3.00 17.33 -40.28
C THR C 338 -3.81 16.83 -39.09
N PHE C 339 -3.75 15.52 -38.80
CA PHE C 339 -4.44 15.01 -37.63
C PHE C 339 -3.95 15.72 -36.37
N ASN C 340 -2.63 15.80 -36.21
CA ASN C 340 -2.07 16.51 -35.07
C ASN C 340 -2.47 17.98 -35.07
N LEU C 341 -2.50 18.60 -36.25
CA LEU C 341 -2.90 20.00 -36.33
C LEU C 341 -4.30 20.20 -35.79
N VAL C 342 -5.20 19.24 -36.03
CA VAL C 342 -6.57 19.36 -35.55
C VAL C 342 -6.67 18.94 -34.09
N TYR C 343 -6.00 17.85 -33.73
CA TYR C 343 -6.07 17.35 -32.36
C TYR C 343 -5.62 18.41 -31.36
N TRP C 344 -4.40 18.90 -31.52
CA TRP C 344 -3.86 19.88 -30.57
C TRP C 344 -4.63 21.19 -30.63
N ALA C 345 -5.00 21.64 -31.84
CA ALA C 345 -5.73 22.90 -31.95
C ALA C 345 -7.09 22.81 -31.27
N THR C 346 -7.68 21.63 -31.24
CA THR C 346 -9.02 21.46 -30.66
C THR C 346 -8.96 21.44 -29.13
N TYR C 347 -8.10 20.59 -28.56
CA TYR C 347 -8.14 20.38 -27.12
C TYR C 347 -7.39 21.47 -26.35
N LEU C 348 -6.36 22.07 -26.94
CA LEU C 348 -5.64 23.14 -26.25
C LEU C 348 -6.46 24.42 -26.13
N ASN C 349 -7.70 24.43 -26.59
CA ASN C 349 -8.55 25.61 -26.47
C ASN C 349 -9.60 25.44 -25.37
N ILE D 15 13.00 8.91 49.08
CA ILE D 15 11.93 8.95 48.02
C ILE D 15 10.74 9.74 48.53
N THR D 16 10.49 9.68 49.85
CA THR D 16 9.38 10.44 50.43
C THR D 16 9.63 11.94 50.35
N ILE D 17 10.89 12.35 50.30
CA ILE D 17 11.22 13.77 50.17
C ILE D 17 10.73 14.31 48.84
N PHE D 18 10.98 13.57 47.76
CA PHE D 18 10.66 14.06 46.42
C PHE D 18 9.15 14.03 46.14
N THR D 19 8.41 13.16 46.81
CA THR D 19 6.96 13.14 46.61
C THR D 19 6.30 14.41 47.09
N ARG D 20 6.81 15.01 48.17
CA ARG D 20 6.27 16.28 48.64
C ARG D 20 6.73 17.45 47.78
N ILE D 21 7.97 17.39 47.27
CA ILE D 21 8.46 18.44 46.39
C ILE D 21 7.62 18.49 45.12
N LEU D 22 7.45 17.34 44.46
CA LEU D 22 6.60 17.28 43.27
C LEU D 22 5.18 17.74 43.60
N ASP D 23 4.59 17.18 44.65
CA ASP D 23 3.26 17.60 45.06
C ASP D 23 3.22 19.09 45.37
N GLY D 24 4.26 19.61 46.03
CA GLY D 24 4.29 21.03 46.33
C GLY D 24 4.35 21.90 45.08
N LEU D 25 5.19 21.51 44.12
CA LEU D 25 5.27 22.28 42.88
C LEU D 25 3.96 22.21 42.10
N LEU D 26 3.42 20.99 41.96
CA LEU D 26 2.20 20.79 41.19
C LEU D 26 0.94 21.20 41.95
N ASP D 27 1.04 21.35 43.28
CA ASP D 27 -0.09 21.86 44.06
C ASP D 27 -0.42 23.27 43.61
N GLY D 28 -1.62 23.44 43.05
CA GLY D 28 -2.03 24.74 42.56
C GLY D 28 -1.35 25.18 41.29
N TYR D 29 -0.68 24.27 40.59
CA TYR D 29 0.00 24.60 39.35
C TYR D 29 -0.99 24.59 38.20
N ASP D 30 -1.05 25.68 37.45
CA ASP D 30 -1.98 25.84 36.34
C ASP D 30 -1.20 25.68 35.05
N ASN D 31 -1.25 24.48 34.46
CA ASN D 31 -0.55 24.22 33.22
C ASN D 31 -1.19 24.90 32.02
N ARG D 32 -2.41 25.45 32.17
CA ARG D 32 -3.07 26.14 31.08
C ARG D 32 -2.40 27.46 30.72
N LEU D 33 -1.68 28.06 31.66
CA LEU D 33 -1.02 29.35 31.46
C LEU D 33 0.46 29.14 31.17
N ARG D 34 1.00 29.94 30.26
CA ARG D 34 2.42 29.84 29.98
C ARG D 34 3.20 30.46 31.15
N PRO D 35 4.44 30.04 31.37
CA PRO D 35 5.22 30.61 32.48
C PRO D 35 5.57 32.06 32.22
N GLY D 36 5.38 32.89 33.24
CA GLY D 36 5.69 34.30 33.09
C GLY D 36 4.71 35.07 32.25
N LEU D 37 3.44 34.68 32.24
CA LEU D 37 2.45 35.41 31.46
C LEU D 37 2.32 36.83 31.98
N GLY D 38 2.39 37.79 31.07
CA GLY D 38 2.35 39.18 31.49
C GLY D 38 3.54 39.61 32.31
N GLU D 39 4.66 38.89 32.20
CA GLU D 39 5.84 39.20 32.99
C GLU D 39 7.12 39.03 32.18
N ARG D 40 7.35 37.84 31.63
CA ARG D 40 8.56 37.55 30.88
C ARG D 40 8.20 36.78 29.61
N ILE D 41 9.13 36.81 28.65
CA ILE D 41 8.98 36.03 27.43
C ILE D 41 9.66 34.68 27.63
N THR D 42 8.92 33.60 27.36
CA THR D 42 9.45 32.26 27.53
C THR D 42 10.41 31.97 26.37
N GLN D 43 11.71 31.94 26.65
CA GLN D 43 12.71 31.63 25.65
C GLN D 43 13.03 30.15 25.69
N VAL D 44 13.01 29.51 24.52
CA VAL D 44 13.19 28.07 24.41
C VAL D 44 14.43 27.81 23.57
N ARG D 45 15.40 27.10 24.16
CA ARG D 45 16.61 26.68 23.46
C ARG D 45 16.33 25.31 22.85
N THR D 46 16.33 25.24 21.53
CA THR D 46 15.94 24.01 20.83
C THR D 46 17.17 23.28 20.31
N ASP D 47 17.26 21.99 20.63
CA ASP D 47 18.29 21.09 20.14
C ASP D 47 17.64 20.00 19.30
N MET D 48 18.47 19.28 18.55
CA MET D 48 17.96 18.25 17.65
C MET D 48 19.06 17.22 17.39
N TYR D 49 18.67 15.95 17.32
CA TYR D 49 19.59 14.86 17.01
C TYR D 49 18.90 13.91 16.04
N VAL D 50 19.41 13.82 14.82
CA VAL D 50 18.79 13.00 13.78
C VAL D 50 19.23 11.55 13.99
N ASN D 51 18.36 10.75 14.61
CA ASN D 51 18.67 9.34 14.80
C ASN D 51 18.69 8.59 13.47
N SER D 52 17.77 8.94 12.56
CA SER D 52 17.71 8.32 11.25
C SER D 52 17.07 9.27 10.27
N PHE D 53 17.60 9.30 9.05
CA PHE D 53 17.04 10.08 7.95
C PHE D 53 16.21 9.11 7.11
N GLY D 54 14.90 9.11 7.34
CA GLY D 54 14.02 8.16 6.70
C GLY D 54 14.06 8.25 5.20
N PRO D 55 13.31 7.38 4.52
CA PRO D 55 13.34 7.36 3.06
C PRO D 55 12.90 8.69 2.48
N VAL D 56 13.63 9.16 1.48
CA VAL D 56 13.29 10.36 0.74
C VAL D 56 12.55 9.94 -0.53
N SER D 57 11.57 10.74 -0.92
CA SER D 57 10.72 10.44 -2.08
C SER D 57 10.79 11.61 -3.05
N ASP D 58 11.36 11.37 -4.24
CA ASP D 58 11.38 12.35 -5.31
C ASP D 58 10.08 12.40 -6.10
N THR D 59 9.19 11.43 -5.89
CA THR D 59 7.86 11.45 -6.51
C THR D 59 6.87 12.23 -5.66
N GLU D 60 6.73 11.87 -4.38
CA GLU D 60 5.83 12.55 -3.47
C GLU D 60 6.42 13.85 -2.91
N MET D 61 7.68 14.14 -3.20
CA MET D 61 8.34 15.37 -2.75
C MET D 61 8.24 15.50 -1.22
N GLU D 62 8.76 14.49 -0.53
CA GLU D 62 8.76 14.49 0.92
C GLU D 62 9.92 13.63 1.40
N TYR D 63 10.17 13.70 2.70
CA TYR D 63 11.21 12.89 3.33
C TYR D 63 10.81 12.61 4.77
N THR D 64 11.20 11.44 5.25
CA THR D 64 10.98 11.05 6.63
C THR D 64 12.27 11.21 7.42
N ILE D 65 12.14 11.58 8.69
CA ILE D 65 13.29 11.82 9.55
C ILE D 65 12.91 11.45 10.97
N ASP D 66 13.88 10.85 11.68
CA ASP D 66 13.69 10.42 13.06
C ASP D 66 14.67 11.21 13.93
N ILE D 67 14.12 12.04 14.83
CA ILE D 67 14.93 12.96 15.61
C ILE D 67 14.58 12.84 17.09
N PHE D 68 15.55 13.22 17.93
CA PHE D 68 15.32 13.49 19.35
C PHE D 68 15.22 15.01 19.49
N PHE D 69 14.01 15.52 19.67
CA PHE D 69 13.76 16.96 19.67
C PHE D 69 13.73 17.46 21.11
N ALA D 70 14.77 18.20 21.50
CA ALA D 70 14.90 18.70 22.87
C ALA D 70 14.58 20.17 22.94
N GLN D 71 13.96 20.59 24.05
CA GLN D 71 13.63 21.97 24.30
C GLN D 71 13.82 22.27 25.78
N THR D 72 14.41 23.43 26.08
CA THR D 72 14.64 23.83 27.46
C THR D 72 14.30 25.31 27.62
N TRP D 73 13.58 25.63 28.69
CA TRP D 73 13.17 26.99 29.00
C TRP D 73 13.19 27.15 30.52
N LYS D 74 12.88 28.35 30.99
CA LYS D 74 12.88 28.67 32.40
C LYS D 74 11.46 28.93 32.88
N ASP D 75 11.06 28.23 33.94
CA ASP D 75 9.74 28.37 34.54
C ASP D 75 9.92 28.55 36.05
N GLU D 76 9.63 29.75 36.54
CA GLU D 76 9.85 30.04 37.96
C GLU D 76 8.95 29.20 38.85
N ARG D 77 7.74 28.87 38.40
CA ARG D 77 6.84 28.10 39.23
C ARG D 77 7.45 26.75 39.63
N LEU D 78 8.31 26.20 38.79
CA LEU D 78 8.98 24.93 39.07
C LEU D 78 10.25 25.11 39.86
N ARG D 79 10.57 26.33 40.29
CA ARG D 79 11.75 26.58 41.10
C ARG D 79 11.56 25.96 42.48
N PHE D 80 12.50 25.11 42.87
CA PHE D 80 12.40 24.38 44.13
C PHE D 80 13.75 24.39 44.83
N LYS D 81 13.71 24.02 46.12
CA LYS D 81 14.91 23.88 46.93
C LYS D 81 14.92 22.50 47.55
N GLY D 82 16.01 21.76 47.34
CA GLY D 82 16.14 20.43 47.87
C GLY D 82 17.57 19.93 47.80
N PRO D 83 17.79 18.69 48.25
CA PRO D 83 19.15 18.13 48.18
C PRO D 83 19.62 17.88 46.76
N MET D 84 18.75 17.34 45.91
CA MET D 84 19.13 17.06 44.52
C MET D 84 19.19 18.35 43.71
N GLN D 85 20.13 18.38 42.77
CA GLN D 85 20.26 19.51 41.84
C GLN D 85 19.37 19.38 40.62
N ARG D 86 18.96 18.15 40.28
CA ARG D 86 18.10 17.88 39.15
C ARG D 86 17.04 16.88 39.56
N LEU D 87 15.91 16.91 38.86
CA LEU D 87 14.80 15.99 39.12
C LEU D 87 14.58 15.11 37.90
N PRO D 88 15.13 13.90 37.87
CA PRO D 88 14.86 13.00 36.73
C PRO D 88 13.43 12.47 36.80
N LEU D 89 12.65 12.78 35.78
CA LEU D 89 11.23 12.44 35.76
C LEU D 89 10.86 11.92 34.38
N ASP D 90 9.69 11.27 34.32
CA ASP D 90 9.19 10.65 33.12
C ASP D 90 8.07 11.51 32.52
N ASN D 91 7.26 10.93 31.65
CA ASN D 91 6.14 11.65 31.06
C ASN D 91 5.01 11.88 32.06
N ARG D 92 4.95 11.08 33.13
CA ARG D 92 3.89 11.24 34.11
C ARG D 92 3.85 12.65 34.68
N VAL D 93 4.95 13.38 34.62
CA VAL D 93 5.01 14.76 35.13
C VAL D 93 4.93 15.72 33.96
N ALA D 94 5.48 15.31 32.80
CA ALA D 94 5.45 16.17 31.62
C ALA D 94 4.02 16.52 31.23
N ASP D 95 3.06 15.65 31.52
CA ASP D 95 1.66 15.95 31.23
C ASP D 95 1.08 16.92 32.25
N GLN D 96 1.56 16.89 33.49
CA GLN D 96 1.01 17.74 34.54
C GLN D 96 1.55 19.17 34.49
N ILE D 97 2.64 19.39 33.78
CA ILE D 97 3.24 20.72 33.72
C ILE D 97 2.95 21.38 32.39
N TRP D 98 3.36 22.64 32.25
CA TRP D 98 3.23 23.35 30.98
C TRP D 98 4.42 23.02 30.07
N THR D 99 4.14 22.89 28.79
CA THR D 99 5.15 22.63 27.78
C THR D 99 4.82 23.45 26.54
N PRO D 100 5.84 23.85 25.76
CA PRO D 100 5.56 24.59 24.52
C PRO D 100 4.92 23.68 23.48
N ASP D 101 3.83 24.17 22.88
CA ASP D 101 3.11 23.42 21.85
C ASP D 101 3.82 23.56 20.49
N THR D 102 5.07 23.11 20.48
CA THR D 102 5.88 23.23 19.27
C THR D 102 5.37 22.28 18.19
N PHE D 103 5.11 22.83 17.01
CA PHE D 103 4.66 22.05 15.86
C PHE D 103 5.57 22.34 14.67
N PHE D 104 5.63 21.38 13.74
CA PHE D 104 6.49 21.46 12.57
C PHE D 104 5.66 21.94 11.38
N HIS D 105 6.08 23.07 10.80
CA HIS D 105 5.23 23.75 9.82
C HIS D 105 5.10 22.94 8.54
N ASN D 106 6.22 22.47 7.97
CA ASN D 106 6.19 21.74 6.71
C ASN D 106 5.85 20.26 6.88
N ASP D 107 5.41 19.86 8.07
CA ASP D 107 5.11 18.46 8.34
C ASP D 107 3.91 17.99 7.53
N LYS D 108 3.97 16.74 7.09
CA LYS D 108 2.83 16.05 6.50
C LYS D 108 2.15 15.09 7.48
N LYS D 109 2.93 14.33 8.25
CA LYS D 109 2.40 13.46 9.28
C LYS D 109 3.52 13.15 10.26
N SER D 110 3.21 13.20 11.55
CA SER D 110 4.21 12.99 12.60
C SER D 110 3.62 12.15 13.71
N PHE D 111 4.50 11.47 14.44
CA PHE D 111 4.09 10.67 15.59
C PHE D 111 5.28 10.50 16.54
N ALA D 112 4.98 10.47 17.83
CA ALA D 112 5.99 10.29 18.87
C ALA D 112 5.99 8.84 19.34
N HIS D 113 7.17 8.23 19.40
CA HIS D 113 7.29 6.82 19.77
C HIS D 113 6.78 6.59 21.19
N GLY D 114 6.10 5.46 21.39
CA GLY D 114 5.37 5.22 22.63
C GLY D 114 5.76 4.02 23.45
N MET D 115 6.58 3.11 22.90
CA MET D 115 6.98 1.90 23.60
C MET D 115 8.33 2.13 24.29
N THR D 116 8.44 1.76 25.56
CA THR D 116 7.41 1.18 26.44
C THR D 116 6.37 2.23 26.81
N THR D 117 6.84 3.38 27.27
CA THR D 117 6.01 4.52 27.61
C THR D 117 6.35 5.68 26.70
N PRO D 118 5.43 6.65 26.51
CA PRO D 118 5.72 7.78 25.63
C PRO D 118 7.09 8.40 25.91
N ASN D 119 7.99 8.29 24.94
CA ASN D 119 9.38 8.71 25.11
C ASN D 119 9.42 10.22 25.31
N LYS D 120 9.17 10.65 26.54
CA LYS D 120 9.32 12.04 26.95
C LYS D 120 10.14 12.06 28.22
N MET D 121 11.27 12.77 28.18
CA MET D 121 12.17 12.90 29.31
C MET D 121 12.03 14.29 29.89
N LEU D 122 11.80 14.38 31.19
CA LEU D 122 11.65 15.64 31.89
C LEU D 122 12.70 15.75 32.98
N ARG D 123 13.34 16.91 33.06
CA ARG D 123 14.32 17.19 34.10
C ARG D 123 14.15 18.63 34.53
N ILE D 124 14.06 18.84 35.84
CA ILE D 124 13.81 20.16 36.43
C ILE D 124 14.97 20.49 37.34
N TRP D 125 15.66 21.60 37.06
CA TRP D 125 16.75 22.06 37.90
C TRP D 125 16.22 23.02 38.96
N ASN D 126 17.09 23.34 39.92
CA ASN D 126 16.70 24.23 41.01
C ASN D 126 16.21 25.56 40.48
N ASP D 127 16.97 26.18 39.56
CA ASP D 127 16.64 27.51 39.10
C ASP D 127 15.32 27.58 38.35
N GLY D 128 14.68 26.44 38.08
CA GLY D 128 13.44 26.39 37.36
C GLY D 128 13.57 26.06 35.88
N ARG D 129 14.80 25.96 35.36
CA ARG D 129 14.97 25.56 33.97
C ARG D 129 14.51 24.12 33.78
N VAL D 130 13.73 23.90 32.72
CA VAL D 130 13.16 22.59 32.42
C VAL D 130 13.83 22.06 31.16
N LEU D 131 13.90 20.73 31.07
CA LEU D 131 14.37 20.05 29.87
C LEU D 131 13.29 19.07 29.44
N TYR D 132 12.76 19.27 28.23
CA TYR D 132 11.64 18.49 27.72
C TYR D 132 11.98 18.03 26.31
N THR D 133 12.43 16.79 26.18
CA THR D 133 12.84 16.21 24.90
C THR D 133 11.95 15.01 24.58
N MET D 134 11.81 14.73 23.28
CA MET D 134 10.99 13.63 22.82
C MET D 134 11.58 13.08 21.53
N ARG D 135 11.10 11.90 21.13
CA ARG D 135 11.52 11.24 19.91
C ARG D 135 10.41 11.34 18.88
N LEU D 136 10.75 11.80 17.68
CA LEU D 136 9.77 12.06 16.63
C LEU D 136 10.22 11.47 15.31
N THR D 137 9.31 10.72 14.68
CA THR D 137 9.42 10.33 13.28
C THR D 137 8.41 11.17 12.50
N ILE D 138 8.90 11.99 11.58
CA ILE D 138 8.07 12.98 10.91
C ILE D 138 8.35 12.98 9.42
N SER D 139 7.29 13.01 8.63
CA SER D 139 7.39 13.12 7.18
C SER D 139 7.12 14.57 6.82
N ALA D 140 8.17 15.28 6.40
CA ALA D 140 8.10 16.71 6.10
C ALA D 140 8.19 16.93 4.60
N GLU D 141 7.81 18.13 4.19
CA GLU D 141 7.81 18.49 2.78
C GLU D 141 9.22 18.82 2.30
N CYS D 142 9.46 18.57 1.02
CA CYS D 142 10.74 18.86 0.41
C CYS D 142 10.59 19.00 -1.10
N PRO D 143 10.26 20.17 -1.61
CA PRO D 143 10.18 20.34 -3.07
C PRO D 143 11.53 20.09 -3.73
N MET D 144 11.48 19.67 -5.00
CA MET D 144 12.68 19.31 -5.74
C MET D 144 12.57 19.79 -7.18
N ASP D 145 13.70 20.25 -7.71
CA ASP D 145 13.82 20.63 -9.12
C ASP D 145 14.67 19.55 -9.80
N LEU D 146 13.99 18.54 -10.35
CA LEU D 146 14.64 17.37 -10.93
C LEU D 146 15.07 17.58 -12.37
N GLU D 147 15.52 18.78 -12.72
CA GLU D 147 15.97 19.03 -14.08
C GLU D 147 17.26 18.28 -14.38
N ASP D 148 18.16 18.21 -13.41
CA ASP D 148 19.42 17.50 -13.58
C ASP D 148 19.36 16.06 -13.08
N PHE D 149 18.19 15.59 -12.65
CA PHE D 149 18.03 14.21 -12.21
C PHE D 149 18.56 13.27 -13.29
N PRO D 150 19.34 12.24 -12.92
CA PRO D 150 19.72 11.79 -11.57
C PRO D 150 21.01 12.41 -11.05
N MET D 151 21.67 13.28 -11.81
CA MET D 151 22.81 14.05 -11.31
C MET D 151 22.28 15.29 -10.59
N ASP D 152 21.66 15.03 -9.43
CA ASP D 152 20.76 15.97 -8.79
C ASP D 152 21.31 16.39 -7.42
N GLU D 153 20.79 17.53 -6.95
CA GLU D 153 21.06 18.02 -5.61
C GLU D 153 19.80 18.68 -5.07
N GLN D 154 19.38 18.27 -3.89
CA GLN D 154 18.17 18.79 -3.26
C GLN D 154 18.47 19.25 -1.85
N ASN D 155 17.61 20.12 -1.34
CA ASN D 155 17.74 20.68 0.00
C ASN D 155 16.38 20.59 0.68
N CYS D 156 16.28 19.72 1.69
CA CYS D 156 15.00 19.50 2.36
C CYS D 156 14.98 20.28 3.67
N PRO D 157 14.03 21.18 3.88
CA PRO D 157 14.00 21.95 5.12
C PRO D 157 13.16 21.25 6.19
N LEU D 158 13.30 21.76 7.42
CA LEU D 158 12.52 21.29 8.56
C LEU D 158 12.23 22.51 9.43
N LYS D 159 11.01 23.01 9.34
CA LYS D 159 10.61 24.23 10.03
C LYS D 159 9.70 23.87 11.20
N PHE D 160 9.95 24.50 12.35
CA PHE D 160 9.17 24.23 13.54
C PHE D 160 9.10 25.49 14.41
N GLY D 161 7.93 25.72 14.99
CA GLY D 161 7.73 26.82 15.88
C GLY D 161 6.55 26.56 16.79
N SER D 162 6.19 27.58 17.57
CA SER D 162 5.05 27.46 18.46
C SER D 162 3.75 27.73 17.71
N TYR D 163 2.71 26.97 18.04
CA TYR D 163 1.45 27.07 17.33
C TYR D 163 0.55 28.18 17.88
N ALA D 164 0.58 28.43 19.18
CA ALA D 164 -0.32 29.36 19.83
C ALA D 164 0.34 30.60 20.39
N TYR D 165 1.66 30.61 20.45
CA TYR D 165 2.37 31.69 21.14
C TYR D 165 3.20 32.50 20.14
N PRO D 166 2.82 33.81 19.80
CA PRO D 166 3.69 34.57 18.91
C PRO D 166 5.06 34.91 19.48
N ASN D 167 5.79 35.79 18.78
CA ASN D 167 7.10 36.21 19.27
C ASN D 167 7.00 36.90 20.62
N SER D 168 5.96 37.72 20.81
CA SER D 168 5.84 38.46 22.06
C SER D 168 5.74 37.53 23.27
N GLU D 169 5.11 36.37 23.09
CA GLU D 169 4.85 35.46 24.20
C GLU D 169 5.90 34.36 24.32
N VAL D 170 6.43 33.88 23.20
CA VAL D 170 7.45 32.83 23.22
C VAL D 170 8.43 33.07 22.08
N VAL D 171 9.70 32.75 22.33
CA VAL D 171 10.76 32.92 21.35
C VAL D 171 11.61 31.65 21.34
N TYR D 172 12.07 31.27 20.15
CA TYR D 172 12.92 30.10 19.97
C TYR D 172 14.32 30.51 19.56
N VAL D 173 15.30 29.76 20.03
CA VAL D 173 16.70 29.97 19.68
C VAL D 173 17.39 28.62 19.68
N TRP D 174 18.41 28.48 18.83
CA TRP D 174 19.15 27.24 18.77
C TRP D 174 20.15 27.17 19.91
N THR D 175 20.47 25.94 20.33
CA THR D 175 21.45 25.75 21.38
C THR D 175 22.83 26.16 20.88
N ASN D 176 23.52 26.99 21.67
CA ASN D 176 24.80 27.58 21.28
C ASN D 176 25.88 27.14 22.27
N GLY D 177 26.78 26.28 21.80
CA GLY D 177 27.99 25.97 22.54
C GLY D 177 28.06 24.56 23.10
N SER D 178 27.27 24.28 24.13
CA SER D 178 27.32 22.96 24.75
C SER D 178 26.87 21.89 23.76
N THR D 179 25.63 21.98 23.30
CA THR D 179 25.07 21.03 22.34
C THR D 179 24.99 21.67 20.96
N LYS D 180 25.42 20.93 19.95
CA LYS D 180 25.31 21.42 18.58
C LYS D 180 23.85 21.48 18.17
N SER D 181 23.51 22.50 17.36
CA SER D 181 22.12 22.72 16.98
C SER D 181 21.51 21.46 16.39
N VAL D 182 22.14 20.90 15.35
CA VAL D 182 21.65 19.70 14.68
C VAL D 182 22.78 18.68 14.63
N VAL D 183 22.51 17.47 15.11
CA VAL D 183 23.45 16.36 15.07
C VAL D 183 22.81 15.23 14.29
N VAL D 184 23.64 14.43 13.61
CA VAL D 184 23.17 13.36 12.75
C VAL D 184 23.92 12.08 13.09
N ALA D 185 23.18 10.99 13.26
CA ALA D 185 23.78 9.69 13.55
C ALA D 185 24.35 9.07 12.28
N GLU D 186 25.53 8.47 12.41
CA GLU D 186 26.19 7.88 11.24
C GLU D 186 25.43 6.68 10.69
N ASP D 187 24.70 5.96 11.54
CA ASP D 187 23.98 4.78 11.08
C ASP D 187 22.76 5.14 10.23
N GLY D 188 21.96 6.10 10.70
CA GLY D 188 20.68 6.36 10.05
C GLY D 188 20.75 7.20 8.79
N SER D 189 21.74 8.07 8.68
CA SER D 189 21.82 8.95 7.52
C SER D 189 22.09 8.18 6.22
N ARG D 190 22.44 6.90 6.30
CA ARG D 190 22.72 6.12 5.10
C ARG D 190 21.45 5.94 4.28
N LEU D 191 21.53 6.27 3.00
CA LEU D 191 20.39 6.15 2.09
C LEU D 191 20.84 5.41 0.83
N ASN D 192 19.92 4.65 0.25
CA ASN D 192 20.26 3.85 -0.92
C ASN D 192 20.57 4.73 -2.12
N GLN D 193 19.76 5.77 -2.35
CA GLN D 193 19.84 6.58 -3.55
C GLN D 193 20.29 8.01 -3.29
N TYR D 194 20.44 8.41 -2.03
CA TYR D 194 20.84 9.77 -1.69
C TYR D 194 22.05 9.74 -0.78
N HIS D 195 22.75 10.88 -0.71
CA HIS D 195 23.84 11.08 0.24
C HIS D 195 23.60 12.39 0.97
N LEU D 196 23.64 12.33 2.30
CA LEU D 196 23.43 13.52 3.13
C LEU D 196 24.72 14.32 3.16
N MET D 197 24.72 15.49 2.51
CA MET D 197 25.91 16.32 2.47
C MET D 197 26.18 16.98 3.82
N GLY D 198 25.18 17.66 4.37
CA GLY D 198 25.35 18.33 5.64
C GLY D 198 24.03 18.85 6.15
N GLN D 199 24.13 19.76 7.11
CA GLN D 199 22.95 20.36 7.72
C GLN D 199 23.17 21.85 7.92
N THR D 200 22.07 22.60 7.85
CA THR D 200 22.09 24.04 8.06
C THR D 200 20.91 24.41 8.95
N VAL D 201 21.16 25.30 9.90
CA VAL D 201 20.14 25.75 10.84
C VAL D 201 19.99 27.26 10.73
N GLY D 202 18.81 27.75 11.05
CA GLY D 202 18.55 29.17 10.99
C GLY D 202 17.27 29.52 11.71
N THR D 203 17.10 30.82 11.95
CA THR D 203 15.92 31.35 12.61
C THR D 203 15.38 32.50 11.78
N GLU D 204 14.06 32.66 11.79
CA GLU D 204 13.42 33.71 11.01
C GLU D 204 12.09 34.04 11.64
N ASN D 205 11.63 35.27 11.40
CA ASN D 205 10.33 35.74 11.85
C ASN D 205 9.38 35.77 10.67
N ILE D 206 8.12 35.42 10.93
CA ILE D 206 7.08 35.40 9.90
C ILE D 206 5.86 36.14 10.43
N SER D 207 5.28 37.01 9.60
CA SER D 207 4.10 37.79 9.96
C SER D 207 2.87 37.08 9.39
N THR D 208 2.02 36.56 10.27
CA THR D 208 0.81 35.86 9.90
C THR D 208 -0.40 36.63 10.43
N SER D 209 -1.60 36.19 10.02
CA SER D 209 -2.81 36.87 10.43
C SER D 209 -3.10 36.73 11.92
N THR D 210 -2.38 35.86 12.63
CA THR D 210 -2.55 35.68 14.07
C THR D 210 -1.28 36.07 14.82
N GLY D 211 -0.64 37.15 14.39
CA GLY D 211 0.59 37.62 15.02
C GLY D 211 1.84 37.14 14.30
N GLU D 212 2.97 37.64 14.80
CA GLU D 212 4.28 37.31 14.25
C GLU D 212 4.92 36.22 15.10
N TYR D 213 5.28 35.11 14.47
CA TYR D 213 5.91 33.98 15.14
C TYR D 213 7.36 33.84 14.70
N THR D 214 8.15 33.18 15.54
CA THR D 214 9.54 32.84 15.22
C THR D 214 9.58 31.35 14.85
N ILE D 215 10.03 31.06 13.64
CA ILE D 215 10.06 29.70 13.12
C ILE D 215 11.50 29.30 12.87
N MET D 216 11.86 28.09 13.26
CA MET D 216 13.23 27.61 13.26
C MET D 216 13.39 26.60 12.12
N THR D 217 14.32 26.87 11.21
CA THR D 217 14.52 26.04 10.04
C THR D 217 15.77 25.17 10.22
N ALA D 218 15.71 23.96 9.65
CA ALA D 218 16.84 23.03 9.65
C ALA D 218 16.87 22.36 8.29
N HIS D 219 17.86 22.71 7.47
CA HIS D 219 17.96 22.23 6.10
C HIS D 219 18.93 21.06 6.02
N PHE D 220 18.54 20.02 5.30
CA PHE D 220 19.36 18.83 5.09
C PHE D 220 19.69 18.73 3.61
N HIS D 221 20.96 18.96 3.27
CA HIS D 221 21.38 18.96 1.88
C HIS D 221 21.63 17.53 1.40
N LEU D 222 21.15 17.23 0.20
CA LEU D 222 21.18 15.89 -0.35
C LEU D 222 21.80 15.89 -1.74
N LYS D 223 22.69 14.92 -1.97
CA LYS D 223 23.28 14.68 -3.29
C LYS D 223 22.90 13.28 -3.75
N ARG D 224 22.33 13.18 -4.95
CA ARG D 224 21.82 11.91 -5.42
C ARG D 224 22.97 11.04 -5.92
N LYS D 225 22.82 9.73 -5.71
CA LYS D 225 23.78 8.72 -6.13
C LYS D 225 23.32 8.14 -7.45
N ILE D 226 24.13 8.31 -8.50
CA ILE D 226 23.76 7.88 -9.85
C ILE D 226 24.01 6.40 -10.08
N GLY D 227 24.56 5.69 -9.10
CA GLY D 227 24.89 4.30 -9.33
C GLY D 227 23.70 3.49 -9.80
N TYR D 228 22.57 3.63 -9.12
CA TYR D 228 21.40 2.83 -9.48
C TYR D 228 20.92 3.12 -10.89
N PHE D 229 21.08 4.35 -11.36
CA PHE D 229 20.55 4.73 -12.67
C PHE D 229 21.48 4.34 -13.81
N VAL D 230 22.79 4.35 -13.57
CA VAL D 230 23.73 3.84 -14.56
C VAL D 230 23.47 2.36 -14.83
N ILE D 231 23.14 1.61 -13.78
CA ILE D 231 22.90 0.18 -13.93
C ILE D 231 21.57 -0.07 -14.62
N GLN D 232 20.56 0.74 -14.33
CA GLN D 232 19.21 0.45 -14.81
C GLN D 232 18.98 0.95 -16.23
N THR D 233 19.44 2.16 -16.55
CA THR D 233 19.04 2.84 -17.77
C THR D 233 20.22 3.19 -18.67
N TYR D 234 21.19 3.97 -18.18
CA TYR D 234 22.26 4.46 -19.04
C TYR D 234 22.97 3.32 -19.76
N LEU D 235 23.43 2.32 -19.01
CA LEU D 235 24.21 1.25 -19.62
C LEU D 235 23.42 0.49 -20.67
N PRO D 236 22.23 -0.05 -20.40
CA PRO D 236 21.51 -0.78 -21.45
C PRO D 236 21.16 0.08 -22.65
N CYS D 237 20.88 1.37 -22.47
CA CYS D 237 20.64 2.24 -23.61
C CYS D 237 21.88 2.32 -24.49
N ILE D 238 23.06 2.51 -23.87
CA ILE D 238 24.28 2.61 -24.64
C ILE D 238 24.51 1.34 -25.46
N MET D 239 24.32 0.17 -24.84
CA MET D 239 24.52 -1.07 -25.57
C MET D 239 23.50 -1.23 -26.68
N THR D 240 22.30 -0.67 -26.50
CA THR D 240 21.24 -0.84 -27.51
C THR D 240 21.42 0.11 -28.68
N VAL D 241 22.11 1.24 -28.50
CA VAL D 241 22.47 2.05 -29.66
C VAL D 241 23.66 1.43 -30.39
N ILE D 242 24.61 0.87 -29.62
CA ILE D 242 25.69 0.09 -30.22
C ILE D 242 25.10 -1.09 -30.99
N LEU D 243 24.02 -1.67 -30.46
CA LEU D 243 23.31 -2.70 -31.20
C LEU D 243 22.82 -2.19 -32.54
N SER D 244 22.25 -0.97 -32.56
CA SER D 244 21.76 -0.42 -33.82
C SER D 244 22.89 -0.20 -34.81
N GLN D 245 24.07 0.17 -34.32
CA GLN D 245 25.21 0.47 -35.19
C GLN D 245 25.87 -0.78 -35.72
N VAL D 246 25.44 -1.96 -35.29
CA VAL D 246 25.91 -3.20 -35.91
C VAL D 246 25.38 -3.32 -37.33
N SER D 247 24.22 -2.71 -37.61
CA SER D 247 23.58 -2.90 -38.90
C SER D 247 24.45 -2.43 -40.06
N PHE D 248 25.26 -1.39 -39.85
CA PHE D 248 26.06 -0.83 -40.94
C PHE D 248 27.08 -1.82 -41.47
N TRP D 249 27.47 -2.82 -40.68
CA TRP D 249 28.47 -3.78 -41.07
C TRP D 249 27.88 -5.02 -41.75
N LEU D 250 26.57 -5.09 -41.87
CA LEU D 250 25.90 -6.23 -42.51
C LEU D 250 25.64 -5.95 -43.99
N ASN D 251 25.29 -7.00 -44.71
CA ASN D 251 25.08 -6.91 -46.15
C ASN D 251 23.97 -5.91 -46.48
N ARG D 252 24.29 -4.94 -47.34
CA ARG D 252 23.30 -3.93 -47.71
C ARG D 252 22.23 -4.47 -48.64
N GLU D 253 22.58 -5.46 -49.47
CA GLU D 253 21.64 -6.00 -50.44
C GLU D 253 20.65 -6.99 -49.83
N SER D 254 20.91 -7.46 -48.61
CA SER D 254 19.98 -8.36 -47.92
C SER D 254 18.93 -7.51 -47.24
N VAL D 255 17.87 -7.18 -47.99
CA VAL D 255 16.85 -6.28 -47.46
C VAL D 255 16.19 -6.84 -46.21
N PRO D 256 15.79 -8.11 -46.15
CA PRO D 256 15.17 -8.62 -44.91
C PRO D 256 16.10 -8.55 -43.72
N ALA D 257 17.37 -8.94 -43.88
CA ALA D 257 18.29 -8.93 -42.74
C ALA D 257 18.41 -7.52 -42.16
N ARG D 258 18.76 -6.55 -43.00
CA ARG D 258 18.91 -5.18 -42.51
C ARG D 258 17.59 -4.61 -42.02
N THR D 259 16.48 -5.00 -42.65
CA THR D 259 15.17 -4.47 -42.26
C THR D 259 14.75 -5.00 -40.90
N VAL D 260 14.77 -6.33 -40.73
CA VAL D 260 14.35 -6.90 -39.46
C VAL D 260 15.29 -6.49 -38.34
N PHE D 261 16.57 -6.33 -38.65
CA PHE D 261 17.52 -5.88 -37.64
C PHE D 261 17.22 -4.45 -37.21
N GLY D 262 16.95 -3.57 -38.19
CA GLY D 262 16.70 -2.18 -37.86
C GLY D 262 15.43 -2.00 -37.05
N VAL D 263 14.37 -2.76 -37.39
CA VAL D 263 13.10 -2.58 -36.71
C VAL D 263 13.10 -3.27 -35.35
N THR D 264 13.75 -4.43 -35.25
CA THR D 264 13.77 -5.14 -33.96
C THR D 264 14.52 -4.35 -32.90
N THR D 265 15.60 -3.65 -33.28
CA THR D 265 16.32 -2.84 -32.31
C THR D 265 15.48 -1.64 -31.88
N VAL D 266 14.70 -1.07 -32.80
CA VAL D 266 13.77 -0.01 -32.41
C VAL D 266 12.74 -0.54 -31.42
N LEU D 267 12.19 -1.73 -31.70
CA LEU D 267 11.32 -2.36 -30.72
C LEU D 267 12.07 -2.61 -29.41
N THR D 268 13.35 -2.97 -29.50
CA THR D 268 14.15 -3.18 -28.30
C THR D 268 14.33 -1.86 -27.55
N MET D 269 14.75 -0.81 -28.25
CA MET D 269 14.90 0.50 -27.62
C MET D 269 13.55 1.02 -27.14
N THR D 270 12.50 0.78 -27.91
CA THR D 270 11.17 1.18 -27.46
C THR D 270 10.78 0.44 -26.18
N THR D 271 11.12 -0.86 -26.10
CA THR D 271 10.86 -1.60 -24.88
C THR D 271 11.67 -1.06 -23.72
N LEU D 272 12.94 -0.74 -23.95
CA LEU D 272 13.79 -0.25 -22.87
C LEU D 272 13.30 1.08 -22.34
N SER D 273 12.84 1.96 -23.22
CA SER D 273 12.38 3.28 -22.76
C SER D 273 11.06 3.18 -22.00
N ILE D 274 10.23 2.19 -22.33
CA ILE D 274 8.96 2.03 -21.61
C ILE D 274 9.24 1.64 -20.16
N SER D 275 10.18 0.73 -19.94
CA SER D 275 10.47 0.30 -18.58
C SER D 275 11.13 1.41 -17.76
N ALA D 276 12.11 2.09 -18.35
CA ALA D 276 12.78 3.17 -17.62
C ALA D 276 11.81 4.27 -17.22
N ARG D 277 10.73 4.46 -18.00
CA ARG D 277 9.78 5.52 -17.71
C ARG D 277 9.04 5.28 -16.40
N ASN D 278 8.79 4.01 -16.06
CA ASN D 278 7.99 3.70 -14.88
C ASN D 278 8.72 4.05 -13.60
N SER D 279 10.04 3.84 -13.56
CA SER D 279 10.80 4.05 -12.34
C SER D 279 11.18 5.51 -12.12
N LEU D 280 10.94 6.39 -13.09
CA LEU D 280 11.37 7.78 -13.01
C LEU D 280 10.28 8.65 -12.38
N PRO D 281 10.66 9.78 -11.80
CA PRO D 281 9.65 10.66 -11.19
C PRO D 281 8.61 11.10 -12.20
N LYS D 282 7.36 11.20 -11.74
CA LYS D 282 6.26 11.57 -12.62
C LYS D 282 6.07 13.09 -12.60
N VAL D 283 7.15 13.78 -12.95
CA VAL D 283 7.12 15.25 -13.06
C VAL D 283 6.69 15.62 -14.46
N ALA D 284 6.46 16.91 -14.69
CA ALA D 284 5.96 17.41 -15.97
C ALA D 284 6.98 18.26 -16.71
N TYR D 285 8.27 18.00 -16.49
CA TYR D 285 9.31 18.69 -17.23
C TYR D 285 10.38 17.69 -17.65
N ALA D 286 11.29 18.13 -18.51
CA ALA D 286 12.32 17.26 -19.07
C ALA D 286 13.43 17.04 -18.05
N THR D 287 13.79 15.78 -17.87
CA THR D 287 14.83 15.37 -16.93
C THR D 287 16.13 15.09 -17.67
N ALA D 288 17.25 15.24 -16.96
CA ALA D 288 18.55 15.00 -17.59
C ALA D 288 18.62 13.62 -18.21
N MET D 289 18.01 12.62 -17.56
CA MET D 289 17.96 11.29 -18.16
C MET D 289 17.02 11.26 -19.35
N ASP D 290 15.85 11.91 -19.24
CA ASP D 290 14.90 11.92 -20.35
C ASP D 290 15.59 12.33 -21.64
N TRP D 291 16.57 13.21 -21.57
CA TRP D 291 17.30 13.60 -22.78
C TRP D 291 18.23 12.47 -23.23
N PHE D 292 18.91 11.81 -22.29
CA PHE D 292 19.79 10.71 -22.67
C PHE D 292 19.00 9.60 -23.34
N ILE D 293 17.82 9.28 -22.81
CA ILE D 293 16.97 8.29 -23.47
C ILE D 293 16.53 8.80 -24.83
N ALA D 294 16.19 10.09 -24.92
CA ALA D 294 15.74 10.65 -26.19
C ALA D 294 16.83 10.53 -27.25
N VAL D 295 18.04 11.02 -26.94
CA VAL D 295 19.12 10.96 -27.91
C VAL D 295 19.40 9.52 -28.32
N CYS D 296 19.42 8.60 -27.36
CA CYS D 296 19.67 7.20 -27.69
C CYS D 296 18.60 6.67 -28.64
N TYR D 297 17.33 6.96 -28.35
CA TYR D 297 16.27 6.57 -29.29
C TYR D 297 16.54 7.17 -30.67
N ALA D 298 17.01 8.41 -30.71
CA ALA D 298 17.33 9.04 -31.99
C ALA D 298 18.48 8.32 -32.69
N PHE D 299 19.47 7.85 -31.94
CA PHE D 299 20.57 7.12 -32.55
C PHE D 299 20.12 5.77 -33.09
N VAL D 300 19.14 5.13 -32.45
CA VAL D 300 18.61 3.88 -32.97
C VAL D 300 17.71 4.15 -34.17
N PHE D 301 16.84 5.16 -34.07
CA PHE D 301 15.97 5.51 -35.19
C PHE D 301 16.78 5.95 -36.39
N SER D 302 17.87 6.70 -36.16
CA SER D 302 18.69 7.17 -37.27
C SER D 302 19.34 6.00 -37.99
N ALA D 303 19.90 5.05 -37.24
CA ALA D 303 20.51 3.89 -37.86
C ALA D 303 19.52 3.15 -38.77
N LEU D 304 18.23 3.20 -38.44
CA LEU D 304 17.23 2.59 -39.30
C LEU D 304 16.99 3.46 -40.53
N ILE D 305 16.73 4.75 -40.33
CA ILE D 305 16.57 5.65 -41.46
C ILE D 305 17.80 5.62 -42.35
N GLU D 306 18.98 5.43 -41.76
CA GLU D 306 20.20 5.32 -42.56
C GLU D 306 20.07 4.20 -43.59
N PHE D 307 19.54 3.05 -43.18
CA PHE D 307 19.35 1.95 -44.13
C PHE D 307 18.23 2.24 -45.11
N ALA D 308 17.12 2.81 -44.63
CA ALA D 308 16.02 3.14 -45.52
C ALA D 308 16.50 3.95 -46.71
N THR D 309 17.45 4.87 -46.48
CA THR D 309 18.04 5.62 -47.57
C THR D 309 18.91 4.72 -48.43
N VAL D 310 19.76 3.90 -47.80
CA VAL D 310 20.60 2.97 -48.54
C VAL D 310 19.76 2.11 -49.47
N ASN D 311 18.68 1.55 -48.95
CA ASN D 311 17.82 0.72 -49.79
C ASN D 311 17.12 1.57 -50.85
N TYR D 312 16.78 2.81 -50.51
CA TYR D 312 16.11 3.67 -51.47
C TYR D 312 17.02 3.99 -52.66
N PHE D 313 18.33 4.11 -52.42
CA PHE D 313 19.28 4.40 -53.48
C PHE D 313 19.94 3.16 -54.09
N THR D 314 19.64 1.97 -53.56
CA THR D 314 20.40 0.79 -53.95
C THR D 314 20.21 0.41 -55.41
N LYS D 315 19.01 0.61 -55.96
CA LYS D 315 18.72 0.16 -57.31
C LYS D 315 19.47 0.98 -58.35
N SER D 316 19.24 2.30 -58.34
CA SER D 316 19.78 3.18 -59.37
C SER D 316 21.07 3.86 -58.98
N GLN D 317 21.37 3.98 -57.68
CA GLN D 317 22.53 4.72 -57.19
C GLN D 317 23.27 3.87 -56.17
N PRO D 318 23.73 2.68 -56.56
CA PRO D 318 24.40 1.81 -55.58
C PRO D 318 25.72 2.37 -55.09
N ALA D 319 26.47 3.07 -55.94
CA ALA D 319 27.72 3.66 -55.51
C ALA D 319 27.49 4.74 -54.44
N ARG D 320 26.43 5.52 -54.61
CA ARG D 320 26.09 6.55 -53.61
C ARG D 320 25.64 5.94 -52.30
N ALA D 321 24.83 4.88 -52.37
CA ALA D 321 24.37 4.20 -51.17
C ALA D 321 25.51 3.50 -50.43
N ALA D 322 26.64 3.25 -51.09
CA ALA D 322 27.75 2.57 -50.44
C ALA D 322 28.52 3.49 -49.50
N LYS D 323 28.77 4.73 -49.93
CA LYS D 323 29.46 5.67 -49.05
C LYS D 323 28.64 5.96 -47.80
N ILE D 324 27.32 6.06 -47.95
CA ILE D 324 26.45 6.32 -46.80
C ILE D 324 26.66 5.24 -45.74
N ASP D 325 26.63 3.97 -46.14
CA ASP D 325 26.76 2.88 -45.19
C ASP D 325 28.15 2.87 -44.57
N LYS D 326 29.20 3.00 -45.39
CA LYS D 326 30.55 2.89 -44.89
C LYS D 326 30.91 4.05 -43.95
N MET D 327 30.57 5.28 -44.31
CA MET D 327 30.82 6.39 -43.40
C MET D 327 30.02 6.23 -42.12
N SER D 328 28.76 5.77 -42.23
CA SER D 328 27.94 5.57 -41.05
C SER D 328 28.61 4.65 -40.04
N ARG D 329 29.56 3.82 -40.49
CA ARG D 329 30.27 2.94 -39.58
C ARG D 329 31.12 3.72 -38.59
N ILE D 330 31.63 4.89 -38.98
CA ILE D 330 32.48 5.69 -38.11
C ILE D 330 31.74 6.90 -37.56
N VAL D 331 30.91 7.55 -38.37
CA VAL D 331 30.25 8.77 -37.92
C VAL D 331 29.33 8.47 -36.74
N PHE D 332 28.51 7.42 -36.87
CA PHE D 332 27.58 7.08 -35.81
C PHE D 332 28.29 6.89 -34.48
N PRO D 333 29.24 5.94 -34.35
CA PRO D 333 29.92 5.79 -33.05
C PRO D 333 30.67 7.05 -32.64
N ILE D 334 31.29 7.75 -33.59
CA ILE D 334 31.98 9.00 -33.26
C ILE D 334 30.98 10.03 -32.76
N LEU D 335 29.79 10.07 -33.36
CA LEU D 335 28.76 11.01 -32.91
C LEU D 335 28.26 10.62 -31.53
N PHE D 336 27.79 9.39 -31.37
CA PHE D 336 27.33 8.94 -30.06
C PHE D 336 28.46 9.00 -29.05
N GLY D 337 29.70 8.78 -29.49
CA GLY D 337 30.83 8.92 -28.59
C GLY D 337 30.98 10.35 -28.09
N THR D 338 30.99 11.30 -29.02
CA THR D 338 31.10 12.70 -28.62
C THR D 338 29.87 13.17 -27.87
N PHE D 339 28.69 12.62 -28.19
CA PHE D 339 27.50 12.98 -27.44
C PHE D 339 27.68 12.67 -25.96
N ASN D 340 28.14 11.45 -25.65
CA ASN D 340 28.39 11.10 -24.25
C ASN D 340 29.43 12.01 -23.62
N LEU D 341 30.46 12.38 -24.39
CA LEU D 341 31.47 13.28 -23.87
C LEU D 341 30.84 14.60 -23.42
N VAL D 342 29.85 15.09 -24.17
CA VAL D 342 29.22 16.35 -23.82
C VAL D 342 28.18 16.16 -22.71
N TYR D 343 27.36 15.10 -22.81
CA TYR D 343 26.31 14.89 -21.83
C TYR D 343 26.89 14.78 -20.43
N TRP D 344 27.82 13.83 -20.23
CA TRP D 344 28.38 13.64 -18.90
C TRP D 344 29.19 14.85 -18.45
N ALA D 345 29.95 15.47 -19.37
CA ALA D 345 30.73 16.64 -19.00
C ALA D 345 29.85 17.80 -18.58
N THR D 346 28.65 17.89 -19.14
CA THR D 346 27.75 19.00 -18.82
C THR D 346 27.07 18.79 -17.48
N TYR D 347 26.43 17.65 -17.28
CA TYR D 347 25.61 17.44 -16.09
C TYR D 347 26.43 17.09 -14.86
N LEU D 348 27.57 16.42 -15.03
CA LEU D 348 28.38 16.09 -13.86
C LEU D 348 29.04 17.32 -13.24
N ASN D 349 28.78 18.52 -13.76
CA ASN D 349 29.34 19.75 -13.20
C ASN D 349 28.27 20.52 -12.43
N ILE E 15 -9.52 -13.79 48.59
CA ILE E 15 -9.40 -12.64 47.67
C ILE E 15 -9.37 -11.34 48.46
N THR E 16 -10.08 -11.31 49.59
CA THR E 16 -10.09 -10.11 50.41
C THR E 16 -8.73 -9.82 51.05
N ILE E 17 -7.91 -10.86 51.26
CA ILE E 17 -6.57 -10.64 51.80
C ILE E 17 -5.72 -9.86 50.80
N PHE E 18 -5.78 -10.25 49.52
CA PHE E 18 -4.90 -9.63 48.53
C PHE E 18 -5.32 -8.21 48.19
N THR E 19 -6.60 -7.88 48.35
CA THR E 19 -7.06 -6.53 48.06
C THR E 19 -6.46 -5.52 49.04
N ARG E 20 -6.30 -5.89 50.30
CA ARG E 20 -5.68 -5.00 51.27
C ARG E 20 -4.17 -4.93 51.09
N ILE E 21 -3.55 -6.05 50.73
CA ILE E 21 -2.11 -6.03 50.46
C ILE E 21 -1.81 -5.11 49.29
N LEU E 22 -2.52 -5.31 48.16
CA LEU E 22 -2.34 -4.44 47.00
C LEU E 22 -2.61 -2.98 47.36
N ASP E 23 -3.76 -2.72 48.00
CA ASP E 23 -4.10 -1.36 48.38
C ASP E 23 -3.03 -0.77 49.29
N GLY E 24 -2.50 -1.57 50.23
CA GLY E 24 -1.46 -1.08 51.11
C GLY E 24 -0.20 -0.68 50.36
N LEU E 25 0.21 -1.52 49.41
CA LEU E 25 1.41 -1.22 48.63
C LEU E 25 1.22 0.05 47.80
N LEU E 26 0.10 0.16 47.10
CA LEU E 26 -0.16 1.31 46.24
C LEU E 26 -0.61 2.53 47.03
N ASP E 27 -1.04 2.36 48.28
CA ASP E 27 -1.38 3.49 49.12
C ASP E 27 -0.15 4.38 49.31
N GLY E 28 -0.23 5.61 48.79
CA GLY E 28 0.89 6.52 48.89
C GLY E 28 2.04 6.19 47.96
N TYR E 29 1.83 5.33 46.98
CA TYR E 29 2.88 4.97 46.04
C TYR E 29 2.97 6.02 44.93
N ASP E 30 4.17 6.55 44.72
CA ASP E 30 4.41 7.60 43.74
C ASP E 30 5.09 6.95 42.54
N ASN E 31 4.31 6.65 41.51
CA ASN E 31 4.84 6.01 40.31
C ASN E 31 5.71 6.96 39.49
N ARG E 32 5.68 8.27 39.78
CA ARG E 32 6.51 9.21 39.06
C ARG E 32 8.00 9.04 39.38
N LEU E 33 8.31 8.49 40.55
CA LEU E 33 9.69 8.31 41.00
C LEU E 33 10.14 6.87 40.81
N ARG E 34 11.38 6.69 40.38
CA ARG E 34 11.93 5.35 40.20
C ARG E 34 12.27 4.73 41.56
N PRO E 35 12.32 3.40 41.63
CA PRO E 35 12.67 2.76 42.91
C PRO E 35 14.13 2.97 43.25
N GLY E 36 14.37 3.29 44.52
CA GLY E 36 15.73 3.53 44.98
C GLY E 36 16.32 4.83 44.51
N LEU E 37 15.49 5.84 44.25
CA LEU E 37 15.99 7.13 43.84
C LEU E 37 16.82 7.75 44.97
N GLY E 38 17.99 8.25 44.64
CA GLY E 38 18.89 8.80 45.65
C GLY E 38 19.43 7.78 46.62
N GLU E 39 19.45 6.51 46.25
CA GLU E 39 19.90 5.45 47.13
C GLU E 39 20.69 4.41 46.34
N ARG E 40 20.03 3.79 45.36
CA ARG E 40 20.66 2.75 44.56
C ARG E 40 20.31 2.98 43.09
N ILE E 41 21.05 2.32 42.22
CA ILE E 41 20.79 2.33 40.79
C ILE E 41 19.87 1.16 40.48
N THR E 42 18.77 1.43 39.80
CA THR E 42 17.79 0.40 39.47
C THR E 42 18.34 -0.49 38.37
N GLN E 43 18.71 -1.72 38.72
CA GLN E 43 19.22 -2.68 37.75
C GLN E 43 18.06 -3.52 37.21
N VAL E 44 17.99 -3.63 35.89
CA VAL E 44 16.91 -4.32 35.20
C VAL E 44 17.50 -5.46 34.39
N ARG E 45 17.09 -6.69 34.71
CA ARG E 45 17.50 -7.86 33.95
C ARG E 45 16.47 -8.11 32.84
N THR E 46 16.90 -7.99 31.60
CA THR E 46 16.02 -8.07 30.45
C THR E 46 16.15 -9.41 29.75
N ASP E 47 15.01 -10.08 29.53
CA ASP E 47 14.93 -11.32 28.78
C ASP E 47 14.11 -11.06 27.52
N MET E 48 14.17 -12.01 26.59
CA MET E 48 13.50 -11.82 25.31
C MET E 48 13.21 -13.18 24.69
N TYR E 49 12.05 -13.29 24.04
CA TYR E 49 11.66 -14.51 23.34
C TYR E 49 11.07 -14.11 21.99
N VAL E 50 11.76 -14.48 20.92
CA VAL E 50 11.33 -14.12 19.56
C VAL E 50 10.26 -15.11 19.14
N ASN E 51 8.99 -14.72 19.26
CA ASN E 51 7.92 -15.59 18.81
C ASN E 51 7.92 -15.71 17.29
N SER E 52 8.22 -14.62 16.58
CA SER E 52 8.31 -14.65 15.12
C SER E 52 9.23 -13.56 14.64
N PHE E 53 10.03 -13.89 13.62
CA PHE E 53 10.93 -12.94 12.97
C PHE E 53 10.24 -12.43 11.72
N GLY E 54 9.66 -11.24 11.81
CA GLY E 54 8.86 -10.69 10.74
C GLY E 54 9.63 -10.54 9.45
N PRO E 55 8.95 -10.09 8.41
CA PRO E 55 9.60 -9.97 7.09
C PRO E 55 10.79 -9.03 7.12
N VAL E 56 11.87 -9.46 6.48
CA VAL E 56 13.08 -8.66 6.30
C VAL E 56 12.98 -8.00 4.93
N SER E 57 13.46 -6.76 4.83
CA SER E 57 13.39 -5.99 3.59
C SER E 57 14.81 -5.55 3.22
N ASP E 58 15.31 -6.05 2.11
CA ASP E 58 16.60 -5.61 1.58
C ASP E 58 16.49 -4.31 0.79
N THR E 59 15.28 -3.85 0.48
CA THR E 59 15.08 -2.56 -0.16
C THR E 59 14.98 -1.43 0.85
N GLU E 60 14.08 -1.54 1.82
CA GLU E 60 13.93 -0.52 2.85
C GLU E 60 14.95 -0.66 3.98
N MET E 61 15.78 -1.70 3.98
CA MET E 61 16.77 -1.91 5.03
C MET E 61 16.10 -1.92 6.39
N GLU E 62 15.19 -2.87 6.55
CA GLU E 62 14.38 -2.98 7.76
C GLU E 62 14.02 -4.44 7.99
N TYR E 63 13.57 -4.73 9.21
CA TYR E 63 13.09 -6.06 9.54
C TYR E 63 12.08 -5.93 10.67
N THR E 64 11.06 -6.78 10.63
CA THR E 64 10.05 -6.84 11.68
C THR E 64 10.28 -8.06 12.56
N ILE E 65 9.97 -7.91 13.84
CA ILE E 65 10.17 -8.99 14.80
C ILE E 65 9.09 -8.89 15.88
N ASP E 66 8.60 -10.04 16.32
CA ASP E 66 7.56 -10.15 17.34
C ASP E 66 8.16 -10.86 18.54
N ILE E 67 8.27 -10.14 19.66
CA ILE E 67 8.97 -10.66 20.84
C ILE E 67 8.10 -10.49 22.08
N PHE E 68 8.36 -11.34 23.07
CA PHE E 68 7.86 -11.16 24.43
C PHE E 68 9.02 -10.55 25.22
N PHE E 69 8.92 -9.25 25.51
CA PHE E 69 10.02 -8.52 26.12
C PHE E 69 9.80 -8.46 27.62
N ALA E 70 10.62 -9.19 28.37
CA ALA E 70 10.49 -9.29 29.82
C ALA E 70 11.56 -8.46 30.51
N GLN E 71 11.18 -7.84 31.63
CA GLN E 71 12.08 -7.02 32.43
C GLN E 71 11.78 -7.25 33.89
N THR E 72 12.84 -7.39 34.70
CA THR E 72 12.67 -7.61 36.14
C THR E 72 13.67 -6.76 36.91
N TRP E 73 13.16 -6.09 37.95
CA TRP E 73 13.96 -5.25 38.83
C TRP E 73 13.38 -5.39 40.23
N LYS E 74 13.97 -4.69 41.19
CA LYS E 74 13.51 -4.71 42.56
C LYS E 74 13.04 -3.32 42.96
N ASP E 75 11.81 -3.25 43.47
CA ASP E 75 11.23 -2.02 44.00
C ASP E 75 10.90 -2.27 45.47
N GLU E 76 11.63 -1.60 46.36
CA GLU E 76 11.45 -1.83 47.78
C GLU E 76 10.05 -1.43 48.24
N ARG E 77 9.45 -0.43 47.59
CA ARG E 77 8.12 0.02 47.99
C ARG E 77 7.10 -1.10 47.85
N LEU E 78 7.31 -2.03 46.92
CA LEU E 78 6.39 -3.13 46.69
C LEU E 78 6.67 -4.35 47.58
N ARG E 79 7.61 -4.24 48.51
CA ARG E 79 7.90 -5.35 49.40
C ARG E 79 6.72 -5.60 50.34
N PHE E 80 6.24 -6.84 50.38
CA PHE E 80 5.08 -7.19 51.17
C PHE E 80 5.32 -8.51 51.89
N LYS E 81 4.46 -8.78 52.88
CA LYS E 81 4.46 -10.04 53.62
C LYS E 81 3.07 -10.63 53.56
N GLY E 82 2.96 -11.88 53.11
CA GLY E 82 1.67 -12.53 53.01
C GLY E 82 1.78 -14.03 52.83
N PRO E 83 0.63 -14.70 52.70
CA PRO E 83 0.67 -16.16 52.48
C PRO E 83 1.22 -16.54 51.12
N MET E 84 0.81 -15.84 50.07
CA MET E 84 1.31 -16.11 48.74
C MET E 84 2.74 -15.58 48.59
N GLN E 85 3.55 -16.32 47.82
CA GLN E 85 4.93 -15.89 47.57
C GLN E 85 5.04 -14.93 46.40
N ARG E 86 4.08 -14.94 45.47
CA ARG E 86 4.05 -14.03 44.35
C ARG E 86 2.62 -13.55 44.14
N LEU E 87 2.50 -12.41 43.47
CA LEU E 87 1.22 -11.78 43.21
C LEU E 87 0.93 -11.76 41.72
N PRO E 88 0.14 -12.70 41.18
CA PRO E 88 -0.20 -12.67 39.75
C PRO E 88 -1.15 -11.51 39.44
N LEU E 89 -0.72 -10.62 38.56
CA LEU E 89 -1.49 -9.43 38.24
C LEU E 89 -1.44 -9.18 36.74
N ASP E 90 -2.37 -8.34 36.28
CA ASP E 90 -2.53 -7.99 34.89
C ASP E 90 -1.95 -6.59 34.62
N ASN E 91 -2.35 -5.97 33.50
CA ASN E 91 -1.91 -4.62 33.19
C ASN E 91 -2.57 -3.57 34.07
N ARG E 92 -3.71 -3.89 34.70
CA ARG E 92 -4.39 -2.92 35.55
C ARG E 92 -3.50 -2.39 36.66
N VAL E 93 -2.46 -3.13 37.03
CA VAL E 93 -1.54 -2.71 38.09
C VAL E 93 -0.27 -2.17 37.49
N ALA E 94 0.13 -2.70 36.32
CA ALA E 94 1.36 -2.25 35.68
C ALA E 94 1.34 -0.74 35.45
N ASP E 95 0.16 -0.15 35.25
CA ASP E 95 0.06 1.29 35.08
C ASP E 95 0.20 2.02 36.41
N GLN E 96 -0.22 1.39 37.52
CA GLN E 96 -0.21 2.05 38.81
C GLN E 96 1.16 2.07 39.47
N ILE E 97 2.08 1.22 39.02
CA ILE E 97 3.41 1.16 39.61
C ILE E 97 4.40 1.81 38.65
N TRP E 98 5.65 1.91 39.11
CA TRP E 98 6.71 2.44 38.28
C TRP E 98 7.26 1.33 37.38
N THR E 99 7.61 1.70 36.15
CA THR E 99 8.19 0.78 35.18
C THR E 99 9.28 1.52 34.42
N PRO E 100 10.30 0.82 33.96
CA PRO E 100 11.35 1.49 33.16
C PRO E 100 10.81 1.90 31.80
N ASP E 101 11.08 3.15 31.42
CA ASP E 101 10.65 3.69 30.13
C ASP E 101 11.60 3.21 29.02
N THR E 102 11.64 1.89 28.87
CA THR E 102 12.54 1.28 27.90
C THR E 102 12.07 1.58 26.48
N PHE E 103 12.97 2.11 25.66
CA PHE E 103 12.69 2.40 24.26
C PHE E 103 13.76 1.73 23.39
N PHE E 104 13.39 1.46 22.14
CA PHE E 104 14.25 0.79 21.18
C PHE E 104 14.89 1.83 20.27
N HIS E 105 16.22 1.89 20.30
CA HIS E 105 16.92 3.00 19.65
C HIS E 105 16.75 2.97 18.15
N ASN E 106 17.01 1.82 17.52
CA ASN E 106 16.93 1.70 16.07
C ASN E 106 15.52 1.44 15.55
N ASP E 107 14.50 1.57 16.40
CA ASP E 107 13.14 1.27 15.99
C ASP E 107 12.65 2.27 14.95
N LYS E 108 11.85 1.78 14.00
CA LYS E 108 11.11 2.61 13.06
C LYS E 108 9.65 2.78 13.45
N LYS E 109 9.00 1.68 13.84
CA LYS E 109 7.59 1.69 14.20
C LYS E 109 7.33 0.45 15.05
N SER E 110 6.65 0.65 16.19
CA SER E 110 6.40 -0.44 17.12
C SER E 110 4.99 -0.32 17.68
N PHE E 111 4.45 -1.46 18.13
CA PHE E 111 3.15 -1.47 18.77
C PHE E 111 3.04 -2.69 19.67
N ALA E 112 2.34 -2.52 20.79
CA ALA E 112 2.13 -3.58 21.76
C ALA E 112 0.74 -4.18 21.55
N HIS E 113 0.68 -5.50 21.47
CA HIS E 113 -0.57 -6.18 21.18
C HIS E 113 -1.60 -5.88 22.28
N GLY E 114 -2.85 -5.66 21.87
CA GLY E 114 -3.85 -5.15 22.79
C GLY E 114 -5.06 -6.04 22.98
N MET E 115 -5.23 -7.05 22.13
CA MET E 115 -6.38 -7.95 22.20
C MET E 115 -5.99 -9.20 22.97
N THR E 116 -6.83 -9.62 23.92
CA THR E 116 -8.06 -9.00 24.38
C THR E 116 -7.76 -7.71 25.15
N THR E 117 -6.85 -7.81 26.11
CA THR E 117 -6.39 -6.71 26.91
C THR E 117 -4.90 -6.47 26.65
N PRO E 118 -4.40 -5.24 26.88
CA PRO E 118 -2.98 -4.97 26.65
C PRO E 118 -2.07 -6.02 27.28
N ASN E 119 -1.36 -6.76 26.43
CA ASN E 119 -0.53 -7.89 26.88
C ASN E 119 0.62 -7.36 27.74
N LYS E 120 0.32 -7.10 29.02
CA LYS E 120 1.32 -6.76 30.02
C LYS E 120 1.09 -7.65 31.23
N MET E 121 2.11 -8.43 31.61
CA MET E 121 2.04 -9.32 32.76
C MET E 121 2.88 -8.74 33.88
N LEU E 122 2.29 -8.65 35.07
CA LEU E 122 2.98 -8.14 36.26
C LEU E 122 2.93 -9.20 37.36
N ARG E 123 4.07 -9.41 38.01
CA ARG E 123 4.17 -10.35 39.12
C ARG E 123 5.09 -9.74 40.17
N ILE E 124 4.66 -9.74 41.42
CA ILE E 124 5.37 -9.10 42.51
C ILE E 124 5.67 -10.16 43.57
N TRP E 125 6.95 -10.32 43.89
CA TRP E 125 7.38 -11.26 44.91
C TRP E 125 7.41 -10.59 46.27
N ASN E 126 7.61 -11.40 47.31
CA ASN E 126 7.64 -10.88 48.68
C ASN E 126 8.70 -9.80 48.83
N ASP E 127 9.93 -10.09 48.37
CA ASP E 127 11.04 -9.15 48.56
C ASP E 127 10.87 -7.86 47.79
N GLY E 128 9.84 -7.74 46.96
CA GLY E 128 9.64 -6.55 46.16
C GLY E 128 10.14 -6.65 44.74
N ARG E 129 10.77 -7.76 44.38
CA ARG E 129 11.25 -7.97 43.03
C ARG E 129 10.06 -8.04 42.07
N VAL E 130 10.14 -7.29 40.98
CA VAL E 130 9.06 -7.18 40.02
C VAL E 130 9.45 -7.87 38.71
N LEU E 131 8.44 -8.38 38.02
CA LEU E 131 8.59 -8.93 36.68
C LEU E 131 7.55 -8.25 35.79
N TYR E 132 8.03 -7.54 34.76
CA TYR E 132 7.17 -6.73 33.90
C TYR E 132 7.50 -7.05 32.44
N THR E 133 6.68 -7.89 31.82
CA THR E 133 6.90 -8.31 30.44
C THR E 133 5.71 -7.89 29.58
N MET E 134 5.99 -7.72 28.28
CA MET E 134 4.97 -7.36 27.31
C MET E 134 5.33 -7.98 25.98
N ARG E 135 4.37 -7.98 25.05
CA ARG E 135 4.55 -8.50 23.71
C ARG E 135 4.63 -7.32 22.74
N LEU E 136 5.66 -7.31 21.89
CA LEU E 136 5.93 -6.17 21.03
C LEU E 136 6.23 -6.65 19.61
N THR E 137 5.55 -6.05 18.63
CA THR E 137 5.90 -6.16 17.23
C THR E 137 6.58 -4.85 16.81
N ILE E 138 7.83 -4.94 16.38
CA ILE E 138 8.65 -3.76 16.14
C ILE E 138 9.40 -3.92 14.82
N SER E 139 9.38 -2.86 14.01
CA SER E 139 10.13 -2.80 12.76
C SER E 139 11.39 -1.98 13.01
N ALA E 140 12.53 -2.64 13.06
CA ALA E 140 13.80 -2.01 13.37
C ALA E 140 14.68 -1.92 12.13
N GLU E 141 15.69 -1.08 12.22
CA GLU E 141 16.60 -0.86 11.10
C GLU E 141 17.59 -2.01 10.97
N CYS E 142 18.04 -2.24 9.75
CA CYS E 142 19.02 -3.29 9.48
C CYS E 142 19.76 -2.97 8.18
N PRO E 143 20.82 -2.18 8.25
CA PRO E 143 21.61 -1.91 7.04
C PRO E 143 22.21 -3.19 6.47
N MET E 144 22.46 -3.18 5.16
CA MET E 144 22.96 -4.35 4.47
C MET E 144 23.99 -3.94 3.43
N ASP E 145 25.03 -4.77 3.29
CA ASP E 145 26.05 -4.61 2.26
C ASP E 145 25.80 -5.72 1.23
N LEU E 146 24.99 -5.40 0.23
CA LEU E 146 24.52 -6.36 -0.76
C LEU E 146 25.50 -6.54 -1.91
N GLU E 147 26.80 -6.48 -1.63
CA GLU E 147 27.78 -6.68 -2.70
C GLU E 147 27.78 -8.11 -3.20
N ASP E 148 27.61 -9.08 -2.30
CA ASP E 148 27.54 -10.48 -2.66
C ASP E 148 26.11 -10.98 -2.87
N PHE E 149 25.13 -10.10 -2.80
CA PHE E 149 23.74 -10.47 -3.03
C PHE E 149 23.62 -11.23 -4.36
N PRO E 150 22.86 -12.33 -4.42
CA PRO E 150 22.02 -12.95 -3.39
C PRO E 150 22.72 -14.01 -2.55
N MET E 151 24.00 -14.27 -2.80
CA MET E 151 24.80 -15.14 -1.95
C MET E 151 25.34 -14.29 -0.79
N ASP E 152 24.39 -13.91 0.08
CA ASP E 152 24.55 -12.80 1.01
C ASP E 152 24.48 -13.29 2.46
N GLU E 153 24.99 -12.45 3.36
CA GLU E 153 24.87 -12.66 4.79
C GLU E 153 24.69 -11.30 5.45
N GLN E 154 23.64 -11.16 6.27
CA GLN E 154 23.35 -9.91 6.93
C GLN E 154 23.17 -10.16 8.43
N ASN E 155 23.33 -9.08 9.20
CA ASN E 155 23.21 -9.13 10.66
C ASN E 155 22.34 -7.95 11.09
N CYS E 156 21.13 -8.25 11.57
CA CYS E 156 20.18 -7.22 11.94
C CYS E 156 20.21 -7.01 13.44
N PRO E 157 20.48 -5.81 13.94
CA PRO E 157 20.54 -5.58 15.38
C PRO E 157 19.18 -5.16 15.95
N LEU E 158 19.11 -5.20 17.29
CA LEU E 158 17.93 -4.74 18.04
C LEU E 158 18.45 -4.09 19.32
N LYS E 159 18.41 -2.76 19.37
CA LYS E 159 18.95 -2.00 20.50
C LYS E 159 17.81 -1.42 21.34
N PHE E 160 17.95 -1.51 22.65
CA PHE E 160 16.93 -1.00 23.56
C PHE E 160 17.58 -0.52 24.85
N GLY E 161 17.09 0.60 25.36
CA GLY E 161 17.57 1.14 26.61
C GLY E 161 16.56 2.10 27.21
N SER E 162 16.95 2.74 28.30
CA SER E 162 16.10 3.70 28.97
C SER E 162 16.21 5.07 28.31
N TYR E 163 15.06 5.74 28.18
CA TYR E 163 15.00 7.02 27.49
C TYR E 163 15.30 8.20 28.40
N ALA E 164 14.92 8.12 29.68
CA ALA E 164 15.03 9.25 30.58
C ALA E 164 16.06 9.07 31.69
N TYR E 165 16.58 7.87 31.88
CA TYR E 165 17.47 7.59 33.02
C TYR E 165 18.86 7.23 32.53
N PRO E 166 19.87 8.07 32.79
CA PRO E 166 21.24 7.72 32.36
C PRO E 166 21.81 6.53 33.12
N ASN E 167 23.12 6.28 32.95
CA ASN E 167 23.76 5.18 33.65
C ASN E 167 23.66 5.36 35.17
N SER E 168 23.80 6.60 35.64
CA SER E 168 23.79 6.84 37.08
C SER E 168 22.44 6.48 37.69
N GLU E 169 21.35 6.63 36.93
CA GLU E 169 20.01 6.42 37.45
C GLU E 169 19.43 5.05 37.16
N VAL E 170 19.74 4.47 35.99
CA VAL E 170 19.22 3.14 35.63
C VAL E 170 20.26 2.43 34.77
N VAL E 171 20.36 1.12 34.95
CA VAL E 171 21.31 0.28 34.21
C VAL E 171 20.59 -0.99 33.78
N TYR E 172 20.93 -1.49 32.59
CA TYR E 172 20.39 -2.71 32.04
C TYR E 172 21.46 -3.79 31.98
N VAL E 173 21.04 -5.05 32.17
CA VAL E 173 21.94 -6.19 32.06
C VAL E 173 21.15 -7.38 31.54
N TRP E 174 21.82 -8.25 30.78
CA TRP E 174 21.17 -9.43 30.25
C TRP E 174 21.08 -10.54 31.29
N THR E 175 20.06 -11.37 31.16
CA THR E 175 19.91 -12.53 32.02
C THR E 175 20.98 -13.55 31.67
N ASN E 176 21.71 -14.04 32.67
CA ASN E 176 22.82 -14.97 32.45
C ASN E 176 22.63 -16.20 33.34
N GLY E 177 22.39 -17.34 32.71
CA GLY E 177 22.42 -18.62 33.39
C GLY E 177 21.06 -19.26 33.61
N SER E 178 20.25 -18.70 34.51
CA SER E 178 18.94 -19.29 34.78
C SER E 178 18.07 -19.22 33.54
N THR E 179 17.79 -18.01 33.06
CA THR E 179 16.99 -17.77 31.88
C THR E 179 17.89 -17.43 30.70
N LYS E 180 17.61 -18.02 29.55
CA LYS E 180 18.40 -17.71 28.37
C LYS E 180 18.17 -16.27 27.93
N SER E 181 19.26 -15.61 27.51
CA SER E 181 19.18 -14.20 27.16
C SER E 181 18.17 -13.97 26.03
N VAL E 182 18.37 -14.63 24.89
CA VAL E 182 17.50 -14.50 23.73
C VAL E 182 17.13 -15.90 23.27
N VAL E 183 15.82 -16.15 23.12
CA VAL E 183 15.34 -17.41 22.58
C VAL E 183 14.51 -17.10 21.35
N VAL E 184 14.57 -18.01 20.37
CA VAL E 184 13.86 -17.85 19.10
C VAL E 184 13.16 -19.16 18.79
N ALA E 185 11.86 -19.08 18.48
CA ALA E 185 11.12 -20.26 18.09
C ALA E 185 11.41 -20.58 16.63
N GLU E 186 11.62 -21.86 16.33
CA GLU E 186 11.89 -22.26 14.95
C GLU E 186 10.67 -22.03 14.05
N ASP E 187 9.47 -21.98 14.63
CA ASP E 187 8.29 -21.74 13.81
C ASP E 187 8.33 -20.33 13.24
N GLY E 188 8.69 -19.34 14.06
CA GLY E 188 8.70 -17.96 13.61
C GLY E 188 9.95 -17.60 12.83
N SER E 189 11.06 -18.28 13.10
CA SER E 189 12.31 -17.96 12.44
C SER E 189 12.29 -18.22 10.94
N ARG E 190 11.25 -18.88 10.42
CA ARG E 190 11.20 -19.21 9.00
C ARG E 190 11.08 -17.94 8.16
N LEU E 191 11.97 -17.81 7.19
CA LEU E 191 11.97 -16.69 6.26
C LEU E 191 12.08 -17.25 4.84
N ASN E 192 11.39 -16.60 3.90
CA ASN E 192 11.38 -17.12 2.52
C ASN E 192 12.75 -16.96 1.86
N GLN E 193 13.41 -15.83 2.07
CA GLN E 193 14.64 -15.51 1.38
C GLN E 193 15.85 -15.48 2.30
N TYR E 194 15.66 -15.64 3.61
CA TYR E 194 16.75 -15.61 4.56
C TYR E 194 16.72 -16.86 5.42
N HIS E 195 17.85 -17.15 6.06
CA HIS E 195 17.94 -18.21 7.05
C HIS E 195 18.55 -17.62 8.31
N LEU E 196 17.90 -17.83 9.44
CA LEU E 196 18.38 -17.29 10.71
C LEU E 196 19.51 -18.19 11.21
N MET E 197 20.74 -17.68 11.17
CA MET E 197 21.89 -18.47 11.62
C MET E 197 21.90 -18.60 13.13
N GLY E 198 21.83 -17.47 13.83
CA GLY E 198 21.84 -17.50 15.28
C GLY E 198 21.56 -16.13 15.85
N GLN E 199 21.88 -15.97 17.13
CA GLN E 199 21.66 -14.71 17.83
C GLN E 199 22.85 -14.41 18.72
N THR E 200 23.14 -13.12 18.87
CA THR E 200 24.21 -12.64 19.74
C THR E 200 23.72 -11.44 20.52
N VAL E 201 24.12 -11.37 21.79
CA VAL E 201 23.72 -10.29 22.68
C VAL E 201 24.96 -9.59 23.22
N GLY E 202 24.80 -8.33 23.59
CA GLY E 202 25.90 -7.54 24.11
C GLY E 202 25.40 -6.28 24.78
N THR E 203 26.31 -5.64 25.52
CA THR E 203 26.02 -4.39 26.22
C THR E 203 27.12 -3.38 25.94
N GLU E 204 26.73 -2.10 25.92
CA GLU E 204 27.66 -1.02 25.64
C GLU E 204 27.14 0.26 26.28
N ASN E 205 28.05 1.18 26.56
CA ASN E 205 27.70 2.50 27.07
C ASN E 205 27.87 3.52 25.95
N ILE E 206 26.96 4.50 25.92
CA ILE E 206 26.98 5.56 24.92
C ILE E 206 26.87 6.90 25.63
N SER E 207 27.71 7.86 25.24
CA SER E 207 27.73 9.18 25.84
C SER E 207 26.94 10.13 24.95
N THR E 208 25.82 10.63 25.47
CA THR E 208 24.94 11.53 24.76
C THR E 208 24.89 12.88 25.47
N SER E 209 24.26 13.86 24.82
CA SER E 209 24.19 15.20 25.38
C SER E 209 23.33 15.28 26.63
N THR E 210 22.59 14.23 26.96
CA THR E 210 21.77 14.20 28.16
C THR E 210 22.26 13.11 29.11
N GLY E 211 23.58 12.99 29.22
CA GLY E 211 24.19 11.97 30.08
C GLY E 211 24.57 10.74 29.29
N GLU E 212 25.21 9.82 29.99
CA GLU E 212 25.65 8.56 29.41
C GLU E 212 24.62 7.49 29.71
N TYR E 213 24.10 6.84 28.67
CA TYR E 213 23.10 5.80 28.81
C TYR E 213 23.70 4.45 28.46
N THR E 214 23.07 3.39 28.96
CA THR E 214 23.44 2.02 28.64
C THR E 214 22.42 1.46 27.65
N ILE E 215 22.91 1.01 26.50
CA ILE E 215 22.07 0.49 25.43
C ILE E 215 22.41 -0.97 25.21
N MET E 216 21.38 -1.80 25.05
CA MET E 216 21.52 -3.25 24.98
C MET E 216 21.25 -3.71 23.56
N THR E 217 22.23 -4.38 22.96
CA THR E 217 22.13 -4.82 21.57
C THR E 217 21.85 -6.32 21.50
N ALA E 218 21.11 -6.70 20.46
CA ALA E 218 20.82 -8.10 20.18
C ALA E 218 20.85 -8.29 18.67
N HIS E 219 21.87 -9.00 18.18
CA HIS E 219 22.09 -9.17 16.75
C HIS E 219 21.53 -10.50 16.28
N PHE E 220 20.84 -10.47 15.13
CA PHE E 220 20.28 -11.66 14.50
C PHE E 220 20.99 -11.86 13.17
N HIS E 221 21.81 -12.90 13.09
CA HIS E 221 22.59 -13.17 11.90
C HIS E 221 21.74 -13.86 10.84
N LEU E 222 21.85 -13.40 9.60
CA LEU E 222 21.02 -13.88 8.50
C LEU E 222 21.90 -14.27 7.32
N LYS E 223 21.61 -15.43 6.74
CA LYS E 223 22.25 -15.88 5.50
C LYS E 223 21.15 -16.03 4.45
N ARG E 224 21.34 -15.40 3.30
CA ARG E 224 20.29 -15.34 2.30
C ARG E 224 20.19 -16.68 1.55
N LYS E 225 18.96 -17.03 1.18
CA LYS E 225 18.68 -18.24 0.42
C LYS E 225 18.57 -17.90 -1.06
N ILE E 226 19.44 -18.52 -1.87
CA ILE E 226 19.48 -18.21 -3.30
C ILE E 226 18.45 -18.97 -4.12
N GLY E 227 17.65 -19.82 -3.50
CA GLY E 227 16.73 -20.67 -4.26
C GLY E 227 15.81 -19.87 -5.15
N TYR E 228 15.17 -18.84 -4.60
CA TYR E 228 14.21 -18.07 -5.39
C TYR E 228 14.87 -17.41 -6.58
N PHE E 229 16.14 -17.02 -6.47
CA PHE E 229 16.79 -16.27 -7.53
C PHE E 229 17.33 -17.18 -8.63
N VAL E 230 17.74 -18.39 -8.29
CA VAL E 230 18.13 -19.36 -9.32
C VAL E 230 16.95 -19.64 -10.24
N ILE E 231 15.74 -19.74 -9.67
CA ILE E 231 14.56 -20.05 -10.47
C ILE E 231 14.15 -18.84 -11.31
N GLN E 232 14.32 -17.63 -10.76
CA GLN E 232 13.77 -16.44 -11.41
C GLN E 232 14.72 -15.89 -12.46
N THR E 233 16.03 -15.83 -12.15
CA THR E 233 16.98 -15.09 -12.97
C THR E 233 18.11 -15.96 -13.51
N TYR E 234 18.89 -16.62 -12.66
CA TYR E 234 20.07 -17.33 -13.14
C TYR E 234 19.73 -18.32 -14.24
N LEU E 235 18.73 -19.17 -13.99
CA LEU E 235 18.39 -20.21 -14.95
C LEU E 235 17.97 -19.64 -16.29
N PRO E 236 17.01 -18.73 -16.38
CA PRO E 236 16.64 -18.18 -17.71
C PRO E 236 17.79 -17.48 -18.41
N CYS E 237 18.68 -16.81 -17.68
CA CYS E 237 19.84 -16.19 -18.31
C CYS E 237 20.72 -17.25 -18.97
N ILE E 238 20.98 -18.35 -18.25
CA ILE E 238 21.80 -19.42 -18.81
C ILE E 238 21.16 -19.97 -20.07
N MET E 239 19.84 -20.20 -20.02
CA MET E 239 19.16 -20.72 -21.20
C MET E 239 19.17 -19.71 -22.35
N THR E 240 19.18 -18.42 -22.03
CA THR E 240 19.14 -17.40 -23.07
C THR E 240 20.50 -17.11 -23.68
N VAL E 241 21.59 -17.39 -22.96
CA VAL E 241 22.90 -17.28 -23.61
C VAL E 241 23.18 -18.52 -24.43
N ILE E 242 22.76 -19.70 -23.94
CA ILE E 242 22.83 -20.90 -24.76
C ILE E 242 21.99 -20.72 -26.01
N LEU E 243 20.86 -20.03 -25.89
CA LEU E 243 20.08 -19.68 -27.07
C LEU E 243 20.94 -18.92 -28.08
N SER E 244 21.72 -17.95 -27.60
CA SER E 244 22.54 -17.16 -28.51
C SER E 244 23.59 -18.03 -29.20
N GLN E 245 24.12 -19.03 -28.49
CA GLN E 245 25.17 -19.87 -29.05
C GLN E 245 24.64 -20.92 -30.02
N VAL E 246 23.32 -21.01 -30.19
CA VAL E 246 22.76 -21.84 -31.24
C VAL E 246 23.07 -21.24 -32.60
N SER E 247 23.29 -19.92 -32.67
CA SER E 247 23.47 -19.25 -33.95
C SER E 247 24.69 -19.78 -34.70
N PHE E 248 25.74 -20.17 -33.99
CA PHE E 248 26.97 -20.60 -34.65
C PHE E 248 26.75 -21.86 -35.47
N TRP E 249 25.72 -22.63 -35.17
CA TRP E 249 25.46 -23.89 -35.87
C TRP E 249 24.53 -23.71 -37.07
N LEU E 250 24.03 -22.50 -37.30
CA LEU E 250 23.09 -22.25 -38.37
C LEU E 250 23.82 -21.82 -39.65
N ASN E 251 23.10 -21.86 -40.76
CA ASN E 251 23.71 -21.57 -42.06
C ASN E 251 24.32 -20.17 -42.05
N ARG E 252 25.60 -20.08 -42.40
CA ARG E 252 26.28 -18.79 -42.41
C ARG E 252 25.85 -17.94 -43.59
N GLU E 253 25.46 -18.57 -44.71
CA GLU E 253 25.10 -17.81 -45.90
C GLU E 253 23.71 -17.21 -45.84
N SER E 254 22.86 -17.66 -44.91
CA SER E 254 21.51 -17.13 -44.76
C SER E 254 21.60 -15.88 -43.88
N VAL E 255 21.81 -14.73 -44.51
CA VAL E 255 21.99 -13.50 -43.75
C VAL E 255 20.75 -13.16 -42.92
N PRO E 256 19.53 -13.23 -43.45
CA PRO E 256 18.36 -12.92 -42.61
C PRO E 256 18.19 -13.86 -41.43
N ALA E 257 18.36 -15.17 -41.65
CA ALA E 257 18.19 -16.12 -40.56
C ALA E 257 19.14 -15.82 -39.41
N ARG E 258 20.44 -15.73 -39.70
CA ARG E 258 21.41 -15.44 -38.65
C ARG E 258 21.20 -14.05 -38.07
N THR E 259 20.76 -13.10 -38.88
CA THR E 259 20.57 -11.74 -38.40
C THR E 259 19.38 -11.66 -37.45
N VAL E 260 18.23 -12.16 -37.87
CA VAL E 260 17.05 -12.10 -37.01
C VAL E 260 17.26 -12.91 -35.74
N PHE E 261 18.00 -14.01 -35.83
CA PHE E 261 18.27 -14.80 -34.64
C PHE E 261 19.16 -14.03 -33.67
N GLY E 262 20.20 -13.39 -34.18
CA GLY E 262 21.10 -12.66 -33.30
C GLY E 262 20.43 -11.49 -32.62
N VAL E 263 19.61 -10.75 -33.35
CA VAL E 263 18.99 -9.56 -32.79
C VAL E 263 17.83 -9.93 -31.87
N THR E 264 17.05 -10.95 -32.23
CA THR E 264 15.92 -11.33 -31.41
C THR E 264 16.38 -11.86 -30.05
N THR E 265 17.48 -12.61 -30.03
CA THR E 265 18.00 -13.09 -28.75
C THR E 265 18.51 -11.94 -27.89
N VAL E 266 19.11 -10.92 -28.51
CA VAL E 266 19.47 -9.73 -27.77
C VAL E 266 18.23 -9.06 -27.20
N LEU E 267 17.18 -8.95 -28.01
CA LEU E 267 15.91 -8.47 -27.50
C LEU E 267 15.39 -9.35 -26.37
N THR E 268 15.59 -10.66 -26.49
CA THR E 268 15.17 -11.57 -25.42
C THR E 268 15.97 -11.32 -24.15
N MET E 269 17.29 -11.26 -24.27
CA MET E 269 18.11 -10.99 -23.10
C MET E 269 17.85 -9.58 -22.56
N THR E 270 17.63 -8.61 -23.45
CA THR E 270 17.27 -7.28 -23.00
C THR E 270 15.92 -7.31 -22.28
N THR E 271 14.97 -8.10 -22.79
CA THR E 271 13.70 -8.27 -22.10
C THR E 271 13.90 -8.96 -20.76
N LEU E 272 14.75 -10.00 -20.73
CA LEU E 272 14.95 -10.76 -19.51
C LEU E 272 15.62 -9.92 -18.43
N SER E 273 16.60 -9.09 -18.81
CA SER E 273 17.30 -8.28 -17.83
C SER E 273 16.42 -7.17 -17.29
N ILE E 274 15.49 -6.67 -18.10
CA ILE E 274 14.57 -5.63 -17.63
C ILE E 274 13.66 -6.18 -16.54
N SER E 275 13.15 -7.39 -16.72
CA SER E 275 12.25 -7.98 -15.73
C SER E 275 12.99 -8.27 -14.43
N ALA E 276 14.18 -8.87 -14.52
CA ALA E 276 14.96 -9.14 -13.31
C ALA E 276 15.29 -7.86 -12.56
N ARG E 277 15.38 -6.74 -13.27
CA ARG E 277 15.78 -5.49 -12.64
C ARG E 277 14.74 -4.99 -11.65
N ASN E 278 13.45 -5.18 -11.94
CA ASN E 278 12.43 -4.60 -11.07
C ASN E 278 12.42 -5.29 -9.71
N SER E 279 12.67 -6.61 -9.70
CA SER E 279 12.58 -7.36 -8.45
C SER E 279 13.79 -7.20 -7.55
N LEU E 280 14.89 -6.68 -8.08
CA LEU E 280 16.11 -6.63 -7.31
C LEU E 280 16.20 -5.35 -6.50
N PRO E 281 16.97 -5.37 -5.42
CA PRO E 281 17.10 -4.17 -4.57
C PRO E 281 17.64 -2.97 -5.33
N LYS E 282 17.10 -1.80 -5.00
CA LYS E 282 17.43 -0.55 -5.68
C LYS E 282 18.57 0.20 -4.99
N VAL E 283 19.71 -0.49 -4.86
CA VAL E 283 20.91 0.13 -4.30
C VAL E 283 21.67 0.79 -5.44
N ALA E 284 22.73 1.52 -5.10
CA ALA E 284 23.51 2.27 -6.09
C ALA E 284 24.92 1.72 -6.25
N TYR E 285 25.11 0.42 -6.03
CA TYR E 285 26.40 -0.21 -6.27
C TYR E 285 26.18 -1.54 -6.99
N ALA E 286 27.27 -2.12 -7.48
CA ALA E 286 27.19 -3.33 -8.28
C ALA E 286 26.98 -4.56 -7.41
N THR E 287 25.98 -5.37 -7.77
CA THR E 287 25.63 -6.58 -7.04
C THR E 287 26.19 -7.80 -7.75
N ALA E 288 26.42 -8.87 -6.98
CA ALA E 288 26.99 -10.08 -7.55
C ALA E 288 26.15 -10.61 -8.70
N MET E 289 24.82 -10.48 -8.59
CA MET E 289 23.96 -10.90 -9.69
C MET E 289 24.09 -9.94 -10.87
N ASP E 290 24.11 -8.62 -10.60
CA ASP E 290 24.24 -7.65 -11.67
C ASP E 290 25.39 -8.02 -12.60
N TRP E 291 26.45 -8.61 -12.05
CA TRP E 291 27.55 -9.05 -12.89
C TRP E 291 27.15 -10.28 -13.71
N PHE E 292 26.41 -11.21 -13.10
CA PHE E 292 26.00 -12.39 -13.84
C PHE E 292 25.09 -12.02 -15.01
N ILE E 293 24.16 -11.10 -14.79
CA ILE E 293 23.34 -10.61 -15.90
C ILE E 293 24.20 -9.86 -16.92
N ALA E 294 25.16 -9.07 -16.43
CA ALA E 294 26.02 -8.34 -17.34
C ALA E 294 26.79 -9.29 -18.24
N VAL E 295 27.48 -10.27 -17.64
CA VAL E 295 28.26 -11.22 -18.43
C VAL E 295 27.37 -11.94 -19.43
N CYS E 296 26.18 -12.38 -18.98
CA CYS E 296 25.29 -13.09 -19.88
C CYS E 296 24.89 -12.22 -21.07
N TYR E 297 24.53 -10.96 -20.81
CA TYR E 297 24.26 -10.04 -21.91
C TYR E 297 25.45 -9.94 -22.85
N ALA E 298 26.66 -9.93 -22.28
CA ALA E 298 27.86 -9.89 -23.12
C ALA E 298 27.98 -11.14 -23.97
N PHE E 299 27.62 -12.30 -23.43
CA PHE E 299 27.68 -13.53 -24.21
C PHE E 299 26.64 -13.54 -25.33
N VAL E 300 25.47 -12.92 -25.11
CA VAL E 300 24.47 -12.82 -26.16
C VAL E 300 24.85 -11.76 -27.18
N PHE E 301 25.32 -10.60 -26.70
CA PHE E 301 25.74 -9.54 -27.61
C PHE E 301 26.92 -9.99 -28.46
N SER E 302 27.85 -10.73 -27.86
CA SER E 302 29.03 -11.18 -28.60
C SER E 302 28.65 -12.16 -29.70
N ALA E 303 27.77 -13.12 -29.40
CA ALA E 303 27.33 -14.06 -30.44
C ALA E 303 26.76 -13.31 -31.63
N LEU E 304 26.16 -12.14 -31.41
CA LEU E 304 25.70 -11.32 -32.52
C LEU E 304 26.87 -10.65 -33.23
N ILE E 305 27.75 -10.00 -32.46
CA ILE E 305 28.93 -9.39 -33.06
C ILE E 305 29.74 -10.45 -33.80
N GLU E 306 29.78 -11.68 -33.28
CA GLU E 306 30.49 -12.74 -33.96
C GLU E 306 30.00 -12.91 -35.38
N PHE E 307 28.68 -12.90 -35.58
CA PHE E 307 28.15 -13.07 -36.93
C PHE E 307 28.43 -11.84 -37.79
N ALA E 308 28.25 -10.65 -37.24
CA ALA E 308 28.52 -9.44 -38.01
C ALA E 308 29.93 -9.48 -38.59
N THR E 309 30.89 -10.01 -37.84
CA THR E 309 32.25 -10.18 -38.36
C THR E 309 32.27 -11.27 -39.43
N VAL E 310 31.64 -12.41 -39.15
CA VAL E 310 31.57 -13.49 -40.14
C VAL E 310 31.00 -12.93 -41.45
N ASN E 311 29.91 -12.19 -41.36
CA ASN E 311 29.29 -11.64 -42.56
C ASN E 311 30.20 -10.60 -43.21
N TYR E 312 30.93 -9.82 -42.41
CA TYR E 312 31.82 -8.81 -42.96
C TYR E 312 32.96 -9.44 -43.76
N PHE E 313 33.41 -10.63 -43.36
CA PHE E 313 34.49 -11.32 -44.05
C PHE E 313 33.99 -12.28 -45.13
N THR E 314 32.68 -12.43 -45.30
CA THR E 314 32.18 -13.47 -46.18
C THR E 314 32.56 -13.20 -47.64
N LYS E 315 32.65 -11.94 -48.04
CA LYS E 315 32.89 -11.63 -49.45
C LYS E 315 34.32 -11.97 -49.85
N SER E 316 35.31 -11.38 -49.18
CA SER E 316 36.69 -11.55 -49.59
C SER E 316 37.46 -12.61 -48.82
N GLN E 317 37.04 -12.96 -47.62
CA GLN E 317 37.78 -13.89 -46.77
C GLN E 317 36.83 -14.93 -46.19
N PRO E 318 36.14 -15.70 -47.05
CA PRO E 318 35.17 -16.67 -46.52
C PRO E 318 35.80 -17.78 -45.71
N ALA E 319 37.02 -18.21 -46.05
CA ALA E 319 37.67 -19.25 -45.26
C ALA E 319 37.95 -18.76 -43.84
N ARG E 320 38.33 -17.50 -43.69
CA ARG E 320 38.52 -16.94 -42.35
C ARG E 320 37.20 -16.80 -41.62
N ALA E 321 36.15 -16.37 -42.33
CA ALA E 321 34.83 -16.30 -41.72
C ALA E 321 34.29 -17.68 -41.36
N ALA E 322 34.80 -18.74 -41.96
CA ALA E 322 34.37 -20.09 -41.60
C ALA E 322 35.05 -20.57 -40.33
N LYS E 323 36.35 -20.30 -40.20
CA LYS E 323 37.06 -20.69 -38.99
C LYS E 323 36.49 -19.99 -37.77
N ILE E 324 36.11 -18.72 -37.94
CA ILE E 324 35.52 -17.96 -36.83
C ILE E 324 34.26 -18.64 -36.32
N ASP E 325 33.36 -18.99 -37.24
CA ASP E 325 32.08 -19.59 -36.85
C ASP E 325 32.29 -20.96 -36.24
N LYS E 326 33.10 -21.82 -36.88
CA LYS E 326 33.26 -23.18 -36.39
C LYS E 326 33.96 -23.22 -35.04
N MET E 327 35.03 -22.45 -34.88
CA MET E 327 35.69 -22.40 -33.57
C MET E 327 34.76 -21.83 -32.51
N SER E 328 33.98 -20.81 -32.87
CA SER E 328 33.05 -20.21 -31.91
C SER E 328 32.08 -21.23 -31.34
N ARG E 329 31.87 -22.36 -32.03
CA ARG E 329 30.97 -23.37 -31.52
C ARG E 329 31.49 -23.99 -30.23
N ILE E 330 32.82 -24.02 -30.05
CA ILE E 330 33.42 -24.61 -28.86
C ILE E 330 33.94 -23.54 -27.91
N VAL E 331 34.49 -22.45 -28.44
CA VAL E 331 35.07 -21.43 -27.57
C VAL E 331 33.99 -20.80 -26.70
N PHE E 332 32.86 -20.44 -27.31
CA PHE E 332 31.78 -19.80 -26.55
C PHE E 332 31.32 -20.67 -25.39
N PRO E 333 30.83 -21.89 -25.60
CA PRO E 333 30.35 -22.68 -24.46
C PRO E 333 31.43 -22.94 -23.43
N ILE E 334 32.67 -23.19 -23.86
CA ILE E 334 33.75 -23.39 -22.91
C ILE E 334 33.98 -22.14 -22.08
N LEU E 335 33.85 -20.97 -22.69
CA LEU E 335 34.01 -19.72 -21.94
C LEU E 335 32.86 -19.53 -20.96
N PHE E 336 31.63 -19.52 -21.47
CA PHE E 336 30.50 -19.40 -20.56
C PHE E 336 30.46 -20.57 -19.58
N GLY E 337 30.89 -21.75 -20.03
CA GLY E 337 30.97 -22.88 -19.11
C GLY E 337 31.94 -22.62 -17.98
N THR E 338 33.17 -22.22 -18.33
CA THR E 338 34.16 -21.92 -17.31
C THR E 338 33.79 -20.68 -16.52
N PHE E 339 33.07 -19.73 -17.14
CA PHE E 339 32.61 -18.57 -16.39
C PHE E 339 31.75 -18.99 -15.20
N ASN E 340 30.77 -19.86 -15.44
CA ASN E 340 29.95 -20.35 -14.34
C ASN E 340 30.80 -21.09 -13.31
N LEU E 341 31.78 -21.86 -13.78
CA LEU E 341 32.66 -22.56 -12.83
C LEU E 341 33.37 -21.58 -11.91
N VAL E 342 33.78 -20.42 -12.43
CA VAL E 342 34.47 -19.44 -11.61
C VAL E 342 33.48 -18.62 -10.80
N TYR E 343 32.39 -18.17 -11.42
CA TYR E 343 31.42 -17.32 -10.72
C TYR E 343 30.89 -18.01 -9.47
N TRP E 344 30.32 -19.21 -9.64
CA TRP E 344 29.73 -19.89 -8.50
C TRP E 344 30.78 -20.26 -7.46
N ALA E 345 31.97 -20.68 -7.90
CA ALA E 345 33.03 -21.04 -6.97
C ALA E 345 33.48 -19.86 -6.13
N THR E 346 33.41 -18.65 -6.67
CA THR E 346 33.87 -17.47 -5.94
C THR E 346 32.87 -17.04 -4.88
N TYR E 347 31.60 -16.85 -5.26
CA TYR E 347 30.63 -16.25 -4.36
C TYR E 347 30.06 -17.25 -3.36
N LEU E 348 29.99 -18.53 -3.71
CA LEU E 348 29.49 -19.53 -2.76
C LEU E 348 30.45 -19.75 -1.60
N ASN E 349 31.56 -19.04 -1.54
CA ASN E 349 32.51 -19.19 -0.43
C ASN E 349 32.42 -18.01 0.53
#